data_6LXX
# 
_entry.id   6LXX 
# 
_audit_conform.dict_name       mmcif_pdbx.dic 
_audit_conform.dict_version    5.397 
_audit_conform.dict_location   http://mmcif.pdb.org/dictionaries/ascii/mmcif_pdbx.dic 
# 
loop_
_database_2.database_id 
_database_2.database_code 
_database_2.pdbx_database_accession 
_database_2.pdbx_DOI 
PDB   6LXX         pdb_00006lxx 10.2210/pdb6lxx/pdb 
WWPDB D_1300015672 ?            ?                   
# 
loop_
_pdbx_audit_revision_history.ordinal 
_pdbx_audit_revision_history.data_content_type 
_pdbx_audit_revision_history.major_revision 
_pdbx_audit_revision_history.minor_revision 
_pdbx_audit_revision_history.revision_date 
1 'Structure model' 1 0 2021-02-17 
2 'Structure model' 1 1 2021-09-01 
3 'Structure model' 1 2 2023-11-29 
4 'Structure model' 1 3 2024-10-30 
# 
_pdbx_audit_revision_details.ordinal             1 
_pdbx_audit_revision_details.revision_ordinal    1 
_pdbx_audit_revision_details.data_content_type   'Structure model' 
_pdbx_audit_revision_details.provider            repository 
_pdbx_audit_revision_details.type                'Initial release' 
_pdbx_audit_revision_details.description         ? 
_pdbx_audit_revision_details.details             ? 
# 
loop_
_pdbx_audit_revision_group.ordinal 
_pdbx_audit_revision_group.revision_ordinal 
_pdbx_audit_revision_group.data_content_type 
_pdbx_audit_revision_group.group 
1 2 'Structure model' 'Database references'    
2 3 'Structure model' 'Data collection'        
3 3 'Structure model' 'Refinement description' 
4 4 'Structure model' 'Structure summary'      
# 
loop_
_pdbx_audit_revision_category.ordinal 
_pdbx_audit_revision_category.revision_ordinal 
_pdbx_audit_revision_category.data_content_type 
_pdbx_audit_revision_category.category 
1 2 'Structure model' citation                      
2 2 'Structure model' citation_author               
3 2 'Structure model' database_2                    
4 3 'Structure model' chem_comp_atom                
5 3 'Structure model' chem_comp_bond                
6 3 'Structure model' pdbx_initial_refinement_model 
7 4 'Structure model' pdbx_entry_details            
8 4 'Structure model' pdbx_modification_feature     
# 
loop_
_pdbx_audit_revision_item.ordinal 
_pdbx_audit_revision_item.revision_ordinal 
_pdbx_audit_revision_item.data_content_type 
_pdbx_audit_revision_item.item 
1  2 'Structure model' '_citation.country'                            
2  2 'Structure model' '_citation.journal_abbrev'                     
3  2 'Structure model' '_citation.journal_id_CSD'                     
4  2 'Structure model' '_citation.journal_id_ISSN'                    
5  2 'Structure model' '_citation.journal_volume'                     
6  2 'Structure model' '_citation.page_first'                         
7  2 'Structure model' '_citation.page_last'                          
8  2 'Structure model' '_citation.pdbx_database_id_DOI'               
9  2 'Structure model' '_citation.title'                              
10 2 'Structure model' '_citation.year'                               
11 2 'Structure model' '_citation_author.name'                        
12 2 'Structure model' '_database_2.pdbx_DOI'                         
13 2 'Structure model' '_database_2.pdbx_database_accession'          
14 4 'Structure model' '_pdbx_entry_details.has_protein_modification' 
# 
_pdbx_database_status.status_code                     REL 
_pdbx_database_status.status_code_sf                  REL 
_pdbx_database_status.status_code_mr                  ? 
_pdbx_database_status.entry_id                        6LXX 
_pdbx_database_status.recvd_initial_deposition_date   2020-02-12 
_pdbx_database_status.SG_entry                        N 
_pdbx_database_status.deposit_site                    PDBJ 
_pdbx_database_status.process_site                    PDBJ 
_pdbx_database_status.status_code_cs                  ? 
_pdbx_database_status.status_code_nmr_data            ? 
_pdbx_database_status.methods_development_category    ? 
_pdbx_database_status.pdb_format_compatible           Y 
# 
loop_
_audit_author.name 
_audit_author.pdbx_ordinal 
_audit_author.identifier_ORCID 
'Park, S.' 1 ? 
'Park, J.' 2 ? 
# 
_citation.abstract                  ? 
_citation.abstract_id_CAS           ? 
_citation.book_id_ISBN              ? 
_citation.book_publisher            ? 
_citation.book_publisher_city       ? 
_citation.book_title                ? 
_citation.coordinate_linkage        ? 
_citation.country                   KR 
_citation.database_id_Medline       ? 
_citation.details                   ? 
_citation.id                        primary 
_citation.journal_abbrev            'Bull.Korean Chem.Soc.' 
_citation.journal_id_ASTM           ? 
_citation.journal_id_CSD            ? 
_citation.journal_id_ISSN           0253-2964 
_citation.journal_full              ? 
_citation.journal_issue             ? 
_citation.journal_volume            41 
_citation.language                  ? 
_citation.page_first                778 
_citation.page_last                 781 
_citation.title                     'A Single Soaked Iridium (IV) Ion Observed in the Frog Ependymin-Related Protein.' 
_citation.year                      2020 
_citation.database_id_CSD           ? 
_citation.pdbx_database_id_DOI      10.1002/bkcs.12080 
_citation.pdbx_database_id_PubMed   ? 
_citation.unpublished_flag          ? 
# 
loop_
_citation_author.citation_id 
_citation_author.name 
_citation_author.ordinal 
_citation_author.identifier_ORCID 
primary 'Park, J.K.' 1 ? 
primary 'Park, S.Y.' 2 ? 
# 
loop_
_entity.id 
_entity.type 
_entity.src_method 
_entity.pdbx_description 
_entity.formula_weight 
_entity.pdbx_number_of_molecules 
_entity.pdbx_ec 
_entity.pdbx_mutation 
_entity.pdbx_fragment 
_entity.details 
1 polymer     man 'Ependymin-related 1' 22836.588 1  ? ? ? ? 
2 non-polymer nat 'CALCIUM ION'         40.078    1  ? ? ? ? 
3 non-polymer syn 'IRIDIUM ION'         192.217   1  ? ? ? ? 
4 non-polymer nat 'CHLORIDE ION'        35.453    2  ? ? ? ? 
5 water       nat water                 18.015    23 ? ? ? ? 
# 
_entity_poly.entity_id                      1 
_entity_poly.type                           'polypeptide(L)' 
_entity_poly.nstd_linkage                   no 
_entity_poly.nstd_monomer                   no 
_entity_poly.pdbx_seq_one_letter_code       
;ADPHHHHHHHHPVTPCEAPLQWEGRIVLYDHNTGKNTRATVTYDAILQRIRILEEKKSFVPCKRFFEYIFLYQEAVMFQI
EQVTKICSKNTLTEPWDPYDIPENSTYEDQYYIGGPGDQIPVQEWSDRKPARKYETWVGVYTVKDCYPVQETYTKNDSMT
TSTRFFDIKLGISDPSVFNPPSTCEAAQPLLMSGDC
;
_entity_poly.pdbx_seq_one_letter_code_can   
;ADPHHHHHHHHPVTPCEAPLQWEGRIVLYDHNTGKNTRATVTYDAILQRIRILEEKKSFVPCKRFFEYIFLYQEAVMFQI
EQVTKICSKNTLTEPWDPYDIPENSTYEDQYYIGGPGDQIPVQEWSDRKPARKYETWVGVYTVKDCYPVQETYTKNDSMT
TSTRFFDIKLGISDPSVFNPPSTCEAAQPLLMSGDC
;
_entity_poly.pdbx_strand_id                 A 
_entity_poly.pdbx_target_identifier         ? 
# 
loop_
_pdbx_entity_nonpoly.entity_id 
_pdbx_entity_nonpoly.name 
_pdbx_entity_nonpoly.comp_id 
2 'CALCIUM ION'  CA  
3 'IRIDIUM ION'  IR  
4 'CHLORIDE ION' CL  
5 water          HOH 
# 
loop_
_entity_poly_seq.entity_id 
_entity_poly_seq.num 
_entity_poly_seq.mon_id 
_entity_poly_seq.hetero 
1 1   ALA n 
1 2   ASP n 
1 3   PRO n 
1 4   HIS n 
1 5   HIS n 
1 6   HIS n 
1 7   HIS n 
1 8   HIS n 
1 9   HIS n 
1 10  HIS n 
1 11  HIS n 
1 12  PRO n 
1 13  VAL n 
1 14  THR n 
1 15  PRO n 
1 16  CYS n 
1 17  GLU n 
1 18  ALA n 
1 19  PRO n 
1 20  LEU n 
1 21  GLN n 
1 22  TRP n 
1 23  GLU n 
1 24  GLY n 
1 25  ARG n 
1 26  ILE n 
1 27  VAL n 
1 28  LEU n 
1 29  TYR n 
1 30  ASP n 
1 31  HIS n 
1 32  ASN n 
1 33  THR n 
1 34  GLY n 
1 35  LYS n 
1 36  ASN n 
1 37  THR n 
1 38  ARG n 
1 39  ALA n 
1 40  THR n 
1 41  VAL n 
1 42  THR n 
1 43  TYR n 
1 44  ASP n 
1 45  ALA n 
1 46  ILE n 
1 47  LEU n 
1 48  GLN n 
1 49  ARG n 
1 50  ILE n 
1 51  ARG n 
1 52  ILE n 
1 53  LEU n 
1 54  GLU n 
1 55  GLU n 
1 56  LYS n 
1 57  LYS n 
1 58  SER n 
1 59  PHE n 
1 60  VAL n 
1 61  PRO n 
1 62  CYS n 
1 63  LYS n 
1 64  ARG n 
1 65  PHE n 
1 66  PHE n 
1 67  GLU n 
1 68  TYR n 
1 69  ILE n 
1 70  PHE n 
1 71  LEU n 
1 72  TYR n 
1 73  GLN n 
1 74  GLU n 
1 75  ALA n 
1 76  VAL n 
1 77  MET n 
1 78  PHE n 
1 79  GLN n 
1 80  ILE n 
1 81  GLU n 
1 82  GLN n 
1 83  VAL n 
1 84  THR n 
1 85  LYS n 
1 86  ILE n 
1 87  CYS n 
1 88  SER n 
1 89  LYS n 
1 90  ASN n 
1 91  THR n 
1 92  LEU n 
1 93  THR n 
1 94  GLU n 
1 95  PRO n 
1 96  TRP n 
1 97  ASP n 
1 98  PRO n 
1 99  TYR n 
1 100 ASP n 
1 101 ILE n 
1 102 PRO n 
1 103 GLU n 
1 104 ASN n 
1 105 SER n 
1 106 THR n 
1 107 TYR n 
1 108 GLU n 
1 109 ASP n 
1 110 GLN n 
1 111 TYR n 
1 112 TYR n 
1 113 ILE n 
1 114 GLY n 
1 115 GLY n 
1 116 PRO n 
1 117 GLY n 
1 118 ASP n 
1 119 GLN n 
1 120 ILE n 
1 121 PRO n 
1 122 VAL n 
1 123 GLN n 
1 124 GLU n 
1 125 TRP n 
1 126 SER n 
1 127 ASP n 
1 128 ARG n 
1 129 LYS n 
1 130 PRO n 
1 131 ALA n 
1 132 ARG n 
1 133 LYS n 
1 134 TYR n 
1 135 GLU n 
1 136 THR n 
1 137 TRP n 
1 138 VAL n 
1 139 GLY n 
1 140 VAL n 
1 141 TYR n 
1 142 THR n 
1 143 VAL n 
1 144 LYS n 
1 145 ASP n 
1 146 CYS n 
1 147 TYR n 
1 148 PRO n 
1 149 VAL n 
1 150 GLN n 
1 151 GLU n 
1 152 THR n 
1 153 TYR n 
1 154 THR n 
1 155 LYS n 
1 156 ASN n 
1 157 ASP n 
1 158 SER n 
1 159 MET n 
1 160 THR n 
1 161 THR n 
1 162 SER n 
1 163 THR n 
1 164 ARG n 
1 165 PHE n 
1 166 PHE n 
1 167 ASP n 
1 168 ILE n 
1 169 LYS n 
1 170 LEU n 
1 171 GLY n 
1 172 ILE n 
1 173 SER n 
1 174 ASP n 
1 175 PRO n 
1 176 SER n 
1 177 VAL n 
1 178 PHE n 
1 179 ASN n 
1 180 PRO n 
1 181 PRO n 
1 182 SER n 
1 183 THR n 
1 184 CYS n 
1 185 GLU n 
1 186 ALA n 
1 187 ALA n 
1 188 GLN n 
1 189 PRO n 
1 190 LEU n 
1 191 LEU n 
1 192 MET n 
1 193 SER n 
1 194 GLY n 
1 195 ASP n 
1 196 CYS n 
# 
_entity_src_gen.entity_id                          1 
_entity_src_gen.pdbx_src_id                        1 
_entity_src_gen.pdbx_alt_source_flag               sample 
_entity_src_gen.pdbx_seq_type                      'Biological sequence' 
_entity_src_gen.pdbx_beg_seq_num                   1 
_entity_src_gen.pdbx_end_seq_num                   196 
_entity_src_gen.gene_src_common_name               'Western clawed frog' 
_entity_src_gen.gene_src_genus                     ? 
_entity_src_gen.pdbx_gene_src_gene                 epdr1 
_entity_src_gen.gene_src_species                   ? 
_entity_src_gen.gene_src_strain                    ? 
_entity_src_gen.gene_src_tissue                    ? 
_entity_src_gen.gene_src_tissue_fraction           ? 
_entity_src_gen.gene_src_details                   ? 
_entity_src_gen.pdbx_gene_src_fragment             ? 
_entity_src_gen.pdbx_gene_src_scientific_name      'Xenopus tropicalis' 
_entity_src_gen.pdbx_gene_src_ncbi_taxonomy_id     8364 
_entity_src_gen.pdbx_gene_src_variant              ? 
_entity_src_gen.pdbx_gene_src_cell_line            ? 
_entity_src_gen.pdbx_gene_src_atcc                 ? 
_entity_src_gen.pdbx_gene_src_organ                ? 
_entity_src_gen.pdbx_gene_src_organelle            ? 
_entity_src_gen.pdbx_gene_src_cell                 ? 
_entity_src_gen.pdbx_gene_src_cellular_location    ? 
_entity_src_gen.host_org_common_name               ? 
_entity_src_gen.pdbx_host_org_scientific_name      'Spodoptera frugiperda' 
_entity_src_gen.pdbx_host_org_ncbi_taxonomy_id     7108 
_entity_src_gen.host_org_genus                     ? 
_entity_src_gen.pdbx_host_org_gene                 ? 
_entity_src_gen.pdbx_host_org_organ                ? 
_entity_src_gen.host_org_species                   ? 
_entity_src_gen.pdbx_host_org_tissue               ? 
_entity_src_gen.pdbx_host_org_tissue_fraction      ? 
_entity_src_gen.pdbx_host_org_strain               ? 
_entity_src_gen.pdbx_host_org_variant              ? 
_entity_src_gen.pdbx_host_org_cell_line            ? 
_entity_src_gen.pdbx_host_org_atcc                 ? 
_entity_src_gen.pdbx_host_org_culture_collection   ? 
_entity_src_gen.pdbx_host_org_cell                 ? 
_entity_src_gen.pdbx_host_org_organelle            ? 
_entity_src_gen.pdbx_host_org_cellular_location    ? 
_entity_src_gen.pdbx_host_org_vector_type          ? 
_entity_src_gen.pdbx_host_org_vector               ? 
_entity_src_gen.host_org_details                   ? 
_entity_src_gen.expression_system_id               ? 
_entity_src_gen.plasmid_name                       ? 
_entity_src_gen.plasmid_details                    ? 
_entity_src_gen.pdbx_description                   ? 
# 
loop_
_chem_comp.id 
_chem_comp.type 
_chem_comp.mon_nstd_flag 
_chem_comp.name 
_chem_comp.pdbx_synonyms 
_chem_comp.formula 
_chem_comp.formula_weight 
ALA 'L-peptide linking' y ALANINE         ? 'C3 H7 N O2'     89.093  
ARG 'L-peptide linking' y ARGININE        ? 'C6 H15 N4 O2 1' 175.209 
ASN 'L-peptide linking' y ASPARAGINE      ? 'C4 H8 N2 O3'    132.118 
ASP 'L-peptide linking' y 'ASPARTIC ACID' ? 'C4 H7 N O4'     133.103 
CA  non-polymer         . 'CALCIUM ION'   ? 'Ca 2'           40.078  
CL  non-polymer         . 'CHLORIDE ION'  ? 'Cl -1'          35.453  
CYS 'L-peptide linking' y CYSTEINE        ? 'C3 H7 N O2 S'   121.158 
GLN 'L-peptide linking' y GLUTAMINE       ? 'C5 H10 N2 O3'   146.144 
GLU 'L-peptide linking' y 'GLUTAMIC ACID' ? 'C5 H9 N O4'     147.129 
GLY 'peptide linking'   y GLYCINE         ? 'C2 H5 N O2'     75.067  
HIS 'L-peptide linking' y HISTIDINE       ? 'C6 H10 N3 O2 1' 156.162 
HOH non-polymer         . WATER           ? 'H2 O'           18.015  
ILE 'L-peptide linking' y ISOLEUCINE      ? 'C6 H13 N O2'    131.173 
IR  non-polymer         . 'IRIDIUM ION'   ? 'Ir 4'           192.217 
LEU 'L-peptide linking' y LEUCINE         ? 'C6 H13 N O2'    131.173 
LYS 'L-peptide linking' y LYSINE          ? 'C6 H15 N2 O2 1' 147.195 
MET 'L-peptide linking' y METHIONINE      ? 'C5 H11 N O2 S'  149.211 
PHE 'L-peptide linking' y PHENYLALANINE   ? 'C9 H11 N O2'    165.189 
PRO 'L-peptide linking' y PROLINE         ? 'C5 H9 N O2'     115.130 
SER 'L-peptide linking' y SERINE          ? 'C3 H7 N O3'     105.093 
THR 'L-peptide linking' y THREONINE       ? 'C4 H9 N O3'     119.119 
TRP 'L-peptide linking' y TRYPTOPHAN      ? 'C11 H12 N2 O2'  204.225 
TYR 'L-peptide linking' y TYROSINE        ? 'C9 H11 N O3'    181.189 
VAL 'L-peptide linking' y VALINE          ? 'C5 H11 N O2'    117.146 
# 
loop_
_pdbx_poly_seq_scheme.asym_id 
_pdbx_poly_seq_scheme.entity_id 
_pdbx_poly_seq_scheme.seq_id 
_pdbx_poly_seq_scheme.mon_id 
_pdbx_poly_seq_scheme.ndb_seq_num 
_pdbx_poly_seq_scheme.pdb_seq_num 
_pdbx_poly_seq_scheme.auth_seq_num 
_pdbx_poly_seq_scheme.pdb_mon_id 
_pdbx_poly_seq_scheme.auth_mon_id 
_pdbx_poly_seq_scheme.pdb_strand_id 
_pdbx_poly_seq_scheme.pdb_ins_code 
_pdbx_poly_seq_scheme.hetero 
A 1 1   ALA 1   25  ?   ?   ?   A . n 
A 1 2   ASP 2   26  ?   ?   ?   A . n 
A 1 3   PRO 3   27  ?   ?   ?   A . n 
A 1 4   HIS 4   28  ?   ?   ?   A . n 
A 1 5   HIS 5   29  ?   ?   ?   A . n 
A 1 6   HIS 6   30  ?   ?   ?   A . n 
A 1 7   HIS 7   31  ?   ?   ?   A . n 
A 1 8   HIS 8   32  32  HIS HIS A . n 
A 1 9   HIS 9   33  33  HIS HIS A . n 
A 1 10  HIS 10  34  34  HIS HIS A . n 
A 1 11  HIS 11  35  35  HIS HIS A . n 
A 1 12  PRO 12  36  36  PRO PRO A . n 
A 1 13  VAL 13  37  37  VAL VAL A . n 
A 1 14  THR 14  38  38  THR THR A . n 
A 1 15  PRO 15  39  39  PRO PRO A . n 
A 1 16  CYS 16  40  40  CYS CYS A . n 
A 1 17  GLU 17  41  41  GLU GLU A . n 
A 1 18  ALA 18  42  42  ALA ALA A . n 
A 1 19  PRO 19  43  43  PRO PRO A . n 
A 1 20  LEU 20  44  44  LEU LEU A . n 
A 1 21  GLN 21  45  45  GLN GLN A . n 
A 1 22  TRP 22  46  46  TRP TRP A . n 
A 1 23  GLU 23  47  47  GLU GLU A . n 
A 1 24  GLY 24  48  48  GLY GLY A . n 
A 1 25  ARG 25  49  49  ARG ARG A . n 
A 1 26  ILE 26  50  50  ILE ILE A . n 
A 1 27  VAL 27  51  51  VAL VAL A . n 
A 1 28  LEU 28  52  52  LEU LEU A . n 
A 1 29  TYR 29  53  53  TYR TYR A . n 
A 1 30  ASP 30  54  54  ASP ASP A . n 
A 1 31  HIS 31  55  55  HIS HIS A . n 
A 1 32  ASN 32  56  56  ASN ASN A . n 
A 1 33  THR 33  57  57  THR THR A . n 
A 1 34  GLY 34  58  58  GLY GLY A . n 
A 1 35  LYS 35  59  59  LYS LYS A . n 
A 1 36  ASN 36  60  60  ASN ASN A . n 
A 1 37  THR 37  61  61  THR THR A . n 
A 1 38  ARG 38  62  62  ARG ARG A . n 
A 1 39  ALA 39  63  63  ALA ALA A . n 
A 1 40  THR 40  64  64  THR THR A . n 
A 1 41  VAL 41  65  65  VAL VAL A . n 
A 1 42  THR 42  66  66  THR THR A . n 
A 1 43  TYR 43  67  67  TYR TYR A . n 
A 1 44  ASP 44  68  68  ASP ASP A . n 
A 1 45  ALA 45  69  69  ALA ALA A . n 
A 1 46  ILE 46  70  70  ILE ILE A . n 
A 1 47  LEU 47  71  71  LEU LEU A . n 
A 1 48  GLN 48  72  72  GLN GLN A . n 
A 1 49  ARG 49  73  73  ARG ARG A . n 
A 1 50  ILE 50  74  74  ILE ILE A . n 
A 1 51  ARG 51  75  75  ARG ARG A . n 
A 1 52  ILE 52  76  76  ILE ILE A . n 
A 1 53  LEU 53  77  77  LEU LEU A . n 
A 1 54  GLU 54  78  78  GLU GLU A . n 
A 1 55  GLU 55  79  79  GLU GLU A . n 
A 1 56  LYS 56  80  80  LYS LYS A . n 
A 1 57  LYS 57  81  81  LYS LYS A . n 
A 1 58  SER 58  82  82  SER SER A . n 
A 1 59  PHE 59  83  83  PHE PHE A . n 
A 1 60  VAL 60  84  84  VAL VAL A . n 
A 1 61  PRO 61  85  85  PRO PRO A . n 
A 1 62  CYS 62  86  86  CYS CYS A . n 
A 1 63  LYS 63  87  87  LYS LYS A . n 
A 1 64  ARG 64  88  88  ARG ARG A . n 
A 1 65  PHE 65  89  89  PHE PHE A . n 
A 1 66  PHE 66  90  90  PHE PHE A . n 
A 1 67  GLU 67  91  91  GLU GLU A . n 
A 1 68  TYR 68  92  92  TYR TYR A . n 
A 1 69  ILE 69  93  93  ILE ILE A . n 
A 1 70  PHE 70  94  94  PHE PHE A . n 
A 1 71  LEU 71  95  95  LEU LEU A . n 
A 1 72  TYR 72  96  96  TYR TYR A . n 
A 1 73  GLN 73  97  97  GLN GLN A . n 
A 1 74  GLU 74  98  98  GLU GLU A . n 
A 1 75  ALA 75  99  99  ALA ALA A . n 
A 1 76  VAL 76  100 100 VAL VAL A . n 
A 1 77  MET 77  101 101 MET MET A . n 
A 1 78  PHE 78  102 102 PHE PHE A . n 
A 1 79  GLN 79  103 103 GLN GLN A . n 
A 1 80  ILE 80  104 104 ILE ILE A . n 
A 1 81  GLU 81  105 105 GLU GLU A . n 
A 1 82  GLN 82  106 106 GLN GLN A . n 
A 1 83  VAL 83  107 107 VAL VAL A . n 
A 1 84  THR 84  108 108 THR THR A . n 
A 1 85  LYS 85  109 109 LYS LYS A . n 
A 1 86  ILE 86  110 110 ILE ILE A . n 
A 1 87  CYS 87  111 111 CYS CYS A . n 
A 1 88  SER 88  112 112 SER SER A . n 
A 1 89  LYS 89  113 113 LYS LYS A . n 
A 1 90  ASN 90  114 114 ASN ASN A . n 
A 1 91  THR 91  115 115 THR THR A . n 
A 1 92  LEU 92  116 116 LEU LEU A . n 
A 1 93  THR 93  117 117 THR THR A . n 
A 1 94  GLU 94  118 118 GLU GLU A . n 
A 1 95  PRO 95  119 119 PRO PRO A . n 
A 1 96  TRP 96  120 120 TRP TRP A . n 
A 1 97  ASP 97  121 121 ASP ASP A . n 
A 1 98  PRO 98  122 122 PRO PRO A . n 
A 1 99  TYR 99  123 123 TYR TYR A . n 
A 1 100 ASP 100 124 124 ASP ASP A . n 
A 1 101 ILE 101 125 125 ILE ILE A . n 
A 1 102 PRO 102 126 126 PRO PRO A . n 
A 1 103 GLU 103 127 127 GLU GLU A . n 
A 1 104 ASN 104 128 128 ASN ASN A . n 
A 1 105 SER 105 129 129 SER SER A . n 
A 1 106 THR 106 130 130 THR THR A . n 
A 1 107 TYR 107 131 131 TYR TYR A . n 
A 1 108 GLU 108 132 132 GLU GLU A . n 
A 1 109 ASP 109 133 133 ASP ASP A . n 
A 1 110 GLN 110 134 134 GLN GLN A . n 
A 1 111 TYR 111 135 135 TYR TYR A . n 
A 1 112 TYR 112 136 136 TYR TYR A . n 
A 1 113 ILE 113 137 137 ILE ILE A . n 
A 1 114 GLY 114 138 138 GLY GLY A . n 
A 1 115 GLY 115 139 139 GLY GLY A . n 
A 1 116 PRO 116 140 140 PRO PRO A . n 
A 1 117 GLY 117 141 141 GLY GLY A . n 
A 1 118 ASP 118 142 142 ASP ASP A . n 
A 1 119 GLN 119 143 143 GLN GLN A . n 
A 1 120 ILE 120 144 144 ILE ILE A . n 
A 1 121 PRO 121 145 145 PRO PRO A . n 
A 1 122 VAL 122 146 146 VAL VAL A . n 
A 1 123 GLN 123 147 147 GLN GLN A . n 
A 1 124 GLU 124 148 148 GLU GLU A . n 
A 1 125 TRP 125 149 149 TRP TRP A . n 
A 1 126 SER 126 150 150 SER SER A . n 
A 1 127 ASP 127 151 151 ASP ASP A . n 
A 1 128 ARG 128 152 152 ARG ARG A . n 
A 1 129 LYS 129 153 153 LYS LYS A . n 
A 1 130 PRO 130 154 154 PRO PRO A . n 
A 1 131 ALA 131 155 155 ALA ALA A . n 
A 1 132 ARG 132 156 156 ARG ARG A . n 
A 1 133 LYS 133 157 157 LYS LYS A . n 
A 1 134 TYR 134 158 158 TYR TYR A . n 
A 1 135 GLU 135 159 159 GLU GLU A . n 
A 1 136 THR 136 160 160 THR THR A . n 
A 1 137 TRP 137 161 161 TRP TRP A . n 
A 1 138 VAL 138 162 162 VAL VAL A . n 
A 1 139 GLY 139 163 163 GLY GLY A . n 
A 1 140 VAL 140 164 164 VAL VAL A . n 
A 1 141 TYR 141 165 165 TYR TYR A . n 
A 1 142 THR 142 166 166 THR THR A . n 
A 1 143 VAL 143 167 167 VAL VAL A . n 
A 1 144 LYS 144 168 168 LYS LYS A . n 
A 1 145 ASP 145 169 169 ASP ASP A . n 
A 1 146 CYS 146 170 170 CYS CYS A . n 
A 1 147 TYR 147 171 171 TYR TYR A . n 
A 1 148 PRO 148 172 172 PRO PRO A . n 
A 1 149 VAL 149 173 173 VAL VAL A . n 
A 1 150 GLN 150 174 174 GLN GLN A . n 
A 1 151 GLU 151 175 175 GLU GLU A . n 
A 1 152 THR 152 176 176 THR THR A . n 
A 1 153 TYR 153 177 177 TYR TYR A . n 
A 1 154 THR 154 178 178 THR THR A . n 
A 1 155 LYS 155 179 179 LYS LYS A . n 
A 1 156 ASN 156 180 180 ASN ASN A . n 
A 1 157 ASP 157 181 181 ASP ASP A . n 
A 1 158 SER 158 182 182 SER SER A . n 
A 1 159 MET 159 183 183 MET MET A . n 
A 1 160 THR 160 184 184 THR THR A . n 
A 1 161 THR 161 185 185 THR THR A . n 
A 1 162 SER 162 186 186 SER SER A . n 
A 1 163 THR 163 187 187 THR THR A . n 
A 1 164 ARG 164 188 188 ARG ARG A . n 
A 1 165 PHE 165 189 189 PHE PHE A . n 
A 1 166 PHE 166 190 190 PHE PHE A . n 
A 1 167 ASP 167 191 191 ASP ASP A . n 
A 1 168 ILE 168 192 192 ILE ILE A . n 
A 1 169 LYS 169 193 193 LYS LYS A . n 
A 1 170 LEU 170 194 194 LEU LEU A . n 
A 1 171 GLY 171 195 195 GLY GLY A . n 
A 1 172 ILE 172 196 196 ILE ILE A . n 
A 1 173 SER 173 197 197 SER SER A . n 
A 1 174 ASP 174 198 198 ASP ASP A . n 
A 1 175 PRO 175 199 199 PRO PRO A . n 
A 1 176 SER 176 200 200 SER SER A . n 
A 1 177 VAL 177 201 201 VAL VAL A . n 
A 1 178 PHE 178 202 202 PHE PHE A . n 
A 1 179 ASN 179 203 203 ASN ASN A . n 
A 1 180 PRO 180 204 204 PRO PRO A . n 
A 1 181 PRO 181 205 205 PRO PRO A . n 
A 1 182 SER 182 206 206 SER SER A . n 
A 1 183 THR 183 207 207 THR THR A . n 
A 1 184 CYS 184 208 208 CYS CYS A . n 
A 1 185 GLU 185 209 209 GLU GLU A . n 
A 1 186 ALA 186 210 210 ALA ALA A . n 
A 1 187 ALA 187 211 211 ALA ALA A . n 
A 1 188 GLN 188 212 212 GLN GLN A . n 
A 1 189 PRO 189 213 213 PRO PRO A . n 
A 1 190 LEU 190 214 214 LEU LEU A . n 
A 1 191 LEU 191 215 215 LEU LEU A . n 
A 1 192 MET 192 216 216 MET MET A . n 
A 1 193 SER 193 217 ?   ?   ?   A . n 
A 1 194 GLY 194 218 ?   ?   ?   A . n 
A 1 195 ASP 195 219 ?   ?   ?   A . n 
A 1 196 CYS 196 220 ?   ?   ?   A . n 
# 
_pdbx_entity_instance_feature.ordinal        1 
_pdbx_entity_instance_feature.comp_id        IR 
_pdbx_entity_instance_feature.asym_id        ? 
_pdbx_entity_instance_feature.seq_num        ? 
_pdbx_entity_instance_feature.auth_comp_id   IR 
_pdbx_entity_instance_feature.auth_asym_id   ? 
_pdbx_entity_instance_feature.auth_seq_num   ? 
_pdbx_entity_instance_feature.feature_type   'SUBJECT OF INVESTIGATION' 
_pdbx_entity_instance_feature.details        ? 
# 
loop_
_pdbx_nonpoly_scheme.asym_id 
_pdbx_nonpoly_scheme.entity_id 
_pdbx_nonpoly_scheme.mon_id 
_pdbx_nonpoly_scheme.ndb_seq_num 
_pdbx_nonpoly_scheme.pdb_seq_num 
_pdbx_nonpoly_scheme.auth_seq_num 
_pdbx_nonpoly_scheme.pdb_mon_id 
_pdbx_nonpoly_scheme.auth_mon_id 
_pdbx_nonpoly_scheme.pdb_strand_id 
_pdbx_nonpoly_scheme.pdb_ins_code 
B 2 CA  1  301 301 CA  CA  A . 
C 3 IR  1  302 401 IR  IR  A . 
D 4 CL  1  303 402 CL  CL  A . 
E 4 CL  1  304 403 CL  CL  A . 
F 5 HOH 1  401 20  HOH HOH A . 
F 5 HOH 2  402 17  HOH HOH A . 
F 5 HOH 3  403 11  HOH HOH A . 
F 5 HOH 4  404 8   HOH HOH A . 
F 5 HOH 5  405 18  HOH HOH A . 
F 5 HOH 6  406 10  HOH HOH A . 
F 5 HOH 7  407 7   HOH HOH A . 
F 5 HOH 8  408 9   HOH HOH A . 
F 5 HOH 9  409 2   HOH HOH A . 
F 5 HOH 10 410 6   HOH HOH A . 
F 5 HOH 11 411 15  HOH HOH A . 
F 5 HOH 12 412 24  HOH HOH A . 
F 5 HOH 13 413 16  HOH HOH A . 
F 5 HOH 14 414 13  HOH HOH A . 
F 5 HOH 15 415 19  HOH HOH A . 
F 5 HOH 16 416 14  HOH HOH A . 
F 5 HOH 17 417 23  HOH HOH A . 
F 5 HOH 18 418 21  HOH HOH A . 
F 5 HOH 19 419 12  HOH HOH A . 
F 5 HOH 20 420 3   HOH HOH A . 
F 5 HOH 21 421 25  HOH HOH A . 
F 5 HOH 22 422 4   HOH HOH A . 
F 5 HOH 23 423 5   HOH HOH A . 
# 
loop_
_software.citation_id 
_software.classification 
_software.compiler_name 
_software.compiler_version 
_software.contact_author 
_software.contact_author_email 
_software.date 
_software.description 
_software.dependencies 
_software.hardware 
_software.language 
_software.location 
_software.mods 
_software.name 
_software.os 
_software.os_version 
_software.type 
_software.version 
_software.pdbx_ordinal 
? refinement       ? ? ? ? ? ? ? ? ? ? ? REFMAC   ? ? ? 5.8.0258 1 
? 'data reduction' ? ? ? ? ? ? ? ? ? ? ? HKL-2000 ? ? ? .        2 
? 'data scaling'   ? ? ? ? ? ? ? ? ? ? ? HKL-2000 ? ? ? .        3 
? phasing          ? ? ? ? ? ? ? ? ? ? ? REFMAC   ? ? ? .        4 
# 
_cell.angle_alpha                  90.00 
_cell.angle_alpha_esd              ? 
_cell.angle_beta                   90.00 
_cell.angle_beta_esd               ? 
_cell.angle_gamma                  120.00 
_cell.angle_gamma_esd              ? 
_cell.entry_id                     6LXX 
_cell.details                      ? 
_cell.formula_units_Z              ? 
_cell.length_a                     62.008 
_cell.length_a_esd                 ? 
_cell.length_b                     62.008 
_cell.length_b_esd                 ? 
_cell.length_c                     233.409 
_cell.length_c_esd                 ? 
_cell.volume                       ? 
_cell.volume_esd                   ? 
_cell.Z_PDB                        12 
_cell.reciprocal_angle_alpha       ? 
_cell.reciprocal_angle_beta        ? 
_cell.reciprocal_angle_gamma       ? 
_cell.reciprocal_angle_alpha_esd   ? 
_cell.reciprocal_angle_beta_esd    ? 
_cell.reciprocal_angle_gamma_esd   ? 
_cell.reciprocal_length_a          ? 
_cell.reciprocal_length_b          ? 
_cell.reciprocal_length_c          ? 
_cell.reciprocal_length_a_esd      ? 
_cell.reciprocal_length_b_esd      ? 
_cell.reciprocal_length_c_esd      ? 
_cell.pdbx_unique_axis             ? 
# 
_symmetry.entry_id                         6LXX 
_symmetry.cell_setting                     ? 
_symmetry.Int_Tables_number                179 
_symmetry.space_group_name_Hall            ? 
_symmetry.space_group_name_H-M             'P 65 2 2' 
_symmetry.pdbx_full_space_group_name_H-M   ? 
# 
_exptl.absorpt_coefficient_mu     ? 
_exptl.absorpt_correction_T_max   ? 
_exptl.absorpt_correction_T_min   ? 
_exptl.absorpt_correction_type    ? 
_exptl.absorpt_process_details    ? 
_exptl.entry_id                   6LXX 
_exptl.crystals_number            1 
_exptl.details                    ? 
_exptl.method                     'X-RAY DIFFRACTION' 
_exptl.method_details             ? 
# 
_exptl_crystal.colour                      ? 
_exptl_crystal.density_diffrn              ? 
_exptl_crystal.density_Matthews            2.99 
_exptl_crystal.density_method              ? 
_exptl_crystal.density_percent_sol         58.91 
_exptl_crystal.description                 ? 
_exptl_crystal.F_000                       ? 
_exptl_crystal.id                          1 
_exptl_crystal.preparation                 ? 
_exptl_crystal.size_max                    ? 
_exptl_crystal.size_mid                    ? 
_exptl_crystal.size_min                    ? 
_exptl_crystal.size_rad                    ? 
_exptl_crystal.colour_lustre               ? 
_exptl_crystal.colour_modifier             ? 
_exptl_crystal.colour_primary              ? 
_exptl_crystal.density_meas                ? 
_exptl_crystal.density_meas_esd            ? 
_exptl_crystal.density_meas_gt             ? 
_exptl_crystal.density_meas_lt             ? 
_exptl_crystal.density_meas_temp           ? 
_exptl_crystal.density_meas_temp_esd       ? 
_exptl_crystal.density_meas_temp_gt        ? 
_exptl_crystal.density_meas_temp_lt        ? 
_exptl_crystal.pdbx_crystal_image_url      ? 
_exptl_crystal.pdbx_crystal_image_format   ? 
_exptl_crystal.pdbx_mosaicity              ? 
_exptl_crystal.pdbx_mosaicity_esd          ? 
# 
_exptl_crystal_grow.apparatus       ? 
_exptl_crystal_grow.atmosphere      ? 
_exptl_crystal_grow.crystal_id      1 
_exptl_crystal_grow.details         ? 
_exptl_crystal_grow.method          'VAPOR DIFFUSION, HANGING DROP' 
_exptl_crystal_grow.method_ref      ? 
_exptl_crystal_grow.pH              ? 
_exptl_crystal_grow.pressure        ? 
_exptl_crystal_grow.pressure_esd    ? 
_exptl_crystal_grow.seeding         ? 
_exptl_crystal_grow.seeding_ref     ? 
_exptl_crystal_grow.temp            298 
_exptl_crystal_grow.temp_details    ? 
_exptl_crystal_grow.temp_esd        ? 
_exptl_crystal_grow.time            ? 
_exptl_crystal_grow.pdbx_details    
'0.2M Calcium acetate hydrate, 0.1M Sodium cacodylate trihydrate pH 6.5, 10-25% w/v Polyethylene glycol 8000' 
_exptl_crystal_grow.pdbx_pH_range   ? 
# 
_diffrn.ambient_environment              ? 
_diffrn.ambient_temp                     100 
_diffrn.ambient_temp_details             ? 
_diffrn.ambient_temp_esd                 ? 
_diffrn.crystal_id                       1 
_diffrn.crystal_support                  ? 
_diffrn.crystal_treatment                ? 
_diffrn.details                          ? 
_diffrn.id                               1 
_diffrn.ambient_pressure                 ? 
_diffrn.ambient_pressure_esd             ? 
_diffrn.ambient_pressure_gt              ? 
_diffrn.ambient_pressure_lt              ? 
_diffrn.ambient_temp_gt                  ? 
_diffrn.ambient_temp_lt                  ? 
_diffrn.pdbx_serial_crystal_experiment   N 
# 
_diffrn_detector.details                      ? 
_diffrn_detector.detector                     CCD 
_diffrn_detector.diffrn_id                    1 
_diffrn_detector.type                         'ADSC QUANTUM 315' 
_diffrn_detector.area_resol_mean              ? 
_diffrn_detector.dtime                        ? 
_diffrn_detector.pdbx_frames_total            ? 
_diffrn_detector.pdbx_collection_time_total   ? 
_diffrn_detector.pdbx_collection_date         2018-06-15 
_diffrn_detector.pdbx_frequency               ? 
# 
_diffrn_radiation.collimation                      ? 
_diffrn_radiation.diffrn_id                        1 
_diffrn_radiation.filter_edge                      ? 
_diffrn_radiation.inhomogeneity                    ? 
_diffrn_radiation.monochromator                    ? 
_diffrn_radiation.polarisn_norm                    ? 
_diffrn_radiation.polarisn_ratio                   ? 
_diffrn_radiation.probe                            ? 
_diffrn_radiation.type                             ? 
_diffrn_radiation.xray_symbol                      ? 
_diffrn_radiation.wavelength_id                    1 
_diffrn_radiation.pdbx_monochromatic_or_laue_m_l   M 
_diffrn_radiation.pdbx_wavelength_list             ? 
_diffrn_radiation.pdbx_wavelength                  ? 
_diffrn_radiation.pdbx_diffrn_protocol             'SINGLE WAVELENGTH' 
_diffrn_radiation.pdbx_analyzer                    ? 
_diffrn_radiation.pdbx_scattering_type             x-ray 
# 
_diffrn_radiation_wavelength.id           1 
_diffrn_radiation_wavelength.wavelength   1.1054 
_diffrn_radiation_wavelength.wt           1.0 
# 
_diffrn_source.current                     ? 
_diffrn_source.details                     ? 
_diffrn_source.diffrn_id                   1 
_diffrn_source.power                       ? 
_diffrn_source.size                        ? 
_diffrn_source.source                      SYNCHROTRON 
_diffrn_source.target                      ? 
_diffrn_source.type                        'PAL/PLS BEAMLINE 7A (6B, 6C1)' 
_diffrn_source.voltage                     ? 
_diffrn_source.take-off_angle              ? 
_diffrn_source.pdbx_wavelength_list        1.1054 
_diffrn_source.pdbx_wavelength             ? 
_diffrn_source.pdbx_synchrotron_beamline   '7A (6B, 6C1)' 
_diffrn_source.pdbx_synchrotron_site       PAL/PLS 
# 
_reflns.B_iso_Wilson_estimate            ? 
_reflns.entry_id                         6LXX 
_reflns.data_reduction_details           ? 
_reflns.data_reduction_method            ? 
_reflns.d_resolution_high                2.4 
_reflns.d_resolution_low                 53.70 
_reflns.details                          ? 
_reflns.limit_h_max                      ? 
_reflns.limit_h_min                      ? 
_reflns.limit_k_max                      ? 
_reflns.limit_k_min                      ? 
_reflns.limit_l_max                      ? 
_reflns.limit_l_min                      ? 
_reflns.number_all                       ? 
_reflns.number_obs                       11076 
_reflns.observed_criterion               ? 
_reflns.observed_criterion_F_max         ? 
_reflns.observed_criterion_F_min         ? 
_reflns.observed_criterion_I_max         ? 
_reflns.observed_criterion_I_min         ? 
_reflns.observed_criterion_sigma_F       ? 
_reflns.observed_criterion_sigma_I       ? 
_reflns.percent_possible_obs             98.3 
_reflns.R_free_details                   ? 
_reflns.Rmerge_F_all                     ? 
_reflns.Rmerge_F_obs                     ? 
_reflns.Friedel_coverage                 ? 
_reflns.number_gt                        ? 
_reflns.threshold_expression             ? 
_reflns.pdbx_redundancy                  18.2 
_reflns.pdbx_Rmerge_I_obs                0.078 
_reflns.pdbx_Rmerge_I_all                ? 
_reflns.pdbx_Rsym_value                  ? 
_reflns.pdbx_netI_over_av_sigmaI         ? 
_reflns.pdbx_netI_over_sigmaI            79.3 
_reflns.pdbx_res_netI_over_av_sigmaI_2   ? 
_reflns.pdbx_res_netI_over_sigmaI_2      ? 
_reflns.pdbx_chi_squared                 ? 
_reflns.pdbx_scaling_rejects             ? 
_reflns.pdbx_d_res_high_opt              ? 
_reflns.pdbx_d_res_low_opt               ? 
_reflns.pdbx_d_res_opt_method            ? 
_reflns.phase_calculation_details        ? 
_reflns.pdbx_Rrim_I_all                  ? 
_reflns.pdbx_Rpim_I_all                  ? 
_reflns.pdbx_d_opt                       ? 
_reflns.pdbx_number_measured_all         ? 
_reflns.pdbx_diffrn_id                   1 
_reflns.pdbx_ordinal                     1 
_reflns.pdbx_CC_half                     0.997 
_reflns.pdbx_CC_star                     ? 
_reflns.pdbx_R_split                     ? 
# 
_reflns_shell.d_res_high                  2.40 
_reflns_shell.d_res_low                   2.44 
_reflns_shell.meanI_over_sigI_all         ? 
_reflns_shell.meanI_over_sigI_obs         17.7 
_reflns_shell.number_measured_all         ? 
_reflns_shell.number_measured_obs         ? 
_reflns_shell.number_possible             ? 
_reflns_shell.number_unique_all           ? 
_reflns_shell.number_unique_obs           535 
_reflns_shell.percent_possible_all        ? 
_reflns_shell.percent_possible_obs        ? 
_reflns_shell.Rmerge_F_all                ? 
_reflns_shell.Rmerge_F_obs                ? 
_reflns_shell.Rmerge_I_all                ? 
_reflns_shell.Rmerge_I_obs                0.363 
_reflns_shell.meanI_over_sigI_gt          ? 
_reflns_shell.meanI_over_uI_all           ? 
_reflns_shell.meanI_over_uI_gt            ? 
_reflns_shell.number_measured_gt          ? 
_reflns_shell.number_unique_gt            ? 
_reflns_shell.percent_possible_gt         ? 
_reflns_shell.Rmerge_F_gt                 ? 
_reflns_shell.Rmerge_I_gt                 ? 
_reflns_shell.pdbx_redundancy             ? 
_reflns_shell.pdbx_Rsym_value             ? 
_reflns_shell.pdbx_chi_squared            ? 
_reflns_shell.pdbx_netI_over_sigmaI_all   ? 
_reflns_shell.pdbx_netI_over_sigmaI_obs   ? 
_reflns_shell.pdbx_Rrim_I_all             ? 
_reflns_shell.pdbx_Rpim_I_all             ? 
_reflns_shell.pdbx_rejects                ? 
_reflns_shell.pdbx_ordinal                1 
_reflns_shell.pdbx_diffrn_id              1 
_reflns_shell.pdbx_CC_half                0.991 
_reflns_shell.pdbx_CC_star                ? 
_reflns_shell.pdbx_R_split                ? 
# 
_refine.aniso_B[1][1]                            1.08 
_refine.aniso_B[1][2]                            0.54 
_refine.aniso_B[1][3]                            0.00 
_refine.aniso_B[2][2]                            1.08 
_refine.aniso_B[2][3]                            -0.00 
_refine.aniso_B[3][3]                            -3.51 
_refine.B_iso_max                                ? 
_refine.B_iso_mean                               50.342 
_refine.B_iso_min                                ? 
_refine.correlation_coeff_Fo_to_Fc               0.926 
_refine.correlation_coeff_Fo_to_Fc_free          0.904 
_refine.details                                  'HYDROGENS HAVE BEEN ADDED IN THE RIDING POSITIONS' 
_refine.diff_density_max                         ? 
_refine.diff_density_max_esd                     ? 
_refine.diff_density_min                         ? 
_refine.diff_density_min_esd                     ? 
_refine.diff_density_rms                         ? 
_refine.diff_density_rms_esd                     ? 
_refine.entry_id                                 6LXX 
_refine.pdbx_refine_id                           'X-RAY DIFFRACTION' 
_refine.ls_abs_structure_details                 ? 
_refine.ls_abs_structure_Flack                   ? 
_refine.ls_abs_structure_Flack_esd               ? 
_refine.ls_abs_structure_Rogers                  ? 
_refine.ls_abs_structure_Rogers_esd              ? 
_refine.ls_d_res_high                            2.40 
_refine.ls_d_res_low                             35.26 
_refine.ls_extinction_coef                       ? 
_refine.ls_extinction_coef_esd                   ? 
_refine.ls_extinction_expression                 ? 
_refine.ls_extinction_method                     ? 
_refine.ls_goodness_of_fit_all                   ? 
_refine.ls_goodness_of_fit_all_esd               ? 
_refine.ls_goodness_of_fit_obs                   ? 
_refine.ls_goodness_of_fit_obs_esd               ? 
_refine.ls_hydrogen_treatment                    ? 
_refine.ls_matrix_type                           ? 
_refine.ls_number_constraints                    ? 
_refine.ls_number_parameters                     ? 
_refine.ls_number_reflns_all                     ? 
_refine.ls_number_reflns_obs                     10455 
_refine.ls_number_reflns_R_free                  526 
_refine.ls_number_reflns_R_work                  ? 
_refine.ls_number_restraints                     ? 
_refine.ls_percent_reflns_obs                    98.05 
_refine.ls_percent_reflns_R_free                 4.8 
_refine.ls_R_factor_all                          ? 
_refine.ls_R_factor_obs                          0.23629 
_refine.ls_R_factor_R_free                       0.29333 
_refine.ls_R_factor_R_free_error                 ? 
_refine.ls_R_factor_R_free_error_details         ? 
_refine.ls_R_factor_R_work                       0.23344 
_refine.ls_R_Fsqd_factor_obs                     ? 
_refine.ls_R_I_factor_obs                        ? 
_refine.ls_redundancy_reflns_all                 ? 
_refine.ls_redundancy_reflns_obs                 ? 
_refine.ls_restrained_S_all                      ? 
_refine.ls_restrained_S_obs                      ? 
_refine.ls_shift_over_esd_max                    ? 
_refine.ls_shift_over_esd_mean                   ? 
_refine.ls_structure_factor_coef                 ? 
_refine.ls_weighting_details                     ? 
_refine.ls_weighting_scheme                      ? 
_refine.ls_wR_factor_all                         ? 
_refine.ls_wR_factor_obs                         ? 
_refine.ls_wR_factor_R_free                      ? 
_refine.ls_wR_factor_R_work                      ? 
_refine.occupancy_max                            ? 
_refine.occupancy_min                            ? 
_refine.solvent_model_details                    MASK 
_refine.solvent_model_param_bsol                 ? 
_refine.solvent_model_param_ksol                 ? 
_refine.pdbx_R_complete                          ? 
_refine.ls_R_factor_gt                           ? 
_refine.ls_goodness_of_fit_gt                    ? 
_refine.ls_goodness_of_fit_ref                   ? 
_refine.ls_shift_over_su_max                     ? 
_refine.ls_shift_over_su_max_lt                  ? 
_refine.ls_shift_over_su_mean                    ? 
_refine.ls_shift_over_su_mean_lt                 ? 
_refine.pdbx_ls_sigma_I                          ? 
_refine.pdbx_ls_sigma_F                          ? 
_refine.pdbx_ls_sigma_Fsqd                       ? 
_refine.pdbx_data_cutoff_high_absF               ? 
_refine.pdbx_data_cutoff_high_rms_absF           ? 
_refine.pdbx_data_cutoff_low_absF                ? 
_refine.pdbx_isotropic_thermal_model             ? 
_refine.pdbx_ls_cross_valid_method               THROUGHOUT 
_refine.pdbx_method_to_determine_struct          'MOLECULAR REPLACEMENT' 
_refine.pdbx_starting_model                      6JL9 
_refine.pdbx_stereochemistry_target_values       'MAXIMUM LIKELIHOOD' 
_refine.pdbx_R_Free_selection_details            RANDOM 
_refine.pdbx_stereochem_target_val_spec_case     ? 
_refine.pdbx_overall_ESU_R                       0.348 
_refine.pdbx_overall_ESU_R_Free                  0.278 
_refine.pdbx_solvent_vdw_probe_radii             1.20 
_refine.pdbx_solvent_ion_probe_radii             0.80 
_refine.pdbx_solvent_shrinkage_radii             0.80 
_refine.pdbx_real_space_R                        ? 
_refine.pdbx_density_correlation                 ? 
_refine.pdbx_pd_number_of_powder_patterns        ? 
_refine.pdbx_pd_number_of_points                 ? 
_refine.pdbx_pd_meas_number_of_points            ? 
_refine.pdbx_pd_proc_ls_prof_R_factor            ? 
_refine.pdbx_pd_proc_ls_prof_wR_factor           ? 
_refine.pdbx_pd_Marquardt_correlation_coeff      ? 
_refine.pdbx_pd_Fsqrd_R_factor                   ? 
_refine.pdbx_pd_ls_matrix_band_width             ? 
_refine.pdbx_overall_phase_error                 ? 
_refine.pdbx_overall_SU_R_free_Cruickshank_DPI   ? 
_refine.pdbx_overall_SU_R_free_Blow_DPI          ? 
_refine.pdbx_overall_SU_R_Blow_DPI               ? 
_refine.pdbx_TLS_residual_ADP_flag               ? 
_refine.pdbx_diffrn_id                           1 
_refine.overall_SU_B                             7.712 
_refine.overall_SU_ML                            0.182 
_refine.overall_SU_R_Cruickshank_DPI             ? 
_refine.overall_SU_R_free                        ? 
_refine.overall_FOM_free_R_set                   ? 
_refine.overall_FOM_work_R_set                   ? 
_refine.pdbx_average_fsc_overall                 ? 
_refine.pdbx_average_fsc_work                    ? 
_refine.pdbx_average_fsc_free                    ? 
# 
_refine_hist.pdbx_refine_id                   'X-RAY DIFFRACTION' 
_refine_hist.cycle_id                         1 
_refine_hist.details                          ? 
_refine_hist.d_res_high                       2.40 
_refine_hist.d_res_low                        35.26 
_refine_hist.number_atoms_solvent             23 
_refine_hist.number_atoms_total               1551 
_refine_hist.number_reflns_all                ? 
_refine_hist.number_reflns_obs                ? 
_refine_hist.number_reflns_R_free             ? 
_refine_hist.number_reflns_R_work             ? 
_refine_hist.R_factor_all                     ? 
_refine_hist.R_factor_obs                     ? 
_refine_hist.R_factor_R_free                  ? 
_refine_hist.R_factor_R_work                  ? 
_refine_hist.pdbx_number_residues_total       ? 
_refine_hist.pdbx_B_iso_mean_ligand           ? 
_refine_hist.pdbx_B_iso_mean_solvent          ? 
_refine_hist.pdbx_number_atoms_protein        1524 
_refine_hist.pdbx_number_atoms_nucleic_acid   0 
_refine_hist.pdbx_number_atoms_ligand         4 
_refine_hist.pdbx_number_atoms_lipid          ? 
_refine_hist.pdbx_number_atoms_carb           ? 
_refine_hist.pdbx_pseudo_atom_details         ? 
# 
loop_
_refine_ls_restr.pdbx_refine_id 
_refine_ls_restr.criterion 
_refine_ls_restr.dev_ideal 
_refine_ls_restr.dev_ideal_target 
_refine_ls_restr.number 
_refine_ls_restr.rejects 
_refine_ls_restr.type 
_refine_ls_restr.weight 
_refine_ls_restr.pdbx_restraint_function 
'X-RAY DIFFRACTION' ? 0.009  0.013  1582 ? r_bond_refined_d             ? ? 
'X-RAY DIFFRACTION' ? 0.001  0.017  1395 ? r_bond_other_d               ? ? 
'X-RAY DIFFRACTION' ? 1.659  1.665  2161 ? r_angle_refined_deg          ? ? 
'X-RAY DIFFRACTION' ? 1.216  1.571  3261 ? r_angle_other_deg            ? ? 
'X-RAY DIFFRACTION' ? 9.505  5.000  186  ? r_dihedral_angle_1_deg       ? ? 
'X-RAY DIFFRACTION' ? 36.269 22.907 86   ? r_dihedral_angle_2_deg       ? ? 
'X-RAY DIFFRACTION' ? 18.704 15.000 258  ? r_dihedral_angle_3_deg       ? ? 
'X-RAY DIFFRACTION' ? 20.128 15.000 8    ? r_dihedral_angle_4_deg       ? ? 
'X-RAY DIFFRACTION' ? 0.068  0.200  208  ? r_chiral_restr               ? ? 
'X-RAY DIFFRACTION' ? 0.008  0.020  1751 ? r_gen_planes_refined         ? ? 
'X-RAY DIFFRACTION' ? 0.002  0.020  333  ? r_gen_planes_other           ? ? 
'X-RAY DIFFRACTION' ? ?      ?      ?    ? r_nbd_refined                ? ? 
'X-RAY DIFFRACTION' ? ?      ?      ?    ? r_nbd_other                  ? ? 
'X-RAY DIFFRACTION' ? ?      ?      ?    ? r_nbtor_refined              ? ? 
'X-RAY DIFFRACTION' ? ?      ?      ?    ? r_nbtor_other                ? ? 
'X-RAY DIFFRACTION' ? ?      ?      ?    ? r_xyhbond_nbd_refined        ? ? 
'X-RAY DIFFRACTION' ? ?      ?      ?    ? r_xyhbond_nbd_other          ? ? 
'X-RAY DIFFRACTION' ? ?      ?      ?    ? r_metal_ion_refined          ? ? 
'X-RAY DIFFRACTION' ? ?      ?      ?    ? r_metal_ion_other            ? ? 
'X-RAY DIFFRACTION' ? ?      ?      ?    ? r_symmetry_vdw_refined       ? ? 
'X-RAY DIFFRACTION' ? ?      ?      ?    ? r_symmetry_vdw_other         ? ? 
'X-RAY DIFFRACTION' ? ?      ?      ?    ? r_symmetry_hbond_refined     ? ? 
'X-RAY DIFFRACTION' ? ?      ?      ?    ? r_symmetry_hbond_other       ? ? 
'X-RAY DIFFRACTION' ? ?      ?      ?    ? r_symmetry_metal_ion_refined ? ? 
'X-RAY DIFFRACTION' ? ?      ?      ?    ? r_symmetry_metal_ion_other   ? ? 
'X-RAY DIFFRACTION' ? 4.596  5.098  744  ? r_mcbond_it                  ? ? 
'X-RAY DIFFRACTION' ? 4.585  5.097  743  ? r_mcbond_other               ? ? 
'X-RAY DIFFRACTION' ? 6.765  7.630  930  ? r_mcangle_it                 ? ? 
'X-RAY DIFFRACTION' ? 6.769  7.633  931  ? r_mcangle_other              ? ? 
'X-RAY DIFFRACTION' ? 5.270  5.611  836  ? r_scbond_it                  ? ? 
'X-RAY DIFFRACTION' ? 5.269  5.618  837  ? r_scbond_other               ? ? 
'X-RAY DIFFRACTION' ? ?      ?      ?    ? r_scangle_it                 ? ? 
'X-RAY DIFFRACTION' ? 8.169  8.190  1232 ? r_scangle_other              ? ? 
'X-RAY DIFFRACTION' ? 11.326 56.787 1650 ? r_long_range_B_refined       ? ? 
'X-RAY DIFFRACTION' ? 11.330 56.747 1646 ? r_long_range_B_other         ? ? 
'X-RAY DIFFRACTION' ? ?      ?      ?    ? r_rigid_bond_restr           ? ? 
'X-RAY DIFFRACTION' ? ?      ?      ?    ? r_sphericity_free            ? ? 
'X-RAY DIFFRACTION' ? ?      ?      ?    ? r_sphericity_bonded          ? ? 
# 
_refine_ls_shell.pdbx_refine_id                   'X-RAY DIFFRACTION' 
_refine_ls_shell.d_res_high                       2.400 
_refine_ls_shell.d_res_low                        2.462 
_refine_ls_shell.number_reflns_all                ? 
_refine_ls_shell.number_reflns_obs                ? 
_refine_ls_shell.number_reflns_R_free             45 
_refine_ls_shell.number_reflns_R_work             739 
_refine_ls_shell.percent_reflns_obs               99.62 
_refine_ls_shell.percent_reflns_R_free            ? 
_refine_ls_shell.R_factor_all                     ? 
_refine_ls_shell.R_factor_obs                     ? 
_refine_ls_shell.R_factor_R_free                  0.423 
_refine_ls_shell.R_factor_R_free_error            ? 
_refine_ls_shell.R_factor_R_work                  0.292 
_refine_ls_shell.redundancy_reflns_all            ? 
_refine_ls_shell.redundancy_reflns_obs            ? 
_refine_ls_shell.wR_factor_all                    ? 
_refine_ls_shell.wR_factor_obs                    ? 
_refine_ls_shell.wR_factor_R_free                 ? 
_refine_ls_shell.wR_factor_R_work                 ? 
_refine_ls_shell.pdbx_R_complete                  ? 
_refine_ls_shell.pdbx_total_number_of_bins_used   20 
_refine_ls_shell.pdbx_phase_error                 ? 
_refine_ls_shell.pdbx_fsc_work                    ? 
_refine_ls_shell.pdbx_fsc_free                    ? 
# 
_struct.entry_id                     6LXX 
_struct.title                        'Frog EPDR1 with an Ir atom' 
_struct.pdbx_model_details           ? 
_struct.pdbx_formula_weight          ? 
_struct.pdbx_formula_weight_method   ? 
_struct.pdbx_model_type_details      ? 
_struct.pdbx_CASP_flag               N 
# 
_struct_keywords.entry_id        6LXX 
_struct_keywords.text            'Ependymin, Ependymin related protein, UNKNOWN FUNCTION' 
_struct_keywords.pdbx_keywords   'UNKNOWN FUNCTION' 
# 
loop_
_struct_asym.id 
_struct_asym.pdbx_blank_PDB_chainid_flag 
_struct_asym.pdbx_modified 
_struct_asym.entity_id 
_struct_asym.details 
A N N 1 ? 
B N N 2 ? 
C N N 3 ? 
D N N 4 ? 
E N N 4 ? 
F N N 5 ? 
# 
_struct_ref.id                         1 
_struct_ref.db_name                    UNP 
_struct_ref.db_code                    F6VRB7_XENTR 
_struct_ref.pdbx_db_accession          F6VRB7 
_struct_ref.pdbx_db_isoform            ? 
_struct_ref.entity_id                  1 
_struct_ref.pdbx_seq_one_letter_code   
;VTPCEAPLQWEGRIVLYDHNTGKNTRATVTYDAILQRIRILEEKKSFVPCKRFFEYIFLYQEAVMFQIEQVTKICSKNTL
TEPWDPYDIPENSTYEDQYYIGGPGDQIPVQEWSDRKPARKYETWVGVYTVKDCYPVQETYTKNDSMTTSTRFFDIKLGI
SDPSVFNPPSTCEAAQPLLMSGDC
;
_struct_ref.pdbx_align_begin           1 
# 
_struct_ref_seq.align_id                      1 
_struct_ref_seq.ref_id                        1 
_struct_ref_seq.pdbx_PDB_id_code              6LXX 
_struct_ref_seq.pdbx_strand_id                A 
_struct_ref_seq.seq_align_beg                 13 
_struct_ref_seq.pdbx_seq_align_beg_ins_code   ? 
_struct_ref_seq.seq_align_end                 196 
_struct_ref_seq.pdbx_seq_align_end_ins_code   ? 
_struct_ref_seq.pdbx_db_accession             F6VRB7 
_struct_ref_seq.db_align_beg                  1 
_struct_ref_seq.pdbx_db_align_beg_ins_code    ? 
_struct_ref_seq.db_align_end                  184 
_struct_ref_seq.pdbx_db_align_end_ins_code    ? 
_struct_ref_seq.pdbx_auth_seq_align_beg       37 
_struct_ref_seq.pdbx_auth_seq_align_end       220 
# 
loop_
_struct_ref_seq_dif.align_id 
_struct_ref_seq_dif.pdbx_pdb_id_code 
_struct_ref_seq_dif.mon_id 
_struct_ref_seq_dif.pdbx_pdb_strand_id 
_struct_ref_seq_dif.seq_num 
_struct_ref_seq_dif.pdbx_pdb_ins_code 
_struct_ref_seq_dif.pdbx_seq_db_name 
_struct_ref_seq_dif.pdbx_seq_db_accession_code 
_struct_ref_seq_dif.db_mon_id 
_struct_ref_seq_dif.pdbx_seq_db_seq_num 
_struct_ref_seq_dif.details 
_struct_ref_seq_dif.pdbx_auth_seq_num 
_struct_ref_seq_dif.pdbx_ordinal 
1 6LXX ALA A 1  ? UNP F6VRB7 ? ? 'expression tag' 25 1  
1 6LXX ASP A 2  ? UNP F6VRB7 ? ? 'expression tag' 26 2  
1 6LXX PRO A 3  ? UNP F6VRB7 ? ? 'expression tag' 27 3  
1 6LXX HIS A 4  ? UNP F6VRB7 ? ? 'expression tag' 28 4  
1 6LXX HIS A 5  ? UNP F6VRB7 ? ? 'expression tag' 29 5  
1 6LXX HIS A 6  ? UNP F6VRB7 ? ? 'expression tag' 30 6  
1 6LXX HIS A 7  ? UNP F6VRB7 ? ? 'expression tag' 31 7  
1 6LXX HIS A 8  ? UNP F6VRB7 ? ? 'expression tag' 32 8  
1 6LXX HIS A 9  ? UNP F6VRB7 ? ? 'expression tag' 33 9  
1 6LXX HIS A 10 ? UNP F6VRB7 ? ? 'expression tag' 34 10 
1 6LXX HIS A 11 ? UNP F6VRB7 ? ? 'expression tag' 35 11 
1 6LXX PRO A 12 ? UNP F6VRB7 ? ? 'expression tag' 36 12 
# 
_pdbx_struct_assembly.id                   1 
_pdbx_struct_assembly.details              author_and_software_defined_assembly 
_pdbx_struct_assembly.method_details       PISA 
_pdbx_struct_assembly.oligomeric_details   dimeric 
_pdbx_struct_assembly.oligomeric_count     2 
# 
loop_
_pdbx_struct_assembly_prop.biol_id 
_pdbx_struct_assembly_prop.type 
_pdbx_struct_assembly_prop.value 
_pdbx_struct_assembly_prop.details 
1 'ABSA (A^2)' 1140  ? 
1 MORE         -74   ? 
1 'SSA (A^2)'  23860 ? 
# 
_pdbx_struct_assembly_gen.assembly_id       1 
_pdbx_struct_assembly_gen.oper_expression   1,2 
_pdbx_struct_assembly_gen.asym_id_list      A,B,C,D,E,F 
# 
_pdbx_struct_assembly_auth_evidence.id                     1 
_pdbx_struct_assembly_auth_evidence.assembly_id            1 
_pdbx_struct_assembly_auth_evidence.experimental_support   none 
_pdbx_struct_assembly_auth_evidence.details                ? 
# 
loop_
_pdbx_struct_oper_list.id 
_pdbx_struct_oper_list.type 
_pdbx_struct_oper_list.name 
_pdbx_struct_oper_list.symmetry_operation 
_pdbx_struct_oper_list.matrix[1][1] 
_pdbx_struct_oper_list.matrix[1][2] 
_pdbx_struct_oper_list.matrix[1][3] 
_pdbx_struct_oper_list.vector[1] 
_pdbx_struct_oper_list.matrix[2][1] 
_pdbx_struct_oper_list.matrix[2][2] 
_pdbx_struct_oper_list.matrix[2][3] 
_pdbx_struct_oper_list.vector[2] 
_pdbx_struct_oper_list.matrix[3][1] 
_pdbx_struct_oper_list.matrix[3][2] 
_pdbx_struct_oper_list.matrix[3][3] 
_pdbx_struct_oper_list.vector[3] 
1 'identity operation'         1_555 x,y,z     1.0000000000  0.0000000000 0.0000000000 0.0000000000  0.0000000000 1.0000000000 0.0000000000 0.0000000000   0.0000000000 0.0000000000 1.0000000000  0.0000000000 
2 'crystal symmetry operation' 8_555 x-y,-y,-z -0.7320091958 0.6637463206 0.1536338481 41.3782479111 0.6637463206 0.6439339376 0.3805126884 -18.6723696502 0.1536338481 0.3805126884 -0.9119247418 8.4924431153 
# 
_struct_conf.conf_type_id            HELX_P 
_struct_conf.id                      HELX_P1 
_struct_conf.pdbx_PDB_helix_id       AA1 
_struct_conf.beg_label_comp_id       ASP 
_struct_conf.beg_label_asym_id       A 
_struct_conf.beg_label_seq_id        174 
_struct_conf.pdbx_beg_PDB_ins_code   ? 
_struct_conf.end_label_comp_id       ASN 
_struct_conf.end_label_asym_id       A 
_struct_conf.end_label_seq_id        179 
_struct_conf.pdbx_end_PDB_ins_code   ? 
_struct_conf.beg_auth_comp_id        ASP 
_struct_conf.beg_auth_asym_id        A 
_struct_conf.beg_auth_seq_id         198 
_struct_conf.end_auth_comp_id        ASN 
_struct_conf.end_auth_asym_id        A 
_struct_conf.end_auth_seq_id         203 
_struct_conf.pdbx_PDB_helix_class    5 
_struct_conf.details                 ? 
_struct_conf.pdbx_PDB_helix_length   6 
# 
_struct_conf_type.id          HELX_P 
_struct_conf_type.criteria    ? 
_struct_conf_type.reference   ? 
# 
loop_
_struct_conn.id 
_struct_conn.conn_type_id 
_struct_conn.pdbx_leaving_atom_flag 
_struct_conn.pdbx_PDB_id 
_struct_conn.ptnr1_label_asym_id 
_struct_conn.ptnr1_label_comp_id 
_struct_conn.ptnr1_label_seq_id 
_struct_conn.ptnr1_label_atom_id 
_struct_conn.pdbx_ptnr1_label_alt_id 
_struct_conn.pdbx_ptnr1_PDB_ins_code 
_struct_conn.pdbx_ptnr1_standard_comp_id 
_struct_conn.ptnr1_symmetry 
_struct_conn.ptnr2_label_asym_id 
_struct_conn.ptnr2_label_comp_id 
_struct_conn.ptnr2_label_seq_id 
_struct_conn.ptnr2_label_atom_id 
_struct_conn.pdbx_ptnr2_label_alt_id 
_struct_conn.pdbx_ptnr2_PDB_ins_code 
_struct_conn.ptnr1_auth_asym_id 
_struct_conn.ptnr1_auth_comp_id 
_struct_conn.ptnr1_auth_seq_id 
_struct_conn.ptnr2_auth_asym_id 
_struct_conn.ptnr2_auth_comp_id 
_struct_conn.ptnr2_auth_seq_id 
_struct_conn.ptnr2_symmetry 
_struct_conn.pdbx_ptnr3_label_atom_id 
_struct_conn.pdbx_ptnr3_label_seq_id 
_struct_conn.pdbx_ptnr3_label_comp_id 
_struct_conn.pdbx_ptnr3_label_asym_id 
_struct_conn.pdbx_ptnr3_label_alt_id 
_struct_conn.pdbx_ptnr3_PDB_ins_code 
_struct_conn.details 
_struct_conn.pdbx_dist_value 
_struct_conn.pdbx_value_order 
_struct_conn.pdbx_role 
disulf1 disulf ? ? A CYS 16 SG  ? ? ? 1_555 A CYS 146 SG ? ? A CYS 40  A CYS 170 1_555 ? ? ? ? ? ? ? 2.085 ? ? 
disulf2 disulf ? ? A CYS 87 SG  ? ? ? 1_555 A CYS 184 SG ? ? A CYS 111 A CYS 208 1_555 ? ? ? ? ? ? ? 2.033 ? ? 
metalc1 metalc ? ? A ASP 97 OD1 ? ? ? 1_555 B CA  .   CA ? ? A ASP 121 A CA  301 1_555 ? ? ? ? ? ? ? 2.718 ? ? 
metalc2 metalc ? ? A ASP 97 OD2 ? ? ? 1_555 B CA  .   CA ? ? A ASP 121 A CA  301 1_555 ? ? ? ? ? ? ? 2.350 ? ? 
metalc3 metalc ? ? A PRO 98 O   ? ? ? 1_555 B CA  .   CA ? ? A PRO 122 A CA  301 1_555 ? ? ? ? ? ? ? 2.574 ? ? 
metalc4 metalc ? ? B CA  .  CA  ? ? ? 1_555 F HOH .   O  ? ? A CA  301 A HOH 403 1_555 ? ? ? ? ? ? ? 2.555 ? ? 
metalc5 metalc ? ? B CA  .  CA  ? ? ? 1_555 F HOH .   O  ? ? A CA  301 A HOH 406 1_555 ? ? ? ? ? ? ? 2.199 ? ? 
metalc6 metalc ? ? B CA  .  CA  ? ? ? 1_555 F HOH .   O  ? ? A CA  301 A HOH 408 1_555 ? ? ? ? ? ? ? 2.397 ? ? 
metalc7 metalc ? ? B CA  .  CA  ? ? ? 1_555 F HOH .   O  ? ? A CA  301 A HOH 419 1_555 ? ? ? ? ? ? ? 2.534 ? ? 
# 
loop_
_struct_conn_type.id 
_struct_conn_type.criteria 
_struct_conn_type.reference 
disulf ? ? 
metalc ? ? 
# 
loop_
_pdbx_struct_conn_angle.id 
_pdbx_struct_conn_angle.ptnr1_label_atom_id 
_pdbx_struct_conn_angle.ptnr1_label_alt_id 
_pdbx_struct_conn_angle.ptnr1_label_asym_id 
_pdbx_struct_conn_angle.ptnr1_label_comp_id 
_pdbx_struct_conn_angle.ptnr1_label_seq_id 
_pdbx_struct_conn_angle.ptnr1_auth_atom_id 
_pdbx_struct_conn_angle.ptnr1_auth_asym_id 
_pdbx_struct_conn_angle.ptnr1_auth_comp_id 
_pdbx_struct_conn_angle.ptnr1_auth_seq_id 
_pdbx_struct_conn_angle.ptnr1_PDB_ins_code 
_pdbx_struct_conn_angle.ptnr1_symmetry 
_pdbx_struct_conn_angle.ptnr2_label_atom_id 
_pdbx_struct_conn_angle.ptnr2_label_alt_id 
_pdbx_struct_conn_angle.ptnr2_label_asym_id 
_pdbx_struct_conn_angle.ptnr2_label_comp_id 
_pdbx_struct_conn_angle.ptnr2_label_seq_id 
_pdbx_struct_conn_angle.ptnr2_auth_atom_id 
_pdbx_struct_conn_angle.ptnr2_auth_asym_id 
_pdbx_struct_conn_angle.ptnr2_auth_comp_id 
_pdbx_struct_conn_angle.ptnr2_auth_seq_id 
_pdbx_struct_conn_angle.ptnr2_PDB_ins_code 
_pdbx_struct_conn_angle.ptnr2_symmetry 
_pdbx_struct_conn_angle.ptnr3_label_atom_id 
_pdbx_struct_conn_angle.ptnr3_label_alt_id 
_pdbx_struct_conn_angle.ptnr3_label_asym_id 
_pdbx_struct_conn_angle.ptnr3_label_comp_id 
_pdbx_struct_conn_angle.ptnr3_label_seq_id 
_pdbx_struct_conn_angle.ptnr3_auth_atom_id 
_pdbx_struct_conn_angle.ptnr3_auth_asym_id 
_pdbx_struct_conn_angle.ptnr3_auth_comp_id 
_pdbx_struct_conn_angle.ptnr3_auth_seq_id 
_pdbx_struct_conn_angle.ptnr3_PDB_ins_code 
_pdbx_struct_conn_angle.ptnr3_symmetry 
_pdbx_struct_conn_angle.value 
_pdbx_struct_conn_angle.value_esd 
1  OD1 ? A ASP 97 ? A ASP 121 ? 1_555 CA ? B CA . ? A CA 301 ? 1_555 OD2 ? A ASP 97 ? A ASP 121 ? 1_555 51.2  ? 
2  OD1 ? A ASP 97 ? A ASP 121 ? 1_555 CA ? B CA . ? A CA 301 ? 1_555 O   ? A PRO 98 ? A PRO 122 ? 1_555 92.5  ? 
3  OD2 ? A ASP 97 ? A ASP 121 ? 1_555 CA ? B CA . ? A CA 301 ? 1_555 O   ? A PRO 98 ? A PRO 122 ? 1_555 89.5  ? 
4  OD1 ? A ASP 97 ? A ASP 121 ? 1_555 CA ? B CA . ? A CA 301 ? 1_555 O   ? F HOH .  ? A HOH 403 ? 1_555 89.1  ? 
5  OD2 ? A ASP 97 ? A ASP 121 ? 1_555 CA ? B CA . ? A CA 301 ? 1_555 O   ? F HOH .  ? A HOH 403 ? 1_555 138.4 ? 
6  O   ? A PRO 98 ? A PRO 122 ? 1_555 CA ? B CA . ? A CA 301 ? 1_555 O   ? F HOH .  ? A HOH 403 ? 1_555 79.0  ? 
7  OD1 ? A ASP 97 ? A ASP 121 ? 1_555 CA ? B CA . ? A CA 301 ? 1_555 O   ? F HOH .  ? A HOH 406 ? 1_555 163.5 ? 
8  OD2 ? A ASP 97 ? A ASP 121 ? 1_555 CA ? B CA . ? A CA 301 ? 1_555 O   ? F HOH .  ? A HOH 406 ? 1_555 141.5 ? 
9  O   ? A PRO 98 ? A PRO 122 ? 1_555 CA ? B CA . ? A CA 301 ? 1_555 O   ? F HOH .  ? A HOH 406 ? 1_555 78.9  ? 
10 O   ? F HOH .  ? A HOH 403 ? 1_555 CA ? B CA . ? A CA 301 ? 1_555 O   ? F HOH .  ? A HOH 406 ? 1_555 75.5  ? 
11 OD1 ? A ASP 97 ? A ASP 121 ? 1_555 CA ? B CA . ? A CA 301 ? 1_555 O   ? F HOH .  ? A HOH 408 ? 1_555 120.1 ? 
12 OD2 ? A ASP 97 ? A ASP 121 ? 1_555 CA ? B CA . ? A CA 301 ? 1_555 O   ? F HOH .  ? A HOH 408 ? 1_555 68.8  ? 
13 O   ? A PRO 98 ? A PRO 122 ? 1_555 CA ? B CA . ? A CA 301 ? 1_555 O   ? F HOH .  ? A HOH 408 ? 1_555 86.5  ? 
14 O   ? F HOH .  ? A HOH 403 ? 1_555 CA ? B CA . ? A CA 301 ? 1_555 O   ? F HOH .  ? A HOH 408 ? 1_555 148.0 ? 
15 O   ? F HOH .  ? A HOH 406 ? 1_555 CA ? B CA . ? A CA 301 ? 1_555 O   ? F HOH .  ? A HOH 408 ? 1_555 73.9  ? 
16 OD1 ? A ASP 97 ? A ASP 121 ? 1_555 CA ? B CA . ? A CA 301 ? 1_555 O   ? F HOH .  ? A HOH 419 ? 1_555 79.8  ? 
17 OD2 ? A ASP 97 ? A ASP 121 ? 1_555 CA ? B CA . ? A CA 301 ? 1_555 O   ? F HOH .  ? A HOH 419 ? 1_555 85.3  ? 
18 O   ? A PRO 98 ? A PRO 122 ? 1_555 CA ? B CA . ? A CA 301 ? 1_555 O   ? F HOH .  ? A HOH 419 ? 1_555 172.3 ? 
19 O   ? F HOH .  ? A HOH 403 ? 1_555 CA ? B CA . ? A CA 301 ? 1_555 O   ? F HOH .  ? A HOH 419 ? 1_555 101.3 ? 
20 O   ? F HOH .  ? A HOH 406 ? 1_555 CA ? B CA . ? A CA 301 ? 1_555 O   ? F HOH .  ? A HOH 419 ? 1_555 108.7 ? 
21 O   ? F HOH .  ? A HOH 408 ? 1_555 CA ? B CA . ? A CA 301 ? 1_555 O   ? F HOH .  ? A HOH 419 ? 1_555 96.8  ? 
# 
loop_
_pdbx_modification_feature.ordinal 
_pdbx_modification_feature.label_comp_id 
_pdbx_modification_feature.label_asym_id 
_pdbx_modification_feature.label_seq_id 
_pdbx_modification_feature.label_alt_id 
_pdbx_modification_feature.modified_residue_label_comp_id 
_pdbx_modification_feature.modified_residue_label_asym_id 
_pdbx_modification_feature.modified_residue_label_seq_id 
_pdbx_modification_feature.modified_residue_label_alt_id 
_pdbx_modification_feature.auth_comp_id 
_pdbx_modification_feature.auth_asym_id 
_pdbx_modification_feature.auth_seq_id 
_pdbx_modification_feature.PDB_ins_code 
_pdbx_modification_feature.symmetry 
_pdbx_modification_feature.modified_residue_auth_comp_id 
_pdbx_modification_feature.modified_residue_auth_asym_id 
_pdbx_modification_feature.modified_residue_auth_seq_id 
_pdbx_modification_feature.modified_residue_PDB_ins_code 
_pdbx_modification_feature.modified_residue_symmetry 
_pdbx_modification_feature.comp_id_linking_atom 
_pdbx_modification_feature.modified_residue_id_linking_atom 
_pdbx_modification_feature.modified_residue_id 
_pdbx_modification_feature.ref_pcm_id 
_pdbx_modification_feature.ref_comp_id 
_pdbx_modification_feature.type 
_pdbx_modification_feature.category 
1 CYS A 16 ? CYS A 146 ? CYS A 40  ? 1_555 CYS A 170 ? 1_555 SG SG . . . None 'Disulfide bridge' 
2 CYS A 87 ? CYS A 184 ? CYS A 111 ? 1_555 CYS A 208 ? 1_555 SG SG . . . None 'Disulfide bridge' 
# 
_struct_sheet.id               AA1 
_struct_sheet.type             ? 
_struct_sheet.number_strands   11 
_struct_sheet.details          ? 
# 
loop_
_struct_sheet_order.sheet_id 
_struct_sheet_order.range_id_1 
_struct_sheet_order.range_id_2 
_struct_sheet_order.offset 
_struct_sheet_order.sense 
AA1 1  2  ? anti-parallel 
AA1 2  3  ? anti-parallel 
AA1 3  4  ? anti-parallel 
AA1 4  5  ? anti-parallel 
AA1 5  6  ? anti-parallel 
AA1 6  7  ? anti-parallel 
AA1 7  8  ? anti-parallel 
AA1 8  9  ? anti-parallel 
AA1 9  10 ? anti-parallel 
AA1 10 11 ? anti-parallel 
# 
loop_
_struct_sheet_range.sheet_id 
_struct_sheet_range.id 
_struct_sheet_range.beg_label_comp_id 
_struct_sheet_range.beg_label_asym_id 
_struct_sheet_range.beg_label_seq_id 
_struct_sheet_range.pdbx_beg_PDB_ins_code 
_struct_sheet_range.end_label_comp_id 
_struct_sheet_range.end_label_asym_id 
_struct_sheet_range.end_label_seq_id 
_struct_sheet_range.pdbx_end_PDB_ins_code 
_struct_sheet_range.beg_auth_comp_id 
_struct_sheet_range.beg_auth_asym_id 
_struct_sheet_range.beg_auth_seq_id 
_struct_sheet_range.end_auth_comp_id 
_struct_sheet_range.end_auth_asym_id 
_struct_sheet_range.end_auth_seq_id 
AA1 1  CYS A 87  ? THR A 91  ? CYS A 111 THR A 115 
AA1 2  VAL A 76  ? GLU A 81  ? VAL A 100 GLU A 105 
AA1 3  PHE A 66  ? LEU A 71  ? PHE A 90  LEU A 95  
AA1 4  ARG A 49  ? GLU A 54  ? ARG A 73  GLU A 78  
AA1 5  ASN A 36  ? ASP A 44  ? ASN A 60  ASP A 68  
AA1 6  GLN A 21  ? ASP A 30  ? GLN A 45  ASP A 54  
AA1 7  THR A 161 ? LEU A 170 ? THR A 185 LEU A 194 
AA1 8  PRO A 148 ? TYR A 153 ? PRO A 172 TYR A 177 
AA1 9  TRP A 137 ? THR A 142 ? TRP A 161 THR A 166 
AA1 10 GLN A 119 ? SER A 126 ? GLN A 143 SER A 150 
AA1 11 THR A 106 ? GLY A 114 ? THR A 130 GLY A 138 
# 
loop_
_pdbx_struct_sheet_hbond.sheet_id 
_pdbx_struct_sheet_hbond.range_id_1 
_pdbx_struct_sheet_hbond.range_id_2 
_pdbx_struct_sheet_hbond.range_1_label_atom_id 
_pdbx_struct_sheet_hbond.range_1_label_comp_id 
_pdbx_struct_sheet_hbond.range_1_label_asym_id 
_pdbx_struct_sheet_hbond.range_1_label_seq_id 
_pdbx_struct_sheet_hbond.range_1_PDB_ins_code 
_pdbx_struct_sheet_hbond.range_1_auth_atom_id 
_pdbx_struct_sheet_hbond.range_1_auth_comp_id 
_pdbx_struct_sheet_hbond.range_1_auth_asym_id 
_pdbx_struct_sheet_hbond.range_1_auth_seq_id 
_pdbx_struct_sheet_hbond.range_2_label_atom_id 
_pdbx_struct_sheet_hbond.range_2_label_comp_id 
_pdbx_struct_sheet_hbond.range_2_label_asym_id 
_pdbx_struct_sheet_hbond.range_2_label_seq_id 
_pdbx_struct_sheet_hbond.range_2_PDB_ins_code 
_pdbx_struct_sheet_hbond.range_2_auth_atom_id 
_pdbx_struct_sheet_hbond.range_2_auth_comp_id 
_pdbx_struct_sheet_hbond.range_2_auth_asym_id 
_pdbx_struct_sheet_hbond.range_2_auth_seq_id 
AA1 1  2  O ASN A 90  ? O ASN A 114 N MET A 77  ? N MET A 101 
AA1 2  3  O PHE A 78  ? O PHE A 102 N ILE A 69  ? N ILE A 93  
AA1 3  4  O PHE A 70  ? O PHE A 94  N ILE A 50  ? N ILE A 74  
AA1 4  5  O ARG A 51  ? O ARG A 75  N THR A 42  ? N THR A 66  
AA1 5  6  O TYR A 43  ? O TYR A 67  N TRP A 22  ? N TRP A 46  
AA1 6  7  N TYR A 29  ? N TYR A 53  O SER A 162 ? O SER A 186 
AA1 7  8  O THR A 163 ? O THR A 187 N GLU A 151 ? N GLU A 175 
AA1 8  9  O GLN A 150 ? O GLN A 174 N VAL A 140 ? N VAL A 164 
AA1 9  10 O TYR A 141 ? O TYR A 165 N GLN A 123 ? N GLN A 147 
AA1 10 11 O VAL A 122 ? O VAL A 146 N TYR A 111 ? N TYR A 135 
# 
_pdbx_entry_details.entry_id                   6LXX 
_pdbx_entry_details.nonpolymer_details         ? 
_pdbx_entry_details.sequence_details           ? 
_pdbx_entry_details.compound_details           ? 
_pdbx_entry_details.source_details             ? 
_pdbx_entry_details.has_ligand_of_interest     Y 
_pdbx_entry_details.has_protein_modification   Y 
# 
_pdbx_validate_close_contact.id               1 
_pdbx_validate_close_contact.PDB_model_num    1 
_pdbx_validate_close_contact.auth_atom_id_1   ND2 
_pdbx_validate_close_contact.auth_asym_id_1   A 
_pdbx_validate_close_contact.auth_comp_id_1   ASN 
_pdbx_validate_close_contact.auth_seq_id_1    128 
_pdbx_validate_close_contact.PDB_ins_code_1   ? 
_pdbx_validate_close_contact.label_alt_id_1   ? 
_pdbx_validate_close_contact.auth_atom_id_2   O 
_pdbx_validate_close_contact.auth_asym_id_2   A 
_pdbx_validate_close_contact.auth_comp_id_2   HOH 
_pdbx_validate_close_contact.auth_seq_id_2    401 
_pdbx_validate_close_contact.PDB_ins_code_2   ? 
_pdbx_validate_close_contact.label_alt_id_2   ? 
_pdbx_validate_close_contact.dist             1.92 
# 
_pdbx_validate_symm_contact.id                1 
_pdbx_validate_symm_contact.PDB_model_num     1 
_pdbx_validate_symm_contact.auth_atom_id_1    CD2 
_pdbx_validate_symm_contact.auth_asym_id_1    A 
_pdbx_validate_symm_contact.auth_comp_id_1    HIS 
_pdbx_validate_symm_contact.auth_seq_id_1     55 
_pdbx_validate_symm_contact.PDB_ins_code_1    ? 
_pdbx_validate_symm_contact.label_alt_id_1    ? 
_pdbx_validate_symm_contact.site_symmetry_1   1_555 
_pdbx_validate_symm_contact.auth_atom_id_2    CD2 
_pdbx_validate_symm_contact.auth_asym_id_2    A 
_pdbx_validate_symm_contact.auth_comp_id_2    HIS 
_pdbx_validate_symm_contact.auth_seq_id_2     55 
_pdbx_validate_symm_contact.PDB_ins_code_2    ? 
_pdbx_validate_symm_contact.label_alt_id_2    ? 
_pdbx_validate_symm_contact.site_symmetry_2   12_554 
_pdbx_validate_symm_contact.dist              2.02 
# 
loop_
_pdbx_validate_torsion.id 
_pdbx_validate_torsion.PDB_model_num 
_pdbx_validate_torsion.auth_comp_id 
_pdbx_validate_torsion.auth_asym_id 
_pdbx_validate_torsion.auth_seq_id 
_pdbx_validate_torsion.PDB_ins_code 
_pdbx_validate_torsion.label_alt_id 
_pdbx_validate_torsion.phi 
_pdbx_validate_torsion.psi 
1 1 PHE A 83  ? ? 70.09   30.18 
2 1 ASN A 180 ? ? 91.82   63.00 
3 1 CYS A 208 ? ? -89.21  42.52 
4 1 GLN A 212 ? ? -101.97 77.86 
# 
loop_
_pdbx_validate_peptide_omega.id 
_pdbx_validate_peptide_omega.PDB_model_num 
_pdbx_validate_peptide_omega.auth_comp_id_1 
_pdbx_validate_peptide_omega.auth_asym_id_1 
_pdbx_validate_peptide_omega.auth_seq_id_1 
_pdbx_validate_peptide_omega.PDB_ins_code_1 
_pdbx_validate_peptide_omega.label_alt_id_1 
_pdbx_validate_peptide_omega.auth_comp_id_2 
_pdbx_validate_peptide_omega.auth_asym_id_2 
_pdbx_validate_peptide_omega.auth_seq_id_2 
_pdbx_validate_peptide_omega.PDB_ins_code_2 
_pdbx_validate_peptide_omega.label_alt_id_2 
_pdbx_validate_peptide_omega.omega 
1 1 ASP A 181 ? ? SER A 182 ? ? 140.10  
2 1 CYS A 208 ? ? GLU A 209 ? ? 149.73  
3 1 GLU A 209 ? ? ALA A 210 ? ? -146.55 
# 
loop_
_pdbx_struct_special_symmetry.id 
_pdbx_struct_special_symmetry.PDB_model_num 
_pdbx_struct_special_symmetry.auth_asym_id 
_pdbx_struct_special_symmetry.auth_comp_id 
_pdbx_struct_special_symmetry.auth_seq_id 
_pdbx_struct_special_symmetry.PDB_ins_code 
_pdbx_struct_special_symmetry.label_asym_id 
_pdbx_struct_special_symmetry.label_comp_id 
_pdbx_struct_special_symmetry.label_seq_id 
1 1 A IR  302 ? C IR  . 
2 1 A HOH 421 ? F HOH . 
# 
loop_
_pdbx_unobs_or_zero_occ_residues.id 
_pdbx_unobs_or_zero_occ_residues.PDB_model_num 
_pdbx_unobs_or_zero_occ_residues.polymer_flag 
_pdbx_unobs_or_zero_occ_residues.occupancy_flag 
_pdbx_unobs_or_zero_occ_residues.auth_asym_id 
_pdbx_unobs_or_zero_occ_residues.auth_comp_id 
_pdbx_unobs_or_zero_occ_residues.auth_seq_id 
_pdbx_unobs_or_zero_occ_residues.PDB_ins_code 
_pdbx_unobs_or_zero_occ_residues.label_asym_id 
_pdbx_unobs_or_zero_occ_residues.label_comp_id 
_pdbx_unobs_or_zero_occ_residues.label_seq_id 
1  1 Y 1 A ALA 25  ? A ALA 1   
2  1 Y 1 A ASP 26  ? A ASP 2   
3  1 Y 1 A PRO 27  ? A PRO 3   
4  1 Y 1 A HIS 28  ? A HIS 4   
5  1 Y 1 A HIS 29  ? A HIS 5   
6  1 Y 1 A HIS 30  ? A HIS 6   
7  1 Y 1 A HIS 31  ? A HIS 7   
8  1 Y 1 A SER 217 ? A SER 193 
9  1 Y 1 A GLY 218 ? A GLY 194 
10 1 Y 1 A ASP 219 ? A ASP 195 
11 1 Y 1 A CYS 220 ? A CYS 196 
# 
loop_
_chem_comp_atom.comp_id 
_chem_comp_atom.atom_id 
_chem_comp_atom.type_symbol 
_chem_comp_atom.pdbx_aromatic_flag 
_chem_comp_atom.pdbx_stereo_config 
_chem_comp_atom.pdbx_ordinal 
ALA N    N  N N 1   
ALA CA   C  N S 2   
ALA C    C  N N 3   
ALA O    O  N N 4   
ALA CB   C  N N 5   
ALA OXT  O  N N 6   
ALA H    H  N N 7   
ALA H2   H  N N 8   
ALA HA   H  N N 9   
ALA HB1  H  N N 10  
ALA HB2  H  N N 11  
ALA HB3  H  N N 12  
ALA HXT  H  N N 13  
ARG N    N  N N 14  
ARG CA   C  N S 15  
ARG C    C  N N 16  
ARG O    O  N N 17  
ARG CB   C  N N 18  
ARG CG   C  N N 19  
ARG CD   C  N N 20  
ARG NE   N  N N 21  
ARG CZ   C  N N 22  
ARG NH1  N  N N 23  
ARG NH2  N  N N 24  
ARG OXT  O  N N 25  
ARG H    H  N N 26  
ARG H2   H  N N 27  
ARG HA   H  N N 28  
ARG HB2  H  N N 29  
ARG HB3  H  N N 30  
ARG HG2  H  N N 31  
ARG HG3  H  N N 32  
ARG HD2  H  N N 33  
ARG HD3  H  N N 34  
ARG HE   H  N N 35  
ARG HH11 H  N N 36  
ARG HH12 H  N N 37  
ARG HH21 H  N N 38  
ARG HH22 H  N N 39  
ARG HXT  H  N N 40  
ASN N    N  N N 41  
ASN CA   C  N S 42  
ASN C    C  N N 43  
ASN O    O  N N 44  
ASN CB   C  N N 45  
ASN CG   C  N N 46  
ASN OD1  O  N N 47  
ASN ND2  N  N N 48  
ASN OXT  O  N N 49  
ASN H    H  N N 50  
ASN H2   H  N N 51  
ASN HA   H  N N 52  
ASN HB2  H  N N 53  
ASN HB3  H  N N 54  
ASN HD21 H  N N 55  
ASN HD22 H  N N 56  
ASN HXT  H  N N 57  
ASP N    N  N N 58  
ASP CA   C  N S 59  
ASP C    C  N N 60  
ASP O    O  N N 61  
ASP CB   C  N N 62  
ASP CG   C  N N 63  
ASP OD1  O  N N 64  
ASP OD2  O  N N 65  
ASP OXT  O  N N 66  
ASP H    H  N N 67  
ASP H2   H  N N 68  
ASP HA   H  N N 69  
ASP HB2  H  N N 70  
ASP HB3  H  N N 71  
ASP HD2  H  N N 72  
ASP HXT  H  N N 73  
CA  CA   CA N N 74  
CL  CL   CL N N 75  
CYS N    N  N N 76  
CYS CA   C  N R 77  
CYS C    C  N N 78  
CYS O    O  N N 79  
CYS CB   C  N N 80  
CYS SG   S  N N 81  
CYS OXT  O  N N 82  
CYS H    H  N N 83  
CYS H2   H  N N 84  
CYS HA   H  N N 85  
CYS HB2  H  N N 86  
CYS HB3  H  N N 87  
CYS HG   H  N N 88  
CYS HXT  H  N N 89  
GLN N    N  N N 90  
GLN CA   C  N S 91  
GLN C    C  N N 92  
GLN O    O  N N 93  
GLN CB   C  N N 94  
GLN CG   C  N N 95  
GLN CD   C  N N 96  
GLN OE1  O  N N 97  
GLN NE2  N  N N 98  
GLN OXT  O  N N 99  
GLN H    H  N N 100 
GLN H2   H  N N 101 
GLN HA   H  N N 102 
GLN HB2  H  N N 103 
GLN HB3  H  N N 104 
GLN HG2  H  N N 105 
GLN HG3  H  N N 106 
GLN HE21 H  N N 107 
GLN HE22 H  N N 108 
GLN HXT  H  N N 109 
GLU N    N  N N 110 
GLU CA   C  N S 111 
GLU C    C  N N 112 
GLU O    O  N N 113 
GLU CB   C  N N 114 
GLU CG   C  N N 115 
GLU CD   C  N N 116 
GLU OE1  O  N N 117 
GLU OE2  O  N N 118 
GLU OXT  O  N N 119 
GLU H    H  N N 120 
GLU H2   H  N N 121 
GLU HA   H  N N 122 
GLU HB2  H  N N 123 
GLU HB3  H  N N 124 
GLU HG2  H  N N 125 
GLU HG3  H  N N 126 
GLU HE2  H  N N 127 
GLU HXT  H  N N 128 
GLY N    N  N N 129 
GLY CA   C  N N 130 
GLY C    C  N N 131 
GLY O    O  N N 132 
GLY OXT  O  N N 133 
GLY H    H  N N 134 
GLY H2   H  N N 135 
GLY HA2  H  N N 136 
GLY HA3  H  N N 137 
GLY HXT  H  N N 138 
HIS N    N  N N 139 
HIS CA   C  N S 140 
HIS C    C  N N 141 
HIS O    O  N N 142 
HIS CB   C  N N 143 
HIS CG   C  Y N 144 
HIS ND1  N  Y N 145 
HIS CD2  C  Y N 146 
HIS CE1  C  Y N 147 
HIS NE2  N  Y N 148 
HIS OXT  O  N N 149 
HIS H    H  N N 150 
HIS H2   H  N N 151 
HIS HA   H  N N 152 
HIS HB2  H  N N 153 
HIS HB3  H  N N 154 
HIS HD1  H  N N 155 
HIS HD2  H  N N 156 
HIS HE1  H  N N 157 
HIS HE2  H  N N 158 
HIS HXT  H  N N 159 
HOH O    O  N N 160 
HOH H1   H  N N 161 
HOH H2   H  N N 162 
ILE N    N  N N 163 
ILE CA   C  N S 164 
ILE C    C  N N 165 
ILE O    O  N N 166 
ILE CB   C  N S 167 
ILE CG1  C  N N 168 
ILE CG2  C  N N 169 
ILE CD1  C  N N 170 
ILE OXT  O  N N 171 
ILE H    H  N N 172 
ILE H2   H  N N 173 
ILE HA   H  N N 174 
ILE HB   H  N N 175 
ILE HG12 H  N N 176 
ILE HG13 H  N N 177 
ILE HG21 H  N N 178 
ILE HG22 H  N N 179 
ILE HG23 H  N N 180 
ILE HD11 H  N N 181 
ILE HD12 H  N N 182 
ILE HD13 H  N N 183 
ILE HXT  H  N N 184 
IR  IR   IR N N 185 
LEU N    N  N N 186 
LEU CA   C  N S 187 
LEU C    C  N N 188 
LEU O    O  N N 189 
LEU CB   C  N N 190 
LEU CG   C  N N 191 
LEU CD1  C  N N 192 
LEU CD2  C  N N 193 
LEU OXT  O  N N 194 
LEU H    H  N N 195 
LEU H2   H  N N 196 
LEU HA   H  N N 197 
LEU HB2  H  N N 198 
LEU HB3  H  N N 199 
LEU HG   H  N N 200 
LEU HD11 H  N N 201 
LEU HD12 H  N N 202 
LEU HD13 H  N N 203 
LEU HD21 H  N N 204 
LEU HD22 H  N N 205 
LEU HD23 H  N N 206 
LEU HXT  H  N N 207 
LYS N    N  N N 208 
LYS CA   C  N S 209 
LYS C    C  N N 210 
LYS O    O  N N 211 
LYS CB   C  N N 212 
LYS CG   C  N N 213 
LYS CD   C  N N 214 
LYS CE   C  N N 215 
LYS NZ   N  N N 216 
LYS OXT  O  N N 217 
LYS H    H  N N 218 
LYS H2   H  N N 219 
LYS HA   H  N N 220 
LYS HB2  H  N N 221 
LYS HB3  H  N N 222 
LYS HG2  H  N N 223 
LYS HG3  H  N N 224 
LYS HD2  H  N N 225 
LYS HD3  H  N N 226 
LYS HE2  H  N N 227 
LYS HE3  H  N N 228 
LYS HZ1  H  N N 229 
LYS HZ2  H  N N 230 
LYS HZ3  H  N N 231 
LYS HXT  H  N N 232 
MET N    N  N N 233 
MET CA   C  N S 234 
MET C    C  N N 235 
MET O    O  N N 236 
MET CB   C  N N 237 
MET CG   C  N N 238 
MET SD   S  N N 239 
MET CE   C  N N 240 
MET OXT  O  N N 241 
MET H    H  N N 242 
MET H2   H  N N 243 
MET HA   H  N N 244 
MET HB2  H  N N 245 
MET HB3  H  N N 246 
MET HG2  H  N N 247 
MET HG3  H  N N 248 
MET HE1  H  N N 249 
MET HE2  H  N N 250 
MET HE3  H  N N 251 
MET HXT  H  N N 252 
PHE N    N  N N 253 
PHE CA   C  N S 254 
PHE C    C  N N 255 
PHE O    O  N N 256 
PHE CB   C  N N 257 
PHE CG   C  Y N 258 
PHE CD1  C  Y N 259 
PHE CD2  C  Y N 260 
PHE CE1  C  Y N 261 
PHE CE2  C  Y N 262 
PHE CZ   C  Y N 263 
PHE OXT  O  N N 264 
PHE H    H  N N 265 
PHE H2   H  N N 266 
PHE HA   H  N N 267 
PHE HB2  H  N N 268 
PHE HB3  H  N N 269 
PHE HD1  H  N N 270 
PHE HD2  H  N N 271 
PHE HE1  H  N N 272 
PHE HE2  H  N N 273 
PHE HZ   H  N N 274 
PHE HXT  H  N N 275 
PRO N    N  N N 276 
PRO CA   C  N S 277 
PRO C    C  N N 278 
PRO O    O  N N 279 
PRO CB   C  N N 280 
PRO CG   C  N N 281 
PRO CD   C  N N 282 
PRO OXT  O  N N 283 
PRO H    H  N N 284 
PRO HA   H  N N 285 
PRO HB2  H  N N 286 
PRO HB3  H  N N 287 
PRO HG2  H  N N 288 
PRO HG3  H  N N 289 
PRO HD2  H  N N 290 
PRO HD3  H  N N 291 
PRO HXT  H  N N 292 
SER N    N  N N 293 
SER CA   C  N S 294 
SER C    C  N N 295 
SER O    O  N N 296 
SER CB   C  N N 297 
SER OG   O  N N 298 
SER OXT  O  N N 299 
SER H    H  N N 300 
SER H2   H  N N 301 
SER HA   H  N N 302 
SER HB2  H  N N 303 
SER HB3  H  N N 304 
SER HG   H  N N 305 
SER HXT  H  N N 306 
THR N    N  N N 307 
THR CA   C  N S 308 
THR C    C  N N 309 
THR O    O  N N 310 
THR CB   C  N R 311 
THR OG1  O  N N 312 
THR CG2  C  N N 313 
THR OXT  O  N N 314 
THR H    H  N N 315 
THR H2   H  N N 316 
THR HA   H  N N 317 
THR HB   H  N N 318 
THR HG1  H  N N 319 
THR HG21 H  N N 320 
THR HG22 H  N N 321 
THR HG23 H  N N 322 
THR HXT  H  N N 323 
TRP N    N  N N 324 
TRP CA   C  N S 325 
TRP C    C  N N 326 
TRP O    O  N N 327 
TRP CB   C  N N 328 
TRP CG   C  Y N 329 
TRP CD1  C  Y N 330 
TRP CD2  C  Y N 331 
TRP NE1  N  Y N 332 
TRP CE2  C  Y N 333 
TRP CE3  C  Y N 334 
TRP CZ2  C  Y N 335 
TRP CZ3  C  Y N 336 
TRP CH2  C  Y N 337 
TRP OXT  O  N N 338 
TRP H    H  N N 339 
TRP H2   H  N N 340 
TRP HA   H  N N 341 
TRP HB2  H  N N 342 
TRP HB3  H  N N 343 
TRP HD1  H  N N 344 
TRP HE1  H  N N 345 
TRP HE3  H  N N 346 
TRP HZ2  H  N N 347 
TRP HZ3  H  N N 348 
TRP HH2  H  N N 349 
TRP HXT  H  N N 350 
TYR N    N  N N 351 
TYR CA   C  N S 352 
TYR C    C  N N 353 
TYR O    O  N N 354 
TYR CB   C  N N 355 
TYR CG   C  Y N 356 
TYR CD1  C  Y N 357 
TYR CD2  C  Y N 358 
TYR CE1  C  Y N 359 
TYR CE2  C  Y N 360 
TYR CZ   C  Y N 361 
TYR OH   O  N N 362 
TYR OXT  O  N N 363 
TYR H    H  N N 364 
TYR H2   H  N N 365 
TYR HA   H  N N 366 
TYR HB2  H  N N 367 
TYR HB3  H  N N 368 
TYR HD1  H  N N 369 
TYR HD2  H  N N 370 
TYR HE1  H  N N 371 
TYR HE2  H  N N 372 
TYR HH   H  N N 373 
TYR HXT  H  N N 374 
VAL N    N  N N 375 
VAL CA   C  N S 376 
VAL C    C  N N 377 
VAL O    O  N N 378 
VAL CB   C  N N 379 
VAL CG1  C  N N 380 
VAL CG2  C  N N 381 
VAL OXT  O  N N 382 
VAL H    H  N N 383 
VAL H2   H  N N 384 
VAL HA   H  N N 385 
VAL HB   H  N N 386 
VAL HG11 H  N N 387 
VAL HG12 H  N N 388 
VAL HG13 H  N N 389 
VAL HG21 H  N N 390 
VAL HG22 H  N N 391 
VAL HG23 H  N N 392 
VAL HXT  H  N N 393 
# 
loop_
_chem_comp_bond.comp_id 
_chem_comp_bond.atom_id_1 
_chem_comp_bond.atom_id_2 
_chem_comp_bond.value_order 
_chem_comp_bond.pdbx_aromatic_flag 
_chem_comp_bond.pdbx_stereo_config 
_chem_comp_bond.pdbx_ordinal 
ALA N   CA   sing N N 1   
ALA N   H    sing N N 2   
ALA N   H2   sing N N 3   
ALA CA  C    sing N N 4   
ALA CA  CB   sing N N 5   
ALA CA  HA   sing N N 6   
ALA C   O    doub N N 7   
ALA C   OXT  sing N N 8   
ALA CB  HB1  sing N N 9   
ALA CB  HB2  sing N N 10  
ALA CB  HB3  sing N N 11  
ALA OXT HXT  sing N N 12  
ARG N   CA   sing N N 13  
ARG N   H    sing N N 14  
ARG N   H2   sing N N 15  
ARG CA  C    sing N N 16  
ARG CA  CB   sing N N 17  
ARG CA  HA   sing N N 18  
ARG C   O    doub N N 19  
ARG C   OXT  sing N N 20  
ARG CB  CG   sing N N 21  
ARG CB  HB2  sing N N 22  
ARG CB  HB3  sing N N 23  
ARG CG  CD   sing N N 24  
ARG CG  HG2  sing N N 25  
ARG CG  HG3  sing N N 26  
ARG CD  NE   sing N N 27  
ARG CD  HD2  sing N N 28  
ARG CD  HD3  sing N N 29  
ARG NE  CZ   sing N N 30  
ARG NE  HE   sing N N 31  
ARG CZ  NH1  sing N N 32  
ARG CZ  NH2  doub N N 33  
ARG NH1 HH11 sing N N 34  
ARG NH1 HH12 sing N N 35  
ARG NH2 HH21 sing N N 36  
ARG NH2 HH22 sing N N 37  
ARG OXT HXT  sing N N 38  
ASN N   CA   sing N N 39  
ASN N   H    sing N N 40  
ASN N   H2   sing N N 41  
ASN CA  C    sing N N 42  
ASN CA  CB   sing N N 43  
ASN CA  HA   sing N N 44  
ASN C   O    doub N N 45  
ASN C   OXT  sing N N 46  
ASN CB  CG   sing N N 47  
ASN CB  HB2  sing N N 48  
ASN CB  HB3  sing N N 49  
ASN CG  OD1  doub N N 50  
ASN CG  ND2  sing N N 51  
ASN ND2 HD21 sing N N 52  
ASN ND2 HD22 sing N N 53  
ASN OXT HXT  sing N N 54  
ASP N   CA   sing N N 55  
ASP N   H    sing N N 56  
ASP N   H2   sing N N 57  
ASP CA  C    sing N N 58  
ASP CA  CB   sing N N 59  
ASP CA  HA   sing N N 60  
ASP C   O    doub N N 61  
ASP C   OXT  sing N N 62  
ASP CB  CG   sing N N 63  
ASP CB  HB2  sing N N 64  
ASP CB  HB3  sing N N 65  
ASP CG  OD1  doub N N 66  
ASP CG  OD2  sing N N 67  
ASP OD2 HD2  sing N N 68  
ASP OXT HXT  sing N N 69  
CYS N   CA   sing N N 70  
CYS N   H    sing N N 71  
CYS N   H2   sing N N 72  
CYS CA  C    sing N N 73  
CYS CA  CB   sing N N 74  
CYS CA  HA   sing N N 75  
CYS C   O    doub N N 76  
CYS C   OXT  sing N N 77  
CYS CB  SG   sing N N 78  
CYS CB  HB2  sing N N 79  
CYS CB  HB3  sing N N 80  
CYS SG  HG   sing N N 81  
CYS OXT HXT  sing N N 82  
GLN N   CA   sing N N 83  
GLN N   H    sing N N 84  
GLN N   H2   sing N N 85  
GLN CA  C    sing N N 86  
GLN CA  CB   sing N N 87  
GLN CA  HA   sing N N 88  
GLN C   O    doub N N 89  
GLN C   OXT  sing N N 90  
GLN CB  CG   sing N N 91  
GLN CB  HB2  sing N N 92  
GLN CB  HB3  sing N N 93  
GLN CG  CD   sing N N 94  
GLN CG  HG2  sing N N 95  
GLN CG  HG3  sing N N 96  
GLN CD  OE1  doub N N 97  
GLN CD  NE2  sing N N 98  
GLN NE2 HE21 sing N N 99  
GLN NE2 HE22 sing N N 100 
GLN OXT HXT  sing N N 101 
GLU N   CA   sing N N 102 
GLU N   H    sing N N 103 
GLU N   H2   sing N N 104 
GLU CA  C    sing N N 105 
GLU CA  CB   sing N N 106 
GLU CA  HA   sing N N 107 
GLU C   O    doub N N 108 
GLU C   OXT  sing N N 109 
GLU CB  CG   sing N N 110 
GLU CB  HB2  sing N N 111 
GLU CB  HB3  sing N N 112 
GLU CG  CD   sing N N 113 
GLU CG  HG2  sing N N 114 
GLU CG  HG3  sing N N 115 
GLU CD  OE1  doub N N 116 
GLU CD  OE2  sing N N 117 
GLU OE2 HE2  sing N N 118 
GLU OXT HXT  sing N N 119 
GLY N   CA   sing N N 120 
GLY N   H    sing N N 121 
GLY N   H2   sing N N 122 
GLY CA  C    sing N N 123 
GLY CA  HA2  sing N N 124 
GLY CA  HA3  sing N N 125 
GLY C   O    doub N N 126 
GLY C   OXT  sing N N 127 
GLY OXT HXT  sing N N 128 
HIS N   CA   sing N N 129 
HIS N   H    sing N N 130 
HIS N   H2   sing N N 131 
HIS CA  C    sing N N 132 
HIS CA  CB   sing N N 133 
HIS CA  HA   sing N N 134 
HIS C   O    doub N N 135 
HIS C   OXT  sing N N 136 
HIS CB  CG   sing N N 137 
HIS CB  HB2  sing N N 138 
HIS CB  HB3  sing N N 139 
HIS CG  ND1  sing Y N 140 
HIS CG  CD2  doub Y N 141 
HIS ND1 CE1  doub Y N 142 
HIS ND1 HD1  sing N N 143 
HIS CD2 NE2  sing Y N 144 
HIS CD2 HD2  sing N N 145 
HIS CE1 NE2  sing Y N 146 
HIS CE1 HE1  sing N N 147 
HIS NE2 HE2  sing N N 148 
HIS OXT HXT  sing N N 149 
HOH O   H1   sing N N 150 
HOH O   H2   sing N N 151 
ILE N   CA   sing N N 152 
ILE N   H    sing N N 153 
ILE N   H2   sing N N 154 
ILE CA  C    sing N N 155 
ILE CA  CB   sing N N 156 
ILE CA  HA   sing N N 157 
ILE C   O    doub N N 158 
ILE C   OXT  sing N N 159 
ILE CB  CG1  sing N N 160 
ILE CB  CG2  sing N N 161 
ILE CB  HB   sing N N 162 
ILE CG1 CD1  sing N N 163 
ILE CG1 HG12 sing N N 164 
ILE CG1 HG13 sing N N 165 
ILE CG2 HG21 sing N N 166 
ILE CG2 HG22 sing N N 167 
ILE CG2 HG23 sing N N 168 
ILE CD1 HD11 sing N N 169 
ILE CD1 HD12 sing N N 170 
ILE CD1 HD13 sing N N 171 
ILE OXT HXT  sing N N 172 
LEU N   CA   sing N N 173 
LEU N   H    sing N N 174 
LEU N   H2   sing N N 175 
LEU CA  C    sing N N 176 
LEU CA  CB   sing N N 177 
LEU CA  HA   sing N N 178 
LEU C   O    doub N N 179 
LEU C   OXT  sing N N 180 
LEU CB  CG   sing N N 181 
LEU CB  HB2  sing N N 182 
LEU CB  HB3  sing N N 183 
LEU CG  CD1  sing N N 184 
LEU CG  CD2  sing N N 185 
LEU CG  HG   sing N N 186 
LEU CD1 HD11 sing N N 187 
LEU CD1 HD12 sing N N 188 
LEU CD1 HD13 sing N N 189 
LEU CD2 HD21 sing N N 190 
LEU CD2 HD22 sing N N 191 
LEU CD2 HD23 sing N N 192 
LEU OXT HXT  sing N N 193 
LYS N   CA   sing N N 194 
LYS N   H    sing N N 195 
LYS N   H2   sing N N 196 
LYS CA  C    sing N N 197 
LYS CA  CB   sing N N 198 
LYS CA  HA   sing N N 199 
LYS C   O    doub N N 200 
LYS C   OXT  sing N N 201 
LYS CB  CG   sing N N 202 
LYS CB  HB2  sing N N 203 
LYS CB  HB3  sing N N 204 
LYS CG  CD   sing N N 205 
LYS CG  HG2  sing N N 206 
LYS CG  HG3  sing N N 207 
LYS CD  CE   sing N N 208 
LYS CD  HD2  sing N N 209 
LYS CD  HD3  sing N N 210 
LYS CE  NZ   sing N N 211 
LYS CE  HE2  sing N N 212 
LYS CE  HE3  sing N N 213 
LYS NZ  HZ1  sing N N 214 
LYS NZ  HZ2  sing N N 215 
LYS NZ  HZ3  sing N N 216 
LYS OXT HXT  sing N N 217 
MET N   CA   sing N N 218 
MET N   H    sing N N 219 
MET N   H2   sing N N 220 
MET CA  C    sing N N 221 
MET CA  CB   sing N N 222 
MET CA  HA   sing N N 223 
MET C   O    doub N N 224 
MET C   OXT  sing N N 225 
MET CB  CG   sing N N 226 
MET CB  HB2  sing N N 227 
MET CB  HB3  sing N N 228 
MET CG  SD   sing N N 229 
MET CG  HG2  sing N N 230 
MET CG  HG3  sing N N 231 
MET SD  CE   sing N N 232 
MET CE  HE1  sing N N 233 
MET CE  HE2  sing N N 234 
MET CE  HE3  sing N N 235 
MET OXT HXT  sing N N 236 
PHE N   CA   sing N N 237 
PHE N   H    sing N N 238 
PHE N   H2   sing N N 239 
PHE CA  C    sing N N 240 
PHE CA  CB   sing N N 241 
PHE CA  HA   sing N N 242 
PHE C   O    doub N N 243 
PHE C   OXT  sing N N 244 
PHE CB  CG   sing N N 245 
PHE CB  HB2  sing N N 246 
PHE CB  HB3  sing N N 247 
PHE CG  CD1  doub Y N 248 
PHE CG  CD2  sing Y N 249 
PHE CD1 CE1  sing Y N 250 
PHE CD1 HD1  sing N N 251 
PHE CD2 CE2  doub Y N 252 
PHE CD2 HD2  sing N N 253 
PHE CE1 CZ   doub Y N 254 
PHE CE1 HE1  sing N N 255 
PHE CE2 CZ   sing Y N 256 
PHE CE2 HE2  sing N N 257 
PHE CZ  HZ   sing N N 258 
PHE OXT HXT  sing N N 259 
PRO N   CA   sing N N 260 
PRO N   CD   sing N N 261 
PRO N   H    sing N N 262 
PRO CA  C    sing N N 263 
PRO CA  CB   sing N N 264 
PRO CA  HA   sing N N 265 
PRO C   O    doub N N 266 
PRO C   OXT  sing N N 267 
PRO CB  CG   sing N N 268 
PRO CB  HB2  sing N N 269 
PRO CB  HB3  sing N N 270 
PRO CG  CD   sing N N 271 
PRO CG  HG2  sing N N 272 
PRO CG  HG3  sing N N 273 
PRO CD  HD2  sing N N 274 
PRO CD  HD3  sing N N 275 
PRO OXT HXT  sing N N 276 
SER N   CA   sing N N 277 
SER N   H    sing N N 278 
SER N   H2   sing N N 279 
SER CA  C    sing N N 280 
SER CA  CB   sing N N 281 
SER CA  HA   sing N N 282 
SER C   O    doub N N 283 
SER C   OXT  sing N N 284 
SER CB  OG   sing N N 285 
SER CB  HB2  sing N N 286 
SER CB  HB3  sing N N 287 
SER OG  HG   sing N N 288 
SER OXT HXT  sing N N 289 
THR N   CA   sing N N 290 
THR N   H    sing N N 291 
THR N   H2   sing N N 292 
THR CA  C    sing N N 293 
THR CA  CB   sing N N 294 
THR CA  HA   sing N N 295 
THR C   O    doub N N 296 
THR C   OXT  sing N N 297 
THR CB  OG1  sing N N 298 
THR CB  CG2  sing N N 299 
THR CB  HB   sing N N 300 
THR OG1 HG1  sing N N 301 
THR CG2 HG21 sing N N 302 
THR CG2 HG22 sing N N 303 
THR CG2 HG23 sing N N 304 
THR OXT HXT  sing N N 305 
TRP N   CA   sing N N 306 
TRP N   H    sing N N 307 
TRP N   H2   sing N N 308 
TRP CA  C    sing N N 309 
TRP CA  CB   sing N N 310 
TRP CA  HA   sing N N 311 
TRP C   O    doub N N 312 
TRP C   OXT  sing N N 313 
TRP CB  CG   sing N N 314 
TRP CB  HB2  sing N N 315 
TRP CB  HB3  sing N N 316 
TRP CG  CD1  doub Y N 317 
TRP CG  CD2  sing Y N 318 
TRP CD1 NE1  sing Y N 319 
TRP CD1 HD1  sing N N 320 
TRP CD2 CE2  doub Y N 321 
TRP CD2 CE3  sing Y N 322 
TRP NE1 CE2  sing Y N 323 
TRP NE1 HE1  sing N N 324 
TRP CE2 CZ2  sing Y N 325 
TRP CE3 CZ3  doub Y N 326 
TRP CE3 HE3  sing N N 327 
TRP CZ2 CH2  doub Y N 328 
TRP CZ2 HZ2  sing N N 329 
TRP CZ3 CH2  sing Y N 330 
TRP CZ3 HZ3  sing N N 331 
TRP CH2 HH2  sing N N 332 
TRP OXT HXT  sing N N 333 
TYR N   CA   sing N N 334 
TYR N   H    sing N N 335 
TYR N   H2   sing N N 336 
TYR CA  C    sing N N 337 
TYR CA  CB   sing N N 338 
TYR CA  HA   sing N N 339 
TYR C   O    doub N N 340 
TYR C   OXT  sing N N 341 
TYR CB  CG   sing N N 342 
TYR CB  HB2  sing N N 343 
TYR CB  HB3  sing N N 344 
TYR CG  CD1  doub Y N 345 
TYR CG  CD2  sing Y N 346 
TYR CD1 CE1  sing Y N 347 
TYR CD1 HD1  sing N N 348 
TYR CD2 CE2  doub Y N 349 
TYR CD2 HD2  sing N N 350 
TYR CE1 CZ   doub Y N 351 
TYR CE1 HE1  sing N N 352 
TYR CE2 CZ   sing Y N 353 
TYR CE2 HE2  sing N N 354 
TYR CZ  OH   sing N N 355 
TYR OH  HH   sing N N 356 
TYR OXT HXT  sing N N 357 
VAL N   CA   sing N N 358 
VAL N   H    sing N N 359 
VAL N   H2   sing N N 360 
VAL CA  C    sing N N 361 
VAL CA  CB   sing N N 362 
VAL CA  HA   sing N N 363 
VAL C   O    doub N N 364 
VAL C   OXT  sing N N 365 
VAL CB  CG1  sing N N 366 
VAL CB  CG2  sing N N 367 
VAL CB  HB   sing N N 368 
VAL CG1 HG11 sing N N 369 
VAL CG1 HG12 sing N N 370 
VAL CG1 HG13 sing N N 371 
VAL CG2 HG21 sing N N 372 
VAL CG2 HG22 sing N N 373 
VAL CG2 HG23 sing N N 374 
VAL OXT HXT  sing N N 375 
# 
_pdbx_audit_support.funding_organization   'National Research Foundation (NRF, Korea)' 
_pdbx_audit_support.country                'Korea, Republic Of' 
_pdbx_audit_support.grant_number           2019R1F1A1059170 
_pdbx_audit_support.ordinal                1 
# 
_pdbx_initial_refinement_model.id               1 
_pdbx_initial_refinement_model.entity_id_list   ? 
_pdbx_initial_refinement_model.type             'experimental model' 
_pdbx_initial_refinement_model.source_name      PDB 
_pdbx_initial_refinement_model.accession_code   6JL9 
_pdbx_initial_refinement_model.details          ? 
# 
_atom_sites.entry_id                    6LXX 
_atom_sites.Cartn_transf_matrix[1][1]   ? 
_atom_sites.Cartn_transf_matrix[1][2]   ? 
_atom_sites.Cartn_transf_matrix[1][3]   ? 
_atom_sites.Cartn_transf_matrix[2][1]   ? 
_atom_sites.Cartn_transf_matrix[2][2]   ? 
_atom_sites.Cartn_transf_matrix[2][3]   ? 
_atom_sites.Cartn_transf_matrix[3][1]   ? 
_atom_sites.Cartn_transf_matrix[3][2]   ? 
_atom_sites.Cartn_transf_matrix[3][3]   ? 
_atom_sites.Cartn_transf_vector[1]      ? 
_atom_sites.Cartn_transf_vector[2]      ? 
_atom_sites.Cartn_transf_vector[3]      ? 
_atom_sites.fract_transf_matrix[1][1]   0.01212920 
_atom_sites.fract_transf_matrix[1][2]   0.01077492 
_atom_sites.fract_transf_matrix[1][3]   0.00914103 
_atom_sites.fract_transf_matrix[2][1]   0.01245170 
_atom_sites.fract_transf_matrix[2][2]   -0.00769241 
_atom_sites.fract_transf_matrix[2][3]   0.01151352 
_atom_sites.fract_transf_matrix[3][1]   0.00277273 
_atom_sites.fract_transf_matrix[3][2]   -0.00036844 
_atom_sites.fract_transf_matrix[3][3]   -0.00324483 
_atom_sites.fract_transf_vector[1]      -0.446069 
_atom_sites.fract_transf_vector[2]      -0.378321 
_atom_sites.fract_transf_vector[3]      -0.047027 
_atom_sites.solution_primary            ? 
_atom_sites.solution_secondary          ? 
_atom_sites.solution_hydrogens          ? 
_atom_sites.special_details             ? 
# 
loop_
_atom_type.symbol 
C  
CA 
CL 
IR 
N  
O  
S  
# 
loop_
_atom_site.group_PDB 
_atom_site.id 
_atom_site.type_symbol 
_atom_site.label_atom_id 
_atom_site.label_alt_id 
_atom_site.label_comp_id 
_atom_site.label_asym_id 
_atom_site.label_entity_id 
_atom_site.label_seq_id 
_atom_site.pdbx_PDB_ins_code 
_atom_site.Cartn_x 
_atom_site.Cartn_y 
_atom_site.Cartn_z 
_atom_site.occupancy 
_atom_site.B_iso_or_equiv 
_atom_site.pdbx_formal_charge 
_atom_site.auth_seq_id 
_atom_site.auth_comp_id 
_atom_site.auth_asym_id 
_atom_site.auth_atom_id 
_atom_site.pdbx_PDB_model_num 
ATOM   1    N  N   . HIS A 1 8   ? -8.382  11.896  30.953  1.00 67.22  ? 32  HIS A N   1 
ATOM   2    C  CA  . HIS A 1 8   ? -9.301  11.975  29.751  1.00 75.44  ? 32  HIS A CA  1 
ATOM   3    C  C   . HIS A 1 8   ? -8.626  12.678  28.560  1.00 76.87  ? 32  HIS A C   1 
ATOM   4    O  O   . HIS A 1 8   ? -8.485  13.910  28.615  1.00 70.85  ? 32  HIS A O   1 
ATOM   5    C  CB  . HIS A 1 8   ? -10.625 12.691  30.071  1.00 67.52  ? 32  HIS A CB  1 
ATOM   6    C  CG  . HIS A 1 8   ? -11.552 12.706  28.896  1.00 62.76  ? 32  HIS A CG  1 
ATOM   7    N  ND1 . HIS A 1 8   ? -12.576 11.784  28.748  1.00 58.21  ? 32  HIS A ND1 1 
ATOM   8    C  CD2 . HIS A 1 8   ? -11.568 13.477  27.782  1.00 57.56  ? 32  HIS A CD2 1 
ATOM   9    C  CE1 . HIS A 1 8   ? -13.197 12.005  27.605  1.00 60.10  ? 32  HIS A CE1 1 
ATOM   10   N  NE2 . HIS A 1 8   ? -12.591 13.029  26.993  1.00 57.47  ? 32  HIS A NE2 1 
ATOM   11   N  N   . HIS A 1 9   ? -8.287  11.930  27.499  1.00 85.41  ? 33  HIS A N   1 
ATOM   12   C  CA  . HIS A 1 9   ? -7.744  12.466  26.217  1.00 84.87  ? 33  HIS A CA  1 
ATOM   13   C  C   . HIS A 1 9   ? -8.936  12.775  25.289  1.00 76.12  ? 33  HIS A C   1 
ATOM   14   O  O   . HIS A 1 9   ? -9.855  11.910  25.160  1.00 50.97  ? 33  HIS A O   1 
ATOM   15   C  CB  . HIS A 1 9   ? -6.681  11.512  25.603  1.00 103.71 ? 33  HIS A CB  1 
ATOM   16   C  CG  . HIS A 1 9   ? -5.433  11.283  26.419  1.00 112.36 ? 33  HIS A CG  1 
ATOM   17   N  ND1 . HIS A 1 9   ? -4.744  12.309  27.068  1.00 102.70 ? 33  HIS A ND1 1 
ATOM   18   C  CD2 . HIS A 1 9   ? -4.722  10.151  26.662  1.00 104.44 ? 33  HIS A CD2 1 
ATOM   19   C  CE1 . HIS A 1 9   ? -3.695  11.810  27.700  1.00 105.70 ? 33  HIS A CE1 1 
ATOM   20   N  NE2 . HIS A 1 9   ? -3.656  10.486  27.460  1.00 106.02 ? 33  HIS A NE2 1 
ATOM   21   N  N   . HIS A 1 10  ? -8.967  13.988  24.717  1.00 66.83  ? 34  HIS A N   1 
ATOM   22   C  CA  . HIS A 1 10  ? -9.936  14.405  23.668  1.00 66.93  ? 34  HIS A CA  1 
ATOM   23   C  C   . HIS A 1 10  ? -9.819  13.452  22.473  1.00 60.11  ? 34  HIS A C   1 
ATOM   24   O  O   . HIS A 1 10  ? -8.710  13.213  22.007  1.00 58.68  ? 34  HIS A O   1 
ATOM   25   C  CB  . HIS A 1 10  ? -9.735  15.883  23.268  1.00 75.41  ? 34  HIS A CB  1 
ATOM   26   C  CG  . HIS A 1 10  ? -10.795 16.811  23.770  1.00 75.64  ? 34  HIS A CG  1 
ATOM   27   N  ND1 . HIS A 1 10  ? -11.298 17.843  22.996  1.00 70.47  ? 34  HIS A ND1 1 
ATOM   28   C  CD2 . HIS A 1 10  ? -11.446 16.870  24.960  1.00 77.63  ? 34  HIS A CD2 1 
ATOM   29   C  CE1 . HIS A 1 10  ? -12.215 18.497  23.688  1.00 75.77  ? 34  HIS A CE1 1 
ATOM   30   N  NE2 . HIS A 1 10  ? -12.326 17.915  24.905  1.00 70.06  ? 34  HIS A NE2 1 
ATOM   31   N  N   . HIS A 1 11  ? -10.942 12.862  22.080  1.00 65.73  ? 35  HIS A N   1 
ATOM   32   C  CA  . HIS A 1 11  ? -11.166 12.162  20.795  1.00 69.53  ? 35  HIS A CA  1 
ATOM   33   C  C   . HIS A 1 11  ? -10.714 13.134  19.710  1.00 65.22  ? 35  HIS A C   1 
ATOM   34   O  O   . HIS A 1 11  ? -11.279 14.215  19.598  1.00 71.02  ? 35  HIS A O   1 
ATOM   35   C  CB  . HIS A 1 11  ? -12.656 11.777  20.791  1.00 82.25  ? 35  HIS A CB  1 
ATOM   36   C  CG  . HIS A 1 11  ? -13.204 11.086  19.587  1.00 94.66  ? 35  HIS A CG  1 
ATOM   37   N  ND1 . HIS A 1 11  ? -13.979 9.943   19.698  1.00 98.07  ? 35  HIS A ND1 1 
ATOM   38   C  CD2 . HIS A 1 11  ? -13.200 11.409  18.274  1.00 100.71 ? 35  HIS A CD2 1 
ATOM   39   C  CE1 . HIS A 1 11  ? -14.387 9.568   18.501  1.00 102.20 ? 35  HIS A CE1 1 
ATOM   40   N  NE2 . HIS A 1 11  ? -13.923 10.450  17.608  1.00 98.00  ? 35  HIS A NE2 1 
ATOM   41   N  N   . PRO A 1 12  ? -9.651  12.845  18.925  1.00 60.03  ? 36  PRO A N   1 
ATOM   42   C  CA  . PRO A 1 12  ? -9.192  13.789  17.900  1.00 53.29  ? 36  PRO A CA  1 
ATOM   43   C  C   . PRO A 1 12  ? -10.257 14.059  16.822  1.00 51.36  ? 36  PRO A C   1 
ATOM   44   O  O   . PRO A 1 12  ? -10.862 13.101  16.359  1.00 46.15  ? 36  PRO A O   1 
ATOM   45   C  CB  . PRO A 1 12  ? -7.935  13.128  17.298  1.00 58.39  ? 36  PRO A CB  1 
ATOM   46   C  CG  . PRO A 1 12  ? -8.028  11.657  17.697  1.00 55.57  ? 36  PRO A CG  1 
ATOM   47   C  CD  . PRO A 1 12  ? -8.853  11.608  18.970  1.00 53.85  ? 36  PRO A CD  1 
ATOM   48   N  N   . VAL A 1 13  ? -10.434 15.336  16.435  1.00 50.76  ? 37  VAL A N   1 
ATOM   49   C  CA  . VAL A 1 13  ? -11.573 15.814  15.591  1.00 54.15  ? 37  VAL A CA  1 
ATOM   50   C  C   . VAL A 1 13  ? -11.387 15.320  14.159  1.00 52.44  ? 37  VAL A C   1 
ATOM   51   O  O   . VAL A 1 13  ? -12.395 15.056  13.500  1.00 45.43  ? 37  VAL A O   1 
ATOM   52   C  CB  . VAL A 1 13  ? -11.753 17.351  15.603  1.00 59.37  ? 37  VAL A CB  1 
ATOM   53   C  CG1 . VAL A 1 13  ? -12.367 17.838  16.905  1.00 61.33  ? 37  VAL A CG1 1 
ATOM   54   C  CG2 . VAL A 1 13  ? -10.470 18.108  15.300  1.00 58.46  ? 37  VAL A CG2 1 
ATOM   55   N  N   . THR A 1 14  ? -10.152 15.325  13.663  1.00 52.33  ? 38  THR A N   1 
ATOM   56   C  CA  . THR A 1 14  ? -9.781  14.708  12.366  1.00 52.90  ? 38  THR A CA  1 
ATOM   57   C  C   . THR A 1 14  ? -8.497  13.921  12.563  1.00 48.41  ? 38  THR A C   1 
ATOM   58   O  O   . THR A 1 14  ? -7.693  14.229  13.452  1.00 43.72  ? 38  THR A O   1 
ATOM   59   C  CB  . THR A 1 14  ? -9.515  15.719  11.238  1.00 54.13  ? 38  THR A CB  1 
ATOM   60   O  OG1 . THR A 1 14  ? -8.757  16.802  11.778  1.00 51.98  ? 38  THR A OG1 1 
ATOM   61   C  CG2 . THR A 1 14  ? -10.785 16.205  10.586  1.00 53.04  ? 38  THR A CG2 1 
ATOM   62   N  N   . PRO A 1 15  ? -8.266  12.919  11.697  1.00 51.52  ? 39  PRO A N   1 
ATOM   63   C  CA  . PRO A 1 15  ? -7.046  12.116  11.778  1.00 49.87  ? 39  PRO A CA  1 
ATOM   64   C  C   . PRO A 1 15  ? -5.848  12.984  11.392  1.00 43.06  ? 39  PRO A C   1 
ATOM   65   O  O   . PRO A 1 15  ? -6.069  13.960  10.731  1.00 45.16  ? 39  PRO A O   1 
ATOM   66   C  CB  . PRO A 1 15  ? -7.272  10.952  10.795  1.00 53.40  ? 39  PRO A CB  1 
ATOM   67   C  CG  . PRO A 1 15  ? -8.476  11.350  9.924   1.00 50.33  ? 39  PRO A CG  1 
ATOM   68   C  CD  . PRO A 1 15  ? -9.194  12.476  10.638  1.00 49.61  ? 39  PRO A CD  1 
ATOM   69   N  N   . CYS A 1 16  ? -4.645  12.624  11.842  1.00 44.62  ? 40  CYS A N   1 
ATOM   70   C  CA  . CYS A 1 16  ? -3.358  13.168  11.342  1.00 49.47  ? 40  CYS A CA  1 
ATOM   71   C  C   . CYS A 1 16  ? -3.335  13.039  9.805   1.00 54.10  ? 40  CYS A C   1 
ATOM   72   O  O   . CYS A 1 16  ? -4.131  12.242  9.250   1.00 53.01  ? 40  CYS A O   1 
ATOM   73   C  CB  . CYS A 1 16  ? -2.160  12.443  11.959  1.00 55.72  ? 40  CYS A CB  1 
ATOM   74   S  SG  . CYS A 1 16  ? -2.140  10.630  11.734  1.00 64.15  ? 40  CYS A SG  1 
ATOM   75   N  N   . GLU A 1 17  ? -2.444  13.774  9.138   1.00 53.23  ? 41  GLU A N   1 
ATOM   76   C  CA  . GLU A 1 17  ? -2.266  13.729  7.663   1.00 53.89  ? 41  GLU A CA  1 
ATOM   77   C  C   . GLU A 1 17  ? -1.061  12.833  7.376   1.00 47.92  ? 41  GLU A C   1 
ATOM   78   O  O   . GLU A 1 17  ? 0.033   13.148  7.853   1.00 43.17  ? 41  GLU A O   1 
ATOM   79   C  CB  . GLU A 1 17  ? -2.048  15.132  7.087   1.00 57.38  ? 41  GLU A CB  1 
ATOM   80   C  CG  . GLU A 1 17  ? -3.301  16.008  7.074   1.00 59.83  ? 41  GLU A CG  1 
ATOM   81   C  CD  . GLU A 1 17  ? -3.037  17.471  6.707   1.00 67.82  ? 41  GLU A CD  1 
ATOM   82   O  OE1 . GLU A 1 17  ? -3.588  17.938  5.698   1.00 75.97  ? 41  GLU A OE1 1 
ATOM   83   O  OE2 . GLU A 1 17  ? -2.276  18.150  7.429   1.00 68.43  ? 41  GLU A OE2 1 
ATOM   84   N  N   . ALA A 1 18  ? -1.274  11.731  6.663   1.00 44.75  ? 42  ALA A N   1 
ATOM   85   C  CA  . ALA A 1 18  ? -0.203  10.794  6.262   1.00 45.47  ? 42  ALA A CA  1 
ATOM   86   C  C   . ALA A 1 18  ? 0.761   11.508  5.320   1.00 42.98  ? 42  ALA A C   1 
ATOM   87   O  O   . ALA A 1 18  ? 0.340   12.331  4.527   1.00 37.98  ? 42  ALA A O   1 
ATOM   88   C  CB  . ALA A 1 18  ? -0.802  9.577   5.602   1.00 47.76  ? 42  ALA A CB  1 
ATOM   89   N  N   . PRO A 1 19  ? 2.072   11.170  5.321   1.00 40.10  ? 43  PRO A N   1 
ATOM   90   C  CA  . PRO A 1 19  ? 3.003   11.740  4.352   1.00 35.62  ? 43  PRO A CA  1 
ATOM   91   C  C   . PRO A 1 19  ? 2.597   11.377  2.920   1.00 42.34  ? 43  PRO A C   1 
ATOM   92   O  O   . PRO A 1 19  ? 2.001   10.320  2.662   1.00 43.60  ? 43  PRO A O   1 
ATOM   93   C  CB  . PRO A 1 19  ? 4.347   11.079  4.673   1.00 36.45  ? 43  PRO A CB  1 
ATOM   94   C  CG  . PRO A 1 19  ? 3.946   9.782   5.339   1.00 40.65  ? 43  PRO A CG  1 
ATOM   95   C  CD  . PRO A 1 19  ? 2.707   10.141  6.158   1.00 39.62  ? 43  PRO A CD  1 
ATOM   96   N  N   . LEU A 1 20  ? 2.957   12.258  2.003   1.00 42.07  ? 44  LEU A N   1 
ATOM   97   C  CA  . LEU A 1 20  ? 2.462   12.233  0.616   1.00 40.12  ? 44  LEU A CA  1 
ATOM   98   C  C   . LEU A 1 20  ? 3.438   11.430  -0.253  1.00 33.97  ? 44  LEU A C   1 
ATOM   99   O  O   . LEU A 1 20  ? 3.021   10.907  -1.276  1.00 34.13  ? 44  LEU A O   1 
ATOM   100  C  CB  . LEU A 1 20  ? 2.314   13.692  0.172   1.00 43.42  ? 44  LEU A CB  1 
ATOM   101  C  CG  . LEU A 1 20  ? 1.233   14.480  0.914   1.00 50.48  ? 44  LEU A CG  1 
ATOM   102  C  CD1 . LEU A 1 20  ? 1.353   15.970  0.602   1.00 51.10  ? 44  LEU A CD1 1 
ATOM   103  C  CD2 . LEU A 1 20  ? -0.166  13.968  0.559   1.00 49.29  ? 44  LEU A CD2 1 
ATOM   104  N  N   . GLN A 1 21  ? 4.710   11.367  0.123   1.00 31.59  ? 45  GLN A N   1 
ATOM   105  C  CA  . GLN A 1 21  ? 5.750   10.737  -0.714  1.00 35.31  ? 45  GLN A CA  1 
ATOM   106  C  C   . GLN A 1 21  ? 6.669   9.949   0.197   1.00 32.62  ? 45  GLN A C   1 
ATOM   107  O  O   . GLN A 1 21  ? 7.095   10.480  1.237   1.00 32.31  ? 45  GLN A O   1 
ATOM   108  C  CB  . GLN A 1 21  ? 6.529   11.775  -1.531  1.00 38.00  ? 45  GLN A CB  1 
ATOM   109  C  CG  . GLN A 1 21  ? 5.622   12.638  -2.389  1.00 44.45  ? 45  GLN A CG  1 
ATOM   110  C  CD  . GLN A 1 21  ? 6.408   13.402  -3.422  1.00 48.51  ? 45  GLN A CD  1 
ATOM   111  O  OE1 . GLN A 1 21  ? 7.494   13.889  -3.131  1.00 45.65  ? 45  GLN A OE1 1 
ATOM   112  N  NE2 . GLN A 1 21  ? 5.875   13.475  -4.639  1.00 41.07  ? 45  GLN A NE2 1 
ATOM   113  N  N   . TRP A 1 22  ? 6.992   8.739   -0.211  1.00 31.01  ? 46  TRP A N   1 
ATOM   114  C  CA  . TRP A 1 22  ? 7.965   7.925   0.539   1.00 32.90  ? 46  TRP A CA  1 
ATOM   115  C  C   . TRP A 1 22  ? 8.337   6.688   -0.249  1.00 31.02  ? 46  TRP A C   1 
ATOM   116  O  O   . TRP A 1 22  ? 7.653   6.384   -1.214  1.00 32.15  ? 46  TRP A O   1 
ATOM   117  C  CB  . TRP A 1 22  ? 7.423   7.592   1.920   1.00 35.63  ? 46  TRP A CB  1 
ATOM   118  C  CG  . TRP A 1 22  ? 6.042   7.030   1.958   1.00 33.17  ? 46  TRP A CG  1 
ATOM   119  C  CD1 . TRP A 1 22  ? 4.907   7.682   2.305   1.00 33.62  ? 46  TRP A CD1 1 
ATOM   120  C  CD2 . TRP A 1 22  ? 5.672   5.655   1.760   1.00 33.78  ? 46  TRP A CD2 1 
ATOM   121  N  NE1 . TRP A 1 22  ? 3.845   6.815   2.334   1.00 31.48  ? 46  TRP A NE1 1 
ATOM   122  C  CE2 . TRP A 1 22  ? 4.286   5.560   2.027   1.00 33.00  ? 46  TRP A CE2 1 
ATOM   123  C  CE3 . TRP A 1 22  ? 6.364   4.508   1.345   1.00 32.85  ? 46  TRP A CE3 1 
ATOM   124  C  CZ2 . TRP A 1 22  ? 3.575   4.374   1.862   1.00 31.23  ? 46  TRP A CZ2 1 
ATOM   125  C  CZ3 . TRP A 1 22  ? 5.673   3.321   1.220   1.00 33.19  ? 46  TRP A CZ3 1 
ATOM   126  C  CH2 . TRP A 1 22  ? 4.298   3.261   1.471   1.00 36.09  ? 46  TRP A CH2 1 
ATOM   127  N  N   . GLU A 1 23  ? 9.494   6.167   0.105   1.00 36.41  ? 47  GLU A N   1 
ATOM   128  C  CA  . GLU A 1 23  ? 10.087  4.876   -0.296  1.00 41.72  ? 47  GLU A CA  1 
ATOM   129  C  C   . GLU A 1 23  ? 10.069  4.004   0.954   1.00 41.53  ? 47  GLU A C   1 
ATOM   130  O  O   . GLU A 1 23  ? 10.413  4.513   2.051   1.00 42.24  ? 47  GLU A O   1 
ATOM   131  C  CB  . GLU A 1 23  ? 11.514  5.093   -0.795  1.00 48.74  ? 47  GLU A CB  1 
ATOM   132  C  CG  . GLU A 1 23  ? 11.550  5.646   -2.216  1.00 57.87  ? 47  GLU A CG  1 
ATOM   133  C  CD  . GLU A 1 23  ? 12.740  6.530   -2.561  1.00 62.95  ? 47  GLU A CD  1 
ATOM   134  O  OE1 . GLU A 1 23  ? 13.303  7.207   -1.637  1.00 64.80  ? 47  GLU A OE1 1 
ATOM   135  O  OE2 . GLU A 1 23  ? 13.096  6.554   -3.763  1.00 68.32  ? 47  GLU A OE2 1 
ATOM   136  N  N   . GLY A 1 24  ? 9.609   2.770   0.807   1.00 35.78  ? 48  GLY A N   1 
ATOM   137  C  CA  . GLY A 1 24  ? 9.407   1.856   1.936   1.00 38.21  ? 48  GLY A CA  1 
ATOM   138  C  C   . GLY A 1 24  ? 9.177   0.446   1.456   1.00 32.05  ? 48  GLY A C   1 
ATOM   139  O  O   . GLY A 1 24  ? 9.373   0.202   0.280   1.00 36.30  ? 48  GLY A O   1 
ATOM   140  N  N   . ARG A 1 25  ? 8.787   -0.446  2.355   1.00 32.90  ? 49  ARG A N   1 
ATOM   141  C  CA  . ARG A 1 25  ? 8.597   -1.876  2.027   1.00 31.60  ? 49  ARG A CA  1 
ATOM   142  C  C   . ARG A 1 25  ? 7.300   -2.329  2.690   1.00 31.15  ? 49  ARG A C   1 
ATOM   143  O  O   . ARG A 1 25  ? 6.892   -1.721  3.692   1.00 29.53  ? 49  ARG A O   1 
ATOM   144  C  CB  . ARG A 1 25  ? 9.840   -2.679  2.421   1.00 31.05  ? 49  ARG A CB  1 
ATOM   145  C  CG  . ARG A 1 25  ? 11.172  -2.099  1.923   1.00 35.10  ? 49  ARG A CG  1 
ATOM   146  C  CD  . ARG A 1 25  ? 12.370  -2.734  2.635   1.00 37.54  ? 49  ARG A CD  1 
ATOM   147  N  NE  . ARG A 1 25  ? 12.216  -4.175  2.596   1.00 42.87  ? 49  ARG A NE  1 
ATOM   148  C  CZ  . ARG A 1 25  ? 12.463  -5.039  3.574   1.00 41.17  ? 49  ARG A CZ  1 
ATOM   149  N  NH1 . ARG A 1 25  ? 12.966  -4.665  4.738   1.00 38.45  ? 49  ARG A NH1 1 
ATOM   150  N  NH2 . ARG A 1 25  ? 12.213  -6.315  3.347   1.00 41.12  ? 49  ARG A NH2 1 
ATOM   151  N  N   . ILE A 1 26  ? 6.643   -3.316  2.097   1.00 30.81  ? 50  ILE A N   1 
ATOM   152  C  CA  . ILE A 1 26  ? 5.315   -3.771  2.566   1.00 33.28  ? 50  ILE A CA  1 
ATOM   153  C  C   . ILE A 1 26  ? 5.304   -5.290  2.526   1.00 33.57  ? 50  ILE A C   1 
ATOM   154  O  O   . ILE A 1 26  ? 6.076   -5.890  1.740   1.00 34.43  ? 50  ILE A O   1 
ATOM   155  C  CB  . ILE A 1 26  ? 4.158   -3.191  1.720   1.00 32.98  ? 50  ILE A CB  1 
ATOM   156  C  CG1 . ILE A 1 26  ? 4.172   -3.754  0.305   1.00 34.28  ? 50  ILE A CG1 1 
ATOM   157  C  CG2 . ILE A 1 26  ? 4.138   -1.662  1.713   1.00 33.29  ? 50  ILE A CG2 1 
ATOM   158  C  CD1 . ILE A 1 26  ? 2.958   -3.375  -0.517  1.00 36.75  ? 50  ILE A CD1 1 
ATOM   159  N  N   . VAL A 1 27  ? 4.377   -5.862  3.282   1.00 34.13  ? 51  VAL A N   1 
ATOM   160  C  CA  . VAL A 1 27  ? 3.871   -7.238  3.060   1.00 35.82  ? 51  VAL A CA  1 
ATOM   161  C  C   . VAL A 1 27  ? 2.384   -7.109  2.786   1.00 33.89  ? 51  VAL A C   1 
ATOM   162  O  O   . VAL A 1 27  ? 1.713   -6.384  3.527   1.00 34.41  ? 51  VAL A O   1 
ATOM   163  C  CB  . VAL A 1 27  ? 4.184   -8.187  4.223   1.00 40.29  ? 51  VAL A CB  1 
ATOM   164  C  CG1 . VAL A 1 27  ? 3.698   -9.594  3.900   1.00 47.15  ? 51  VAL A CG1 1 
ATOM   165  C  CG2 . VAL A 1 27  ? 5.677   -8.209  4.501   1.00 42.12  ? 51  VAL A CG2 1 
ATOM   166  N  N   A LEU A 1 28  ? 1.956   -7.719  1.684   0.50 32.43  ? 52  LEU A N   1 
ATOM   167  N  N   B LEU A 1 28  ? 1.911   -7.774  1.728   0.50 34.74  ? 52  LEU A N   1 
ATOM   168  C  CA  A LEU A 1 28  ? 0.555   -7.882  1.235   0.50 32.74  ? 52  LEU A CA  1 
ATOM   169  C  CA  B LEU A 1 28  ? 0.495   -7.817  1.272   0.50 36.86  ? 52  LEU A CA  1 
ATOM   170  C  C   A LEU A 1 28  ? 0.150   -9.314  1.591   0.50 34.86  ? 52  LEU A C   1 
ATOM   171  C  C   B LEU A 1 28  ? -0.011  -9.249  1.468   0.50 38.17  ? 52  LEU A C   1 
ATOM   172  O  O   A LEU A 1 28  ? 0.791   -10.252 1.055   0.50 33.35  ? 52  LEU A O   1 
ATOM   173  O  O   B LEU A 1 28  ? 0.358   -10.125 0.660   0.50 40.81  ? 52  LEU A O   1 
ATOM   174  C  CB  A LEU A 1 28  ? 0.507   -7.645  -0.277  0.50 30.40  ? 52  LEU A CB  1 
ATOM   175  C  CB  B LEU A 1 28  ? 0.423   -7.386  -0.200  0.50 36.46  ? 52  LEU A CB  1 
ATOM   176  C  CG  A LEU A 1 28  ? 0.636   -6.197  -0.741  0.50 30.42  ? 52  LEU A CG  1 
ATOM   177  C  CG  B LEU A 1 28  ? -0.949  -7.532  -0.866  0.50 39.82  ? 52  LEU A CG  1 
ATOM   178  C  CD1 A LEU A 1 28  ? 1.100   -6.129  -2.186  0.50 30.41  ? 52  LEU A CD1 1 
ATOM   179  C  CD1 B LEU A 1 28  ? -2.009  -6.736  -0.127  0.50 39.07  ? 52  LEU A CD1 1 
ATOM   180  C  CD2 A LEU A 1 28  ? -0.689  -5.457  -0.583  0.50 30.89  ? 52  LEU A CD2 1 
ATOM   181  C  CD2 B LEU A 1 28  ? -0.911  -7.102  -2.328  0.50 39.60  ? 52  LEU A CD2 1 
ATOM   182  N  N   . TYR A 1 29  ? -0.778  -9.483  2.534   1.00 37.32  ? 53  TYR A N   1 
ATOM   183  C  CA  . TYR A 1 29  ? -1.336  -10.810 2.888   1.00 38.41  ? 53  TYR A CA  1 
ATOM   184  C  C   . TYR A 1 29  ? -2.709  -10.884 2.234   1.00 41.33  ? 53  TYR A C   1 
ATOM   185  O  O   . TYR A 1 29  ? -3.585  -10.123 2.645   1.00 42.02  ? 53  TYR A O   1 
ATOM   186  C  CB  . TYR A 1 29  ? -1.379  -11.022 4.401   1.00 40.27  ? 53  TYR A CB  1 
ATOM   187  C  CG  . TYR A 1 29  ? -2.119  -12.280 4.763   1.00 51.83  ? 53  TYR A CG  1 
ATOM   188  C  CD1 . TYR A 1 29  ? -1.636  -13.504 4.344   1.00 52.40  ? 53  TYR A CD1 1 
ATOM   189  C  CD2 . TYR A 1 29  ? -3.325  -12.254 5.452   1.00 56.42  ? 53  TYR A CD2 1 
ATOM   190  C  CE1 . TYR A 1 29  ? -2.306  -14.681 4.614   1.00 57.35  ? 53  TYR A CE1 1 
ATOM   191  C  CE2 . TYR A 1 29  ? -4.018  -13.425 5.724   1.00 63.47  ? 53  TYR A CE2 1 
ATOM   192  C  CZ  . TYR A 1 29  ? -3.504  -14.646 5.304   1.00 70.45  ? 53  TYR A CZ  1 
ATOM   193  O  OH  . TYR A 1 29  ? -4.142  -15.830 5.551   1.00 78.21  ? 53  TYR A OH  1 
ATOM   194  N  N   . ASP A 1 30  ? -2.864  -11.681 1.180   1.00 46.10  ? 54  ASP A N   1 
ATOM   195  C  CA  . ASP A 1 30  ? -4.165  -11.865 0.486   1.00 48.44  ? 54  ASP A CA  1 
ATOM   196  C  C   . ASP A 1 30  ? -4.853  -13.093 1.097   1.00 51.04  ? 54  ASP A C   1 
ATOM   197  O  O   . ASP A 1 30  ? -4.271  -14.174 0.971   1.00 57.37  ? 54  ASP A O   1 
ATOM   198  C  CB  . ASP A 1 30  ? -3.953  -12.011 -1.023  1.00 52.84  ? 54  ASP A CB  1 
ATOM   199  C  CG  . ASP A 1 30  ? -5.173  -12.514 -1.775  1.00 58.25  ? 54  ASP A CG  1 
ATOM   200  O  OD1 . ASP A 1 30  ? -6.313  -12.193 -1.350  1.00 66.42  ? 54  ASP A OD1 1 
ATOM   201  O  OD2 . ASP A 1 30  ? -4.972  -13.261 -2.755  1.00 72.23  ? 54  ASP A OD2 1 
ATOM   202  N  N   . HIS A 1 31  ? -6.016  -12.935 1.731   1.00 55.33  ? 55  HIS A N   1 
ATOM   203  C  CA  . HIS A 1 31  ? -6.623  -14.104 2.415   1.00 62.37  ? 55  HIS A CA  1 
ATOM   204  C  C   . HIS A 1 31  ? -7.174  -15.088 1.391   1.00 58.24  ? 55  HIS A C   1 
ATOM   205  O  O   . HIS A 1 31  ? -7.051  -16.287 1.580   1.00 59.41  ? 55  HIS A O   1 
ATOM   206  C  CB  . HIS A 1 31  ? -7.762  -13.731 3.340   1.00 63.49  ? 55  HIS A CB  1 
ATOM   207  C  CG  . HIS A 1 31  ? -8.502  -14.959 3.737   1.00 68.33  ? 55  HIS A CG  1 
ATOM   208  N  ND1 . HIS A 1 31  ? -7.932  -15.925 4.530   1.00 75.71  ? 55  HIS A ND1 1 
ATOM   209  C  CD2 . HIS A 1 31  ? -9.741  -15.394 3.435   1.00 84.06  ? 55  HIS A CD2 1 
ATOM   210  C  CE1 . HIS A 1 31  ? -8.794  -16.901 4.706   1.00 83.70  ? 55  HIS A CE1 1 
ATOM   211  N  NE2 . HIS A 1 31  ? -9.909  -16.600 4.045   1.00 77.11  ? 55  HIS A NE2 1 
ATOM   212  N  N   . ASN A 1 32  ? -7.624  -14.578 0.263   1.00 61.78  ? 56  ASN A N   1 
ATOM   213  C  CA  . ASN A 1 32  ? -8.314  -15.407 -0.749  1.00 66.94  ? 56  ASN A CA  1 
ATOM   214  C  C   . ASN A 1 32  ? -7.380  -16.526 -1.226  1.00 71.01  ? 56  ASN A C   1 
ATOM   215  O  O   . ASN A 1 32  ? -7.896  -17.613 -1.443  1.00 79.87  ? 56  ASN A O   1 
ATOM   216  C  CB  . ASN A 1 32  ? -8.805  -14.503 -1.873  1.00 69.99  ? 56  ASN A CB  1 
ATOM   217  C  CG  . ASN A 1 32  ? -9.520  -15.236 -2.977  1.00 79.86  ? 56  ASN A CG  1 
ATOM   218  O  OD1 . ASN A 1 32  ? -10.595 -14.828 -3.395  1.00 85.29  ? 56  ASN A OD1 1 
ATOM   219  N  ND2 . ASN A 1 32  ? -8.926  -16.310 -3.456  1.00 81.77  ? 56  ASN A ND2 1 
ATOM   220  N  N   . THR A 1 33  ? -6.076  -16.274 -1.389  1.00 73.11  ? 57  THR A N   1 
ATOM   221  C  CA  . THR A 1 33  ? -5.116  -17.308 -1.846  1.00 63.18  ? 57  THR A CA  1 
ATOM   222  C  C   . THR A 1 33  ? -4.080  -17.666 -0.774  1.00 62.96  ? 57  THR A C   1 
ATOM   223  O  O   . THR A 1 33  ? -3.314  -18.559 -1.046  1.00 63.13  ? 57  THR A O   1 
ATOM   224  C  CB  . THR A 1 33  ? -4.410  -16.839 -3.112  1.00 62.11  ? 57  THR A CB  1 
ATOM   225  O  OG1 . THR A 1 33  ? -3.541  -15.792 -2.709  1.00 62.35  ? 57  THR A OG1 1 
ATOM   226  C  CG2 . THR A 1 33  ? -5.371  -16.293 -4.138  1.00 60.42  ? 57  THR A CG2 1 
ATOM   227  N  N   . GLY A 1 34  ? -4.064  -16.999 0.382   1.00 62.16  ? 58  GLY A N   1 
ATOM   228  C  CA  . GLY A 1 34  ? -3.050  -17.211 1.441   1.00 58.26  ? 58  GLY A CA  1 
ATOM   229  C  C   . GLY A 1 34  ? -1.669  -16.617 1.133   1.00 52.23  ? 58  GLY A C   1 
ATOM   230  O  O   . GLY A 1 34  ? -0.786  -16.734 2.002   1.00 53.46  ? 58  GLY A O   1 
ATOM   231  N  N   . LYS A 1 35  ? -1.457  -15.977 -0.025  1.00 47.05  ? 59  LYS A N   1 
ATOM   232  C  CA  . LYS A 1 35  ? -0.097  -15.530 -0.448  1.00 48.73  ? 59  LYS A CA  1 
ATOM   233  C  C   . LYS A 1 35  ? 0.301   -14.238 0.280   1.00 46.84  ? 59  LYS A C   1 
ATOM   234  O  O   . LYS A 1 35  ? -0.511  -13.300 0.351   1.00 38.03  ? 59  LYS A O   1 
ATOM   235  C  CB  . LYS A 1 35  ? 0.025   -15.308 -1.959  1.00 52.87  ? 59  LYS A CB  1 
ATOM   236  C  CG  . LYS A 1 35  ? 1.305   -14.599 -2.409  1.00 67.85  ? 59  LYS A CG  1 
ATOM   237  C  CD  . LYS A 1 35  ? 1.992   -15.153 -3.671  1.00 74.99  ? 59  LYS A CD  1 
ATOM   238  C  CE  . LYS A 1 35  ? 1.074   -15.310 -4.868  1.00 90.14  ? 59  LYS A CE  1 
ATOM   239  N  NZ  . LYS A 1 35  ? 0.347   -14.055 -5.176  1.00 93.04  ? 59  LYS A NZ  1 
ATOM   240  N  N   . ASN A 1 36  ? 1.547   -14.225 0.754   1.00 43.47  ? 60  ASN A N   1 
ATOM   241  C  CA  . ASN A 1 36  ? 2.277   -13.086 1.365   1.00 41.54  ? 60  ASN A CA  1 
ATOM   242  C  C   . ASN A 1 36  ? 3.232   -12.518 0.328   1.00 40.27  ? 60  ASN A C   1 
ATOM   243  O  O   . ASN A 1 36  ? 4.280   -13.121 0.125   1.00 48.43  ? 60  ASN A O   1 
ATOM   244  C  CB  . ASN A 1 36  ? 3.058   -13.535 2.602   1.00 38.75  ? 60  ASN A CB  1 
ATOM   245  C  CG  . ASN A 1 36  ? 2.158   -13.697 3.810   1.00 43.95  ? 60  ASN A CG  1 
ATOM   246  O  OD1 . ASN A 1 36  ? 1.623   -12.711 4.330   1.00 43.21  ? 60  ASN A OD1 1 
ATOM   247  N  ND2 . ASN A 1 36  ? 1.983   -14.930 4.260   1.00 39.25  ? 60  ASN A ND2 1 
ATOM   248  N  N   . THR A 1 37  ? 2.909   -11.396 -0.303  1.00 41.35  ? 61  THR A N   1 
ATOM   249  C  CA  . THR A 1 37  ? 3.801   -10.770 -1.311  1.00 37.48  ? 61  THR A CA  1 
ATOM   250  C  C   . THR A 1 37  ? 4.653   -9.705  -0.604  1.00 37.77  ? 61  THR A C   1 
ATOM   251  O  O   . THR A 1 37  ? 4.078   -8.762  -0.055  1.00 35.82  ? 61  THR A O   1 
ATOM   252  C  CB  . THR A 1 37  ? 2.971   -10.161 -2.443  1.00 44.95  ? 61  THR A CB  1 
ATOM   253  O  OG1 . THR A 1 37  ? 2.090   -11.148 -2.997  1.00 45.89  ? 61  THR A OG1 1 
ATOM   254  C  CG2 . THR A 1 37  ? 3.850   -9.549  -3.510  1.00 41.75  ? 61  THR A CG2 1 
ATOM   255  N  N   . ARG A 1 38  ? 5.972   -9.841  -0.620  1.00 34.94  ? 62  ARG A N   1 
ATOM   256  C  CA  . ARG A 1 38  ? 6.941   -8.841  -0.096  1.00 35.07  ? 62  ARG A CA  1 
ATOM   257  C  C   . ARG A 1 38  ? 7.378   -7.900  -1.219  1.00 35.00  ? 62  ARG A C   1 
ATOM   258  O  O   . ARG A 1 38  ? 7.708   -8.384  -2.323  1.00 31.36  ? 62  ARG A O   1 
ATOM   259  C  CB  . ARG A 1 38  ? 8.137   -9.543  0.544   1.00 36.77  ? 62  ARG A CB  1 
ATOM   260  C  CG  . ARG A 1 38  ? 7.699   -10.583 1.563   1.00 40.03  ? 62  ARG A CG  1 
ATOM   261  C  CD  . ARG A 1 38  ? 8.781   -11.390 2.240   1.00 43.54  ? 62  ARG A CD  1 
ATOM   262  N  NE  . ARG A 1 38  ? 8.097   -12.238 3.213   1.00 45.15  ? 62  ARG A NE  1 
ATOM   263  C  CZ  . ARG A 1 38  ? 7.825   -11.892 4.466   1.00 43.20  ? 62  ARG A CZ  1 
ATOM   264  N  NH1 . ARG A 1 38  ? 8.205   -10.717 4.944   1.00 50.62  ? 62  ARG A NH1 1 
ATOM   265  N  NH2 . ARG A 1 38  ? 7.168   -12.731 5.250   1.00 44.13  ? 62  ARG A NH2 1 
ATOM   266  N  N   . ALA A 1 39  ? 7.400   -6.588  -0.955  1.00 30.85  ? 63  ALA A N   1 
ATOM   267  C  CA  . ALA A 1 39  ? 7.660   -5.619  -2.028  1.00 35.67  ? 63  ALA A CA  1 
ATOM   268  C  C   . ALA A 1 39  ? 8.365   -4.371  -1.511  1.00 35.92  ? 63  ALA A C   1 
ATOM   269  O  O   . ALA A 1 39  ? 8.142   -3.981  -0.334  1.00 36.25  ? 63  ALA A O   1 
ATOM   270  C  CB  . ALA A 1 39  ? 6.362   -5.300  -2.731  1.00 35.27  ? 63  ALA A CB  1 
ATOM   271  N  N   . THR A 1 40  ? 9.192   -3.785  -2.379  1.00 34.88  ? 64  THR A N   1 
ATOM   272  C  CA  . THR A 1 40  ? 9.753   -2.421  -2.222  1.00 38.61  ? 64  THR A CA  1 
ATOM   273  C  C   . THR A 1 40  ? 8.782   -1.494  -2.938  1.00 37.01  ? 64  THR A C   1 
ATOM   274  O  O   . THR A 1 40  ? 8.349   -1.847  -4.040  1.00 39.26  ? 64  THR A O   1 
ATOM   275  C  CB  . THR A 1 40  ? 11.193  -2.333  -2.733  1.00 43.52  ? 64  THR A CB  1 
ATOM   276  O  OG1 . THR A 1 40  ? 11.900  -3.235  -1.885  1.00 45.11  ? 64  THR A OG1 1 
ATOM   277  C  CG2 . THR A 1 40  ? 11.789  -0.939  -2.653  1.00 44.67  ? 64  THR A CG2 1 
ATOM   278  N  N   . VAL A 1 41  ? 8.359   -0.425  -2.285  1.00 34.70  ? 65  VAL A N   1 
ATOM   279  C  CA  . VAL A 1 41  ? 7.306   0.475   -2.839  1.00 36.56  ? 65  VAL A CA  1 
ATOM   280  C  C   . VAL A 1 41  ? 7.881   1.888   -2.984  1.00 34.36  ? 65  VAL A C   1 
ATOM   281  O  O   . VAL A 1 41  ? 8.614   2.310   -2.079  1.00 32.89  ? 65  VAL A O   1 
ATOM   282  C  CB  . VAL A 1 41  ? 6.056   0.460   -1.944  1.00 35.81  ? 65  VAL A CB  1 
ATOM   283  C  CG1 . VAL A 1 41  ? 5.019   1.461   -2.419  1.00 37.91  ? 65  VAL A CG1 1 
ATOM   284  C  CG2 . VAL A 1 41  ? 5.467   -0.935  -1.886  1.00 39.72  ? 65  VAL A CG2 1 
ATOM   285  N  N   . THR A 1 42  ? 7.551   2.581   -4.072  1.00 33.81  ? 66  THR A N   1 
ATOM   286  C  CA  . THR A 1 42  ? 7.725   4.051   -4.191  1.00 34.55  ? 66  THR A CA  1 
ATOM   287  C  C   . THR A 1 42  ? 6.357   4.687   -4.347  1.00 33.59  ? 66  THR A C   1 
ATOM   288  O  O   . THR A 1 42  ? 5.652   4.357   -5.302  1.00 37.00  ? 66  THR A O   1 
ATOM   289  C  CB  . THR A 1 42  ? 8.716   4.455   -5.280  1.00 35.67  ? 66  THR A CB  1 
ATOM   290  O  OG1 . THR A 1 42  ? 9.906   3.743   -4.948  1.00 35.04  ? 66  THR A OG1 1 
ATOM   291  C  CG2 . THR A 1 42  ? 9.003   5.945   -5.271  1.00 34.01  ? 66  THR A CG2 1 
ATOM   292  N  N   . TYR A 1 43  ? 5.991   5.512   -3.374  1.00 34.72  ? 67  TYR A N   1 
ATOM   293  C  CA  . TYR A 1 43  ? 4.613   6.023   -3.178  1.00 36.13  ? 67  TYR A CA  1 
ATOM   294  C  C   . TYR A 1 43  ? 4.620   7.535   -3.374  1.00 36.70  ? 67  TYR A C   1 
ATOM   295  O  O   . TYR A 1 43  ? 5.407   8.202   -2.687  1.00 40.29  ? 67  TYR A O   1 
ATOM   296  C  CB  . TYR A 1 43  ? 4.127   5.652   -1.777  1.00 34.10  ? 67  TYR A CB  1 
ATOM   297  C  CG  . TYR A 1 43  ? 2.806   6.257   -1.395  1.00 30.70  ? 67  TYR A CG  1 
ATOM   298  C  CD1 . TYR A 1 43  ? 1.619   5.664   -1.770  1.00 31.64  ? 67  TYR A CD1 1 
ATOM   299  C  CD2 . TYR A 1 43  ? 2.750   7.428   -0.657  1.00 32.74  ? 67  TYR A CD2 1 
ATOM   300  C  CE1 . TYR A 1 43  ? 0.399   6.214   -1.416  1.00 34.83  ? 67  TYR A CE1 1 
ATOM   301  C  CE2 . TYR A 1 43  ? 1.537   7.988   -0.291  1.00 31.94  ? 67  TYR A CE2 1 
ATOM   302  C  CZ  . TYR A 1 43  ? 0.364   7.372   -0.667  1.00 31.94  ? 67  TYR A CZ  1 
ATOM   303  O  OH  . TYR A 1 43  ? -0.823  7.923   -0.337  1.00 33.49  ? 67  TYR A OH  1 
ATOM   304  N  N   . ASP A 1 44  ? 3.769   8.042   -4.261  1.00 38.38  ? 68  ASP A N   1 
ATOM   305  C  CA  . ASP A 1 44  ? 3.681   9.491   -4.577  1.00 36.63  ? 68  ASP A CA  1 
ATOM   306  C  C   . ASP A 1 44  ? 2.219   9.899   -4.729  1.00 33.66  ? 68  ASP A C   1 
ATOM   307  O  O   . ASP A 1 44  ? 1.712   9.786   -5.838  1.00 35.56  ? 68  ASP A O   1 
ATOM   308  C  CB  . ASP A 1 44  ? 4.473   9.797   -5.849  1.00 41.20  ? 68  ASP A CB  1 
ATOM   309  C  CG  . ASP A 1 44  ? 4.632   11.282  -6.178  1.00 44.88  ? 68  ASP A CG  1 
ATOM   310  O  OD1 . ASP A 1 44  ? 3.881   12.115  -5.607  1.00 39.19  ? 68  ASP A OD1 1 
ATOM   311  O  OD2 . ASP A 1 44  ? 5.497   11.591  -7.031  1.00 55.84  ? 68  ASP A OD2 1 
ATOM   312  N  N   . ALA A 1 45  ? 1.591   10.395  -3.662  1.00 36.16  ? 69  ALA A N   1 
ATOM   313  C  CA  . ALA A 1 45  ? 0.170   10.821  -3.632  1.00 40.13  ? 69  ALA A CA  1 
ATOM   314  C  C   . ALA A 1 45  ? 0.002   12.168  -4.345  1.00 45.16  ? 69  ALA A C   1 
ATOM   315  O  O   . ALA A 1 45  ? -1.172  12.550  -4.599  1.00 47.08  ? 69  ALA A O   1 
ATOM   316  C  CB  . ALA A 1 45  ? -0.342  10.919  -2.217  1.00 40.61  ? 69  ALA A CB  1 
ATOM   317  N  N   . ILE A 1 46  ? 1.096   12.852  -4.697  1.00 41.73  ? 70  ILE A N   1 
ATOM   318  C  CA  . ILE A 1 46  ? 0.981   14.165  -5.400  1.00 44.33  ? 70  ILE A CA  1 
ATOM   319  C  C   . ILE A 1 46  ? 0.756   13.914  -6.890  1.00 42.44  ? 70  ILE A C   1 
ATOM   320  O  O   . ILE A 1 46  ? -0.225  14.434  -7.426  1.00 45.85  ? 70  ILE A O   1 
ATOM   321  C  CB  . ILE A 1 46  ? 2.188   15.067  -5.091  1.00 48.81  ? 70  ILE A CB  1 
ATOM   322  C  CG1 . ILE A 1 46  ? 2.239   15.356  -3.587  1.00 43.46  ? 70  ILE A CG1 1 
ATOM   323  C  CG2 . ILE A 1 46  ? 2.149   16.349  -5.927  1.00 45.47  ? 70  ILE A CG2 1 
ATOM   324  C  CD1 . ILE A 1 46  ? 3.540   15.958  -3.105  1.00 47.21  ? 70  ILE A CD1 1 
ATOM   325  N  N   . LEU A 1 47  ? 1.602   13.110  -7.529  1.00 48.05  ? 71  LEU A N   1 
ATOM   326  C  CA  . LEU A 1 47  ? 1.421   12.714  -8.954  1.00 48.34  ? 71  LEU A CA  1 
ATOM   327  C  C   . LEU A 1 47  ? 0.583   11.432  -9.085  1.00 45.94  ? 71  LEU A C   1 
ATOM   328  O  O   . LEU A 1 47  ? 0.476   10.932  -10.225 1.00 48.70  ? 71  LEU A O   1 
ATOM   329  C  CB  . LEU A 1 47  ? 2.792   12.530  -9.605  1.00 56.40  ? 71  LEU A CB  1 
ATOM   330  C  CG  . LEU A 1 47  ? 3.557   13.790  -10.021 1.00 61.93  ? 71  LEU A CG  1 
ATOM   331  C  CD1 . LEU A 1 47  ? 4.405   13.484  -11.245 1.00 62.71  ? 71  LEU A CD1 1 
ATOM   332  C  CD2 . LEU A 1 47  ? 2.643   14.979  -10.299 1.00 63.23  ? 71  LEU A CD2 1 
ATOM   333  N  N   . GLN A 1 48  ? 0.016   10.930  -7.978  1.00 45.38  ? 72  GLN A N   1 
ATOM   334  C  CA  . GLN A 1 48  ? -0.886  9.744   -7.925  1.00 41.30  ? 72  GLN A CA  1 
ATOM   335  C  C   . GLN A 1 48  ? -0.231  8.593   -8.697  1.00 40.00  ? 72  GLN A C   1 
ATOM   336  O  O   . GLN A 1 48  ? -0.849  8.005   -9.588  1.00 36.95  ? 72  GLN A O   1 
ATOM   337  C  CB  . GLN A 1 48  ? -2.269  10.108  -8.465  1.00 44.98  ? 72  GLN A CB  1 
ATOM   338  C  CG  . GLN A 1 48  ? -2.906  11.339  -7.824  1.00 46.80  ? 72  GLN A CG  1 
ATOM   339  C  CD  . GLN A 1 48  ? -4.317  11.535  -8.318  1.00 48.30  ? 72  GLN A CD  1 
ATOM   340  O  OE1 . GLN A 1 48  ? -4.635  11.288  -9.489  1.00 55.24  ? 72  GLN A OE1 1 
ATOM   341  N  NE2 . GLN A 1 48  ? -5.191  11.934  -7.408  1.00 47.53  ? 72  GLN A NE2 1 
ATOM   342  N  N   . ARG A 1 49  ? 1.032   8.327   -8.407  1.00 39.70  ? 73  ARG A N   1 
ATOM   343  C  CA  . ARG A 1 49  ? 1.745   7.168   -8.954  1.00 39.50  ? 73  ARG A CA  1 
ATOM   344  C  C   . ARG A 1 49  ? 2.248   6.325   -7.782  1.00 38.99  ? 73  ARG A C   1 
ATOM   345  O  O   . ARG A 1 49  ? 2.518   6.875   -6.701  1.00 32.27  ? 73  ARG A O   1 
ATOM   346  C  CB  . ARG A 1 49  ? 2.851   7.618   -9.905  1.00 43.24  ? 73  ARG A CB  1 
ATOM   347  C  CG  . ARG A 1 49  ? 3.537   8.900   -9.463  1.00 51.74  ? 73  ARG A CG  1 
ATOM   348  C  CD  . ARG A 1 49  ? 4.618   9.379   -10.405 1.00 52.63  ? 73  ARG A CD  1 
ATOM   349  N  NE  . ARG A 1 49  ? 5.627   10.190  -9.717  1.00 54.51  ? 73  ARG A NE  1 
ATOM   350  C  CZ  . ARG A 1 49  ? 6.795   10.562  -10.253 1.00 57.10  ? 73  ARG A CZ  1 
ATOM   351  N  NH1 . ARG A 1 49  ? 7.104   10.207  -11.492 1.00 55.61  ? 73  ARG A NH1 1 
ATOM   352  N  NH2 . ARG A 1 49  ? 7.652   11.281  -9.547  1.00 53.24  ? 73  ARG A NH2 1 
ATOM   353  N  N   . ILE A 1 50  ? 2.350   5.020   -8.010  1.00 39.32  ? 74  ILE A N   1 
ATOM   354  C  CA  . ILE A 1 50  ? 2.996   4.086   -7.062  1.00 39.35  ? 74  ILE A CA  1 
ATOM   355  C  C   . ILE A 1 50  ? 3.715   3.019   -7.896  1.00 41.52  ? 74  ILE A C   1 
ATOM   356  O  O   . ILE A 1 50  ? 3.186   2.588   -8.931  1.00 42.95  ? 74  ILE A O   1 
ATOM   357  C  CB  . ILE A 1 50  ? 1.958   3.540   -6.071  1.00 38.84  ? 74  ILE A CB  1 
ATOM   358  C  CG1 . ILE A 1 50  ? 2.572   2.495   -5.143  1.00 43.96  ? 74  ILE A CG1 1 
ATOM   359  C  CG2 . ILE A 1 50  ? 0.749   2.999   -6.817  1.00 44.58  ? 74  ILE A CG2 1 
ATOM   360  C  CD1 . ILE A 1 50  ? 1.644   2.002   -4.035  1.00 44.59  ? 74  ILE A CD1 1 
ATOM   361  N  N   . ARG A 1 51  ? 4.938   2.710   -7.498  1.00 35.18  ? 75  ARG A N   1 
ATOM   362  C  CA  . ARG A 1 51  ? 5.800   1.702   -8.121  1.00 35.52  ? 75  ARG A CA  1 
ATOM   363  C  C   . ARG A 1 51  ? 6.034   0.617   -7.063  1.00 39.35  ? 75  ARG A C   1 
ATOM   364  O  O   . ARG A 1 51  ? 6.380   0.979   -5.929  1.00 37.18  ? 75  ARG A O   1 
ATOM   365  C  CB  . ARG A 1 51  ? 7.078   2.405   -8.552  1.00 38.06  ? 75  ARG A CB  1 
ATOM   366  C  CG  . ARG A 1 51  ? 8.068   1.534   -9.297  1.00 40.46  ? 75  ARG A CG  1 
ATOM   367  C  CD  . ARG A 1 51  ? 8.943   0.720   -8.389  1.00 42.86  ? 75  ARG A CD  1 
ATOM   368  N  NE  . ARG A 1 51  ? 10.036  0.169   -9.175  1.00 45.06  ? 75  ARG A NE  1 
ATOM   369  C  CZ  . ARG A 1 51  ? 11.232  -0.165  -8.689  1.00 43.05  ? 75  ARG A CZ  1 
ATOM   370  N  NH1 . ARG A 1 51  ? 11.508  -0.015  -7.401  1.00 38.90  ? 75  ARG A NH1 1 
ATOM   371  N  NH2 . ARG A 1 51  ? 12.162  -0.614  -9.514  1.00 38.73  ? 75  ARG A NH2 1 
ATOM   372  N  N   . ILE A 1 52  ? 5.800   -0.647  -7.421  1.00 39.13  ? 76  ILE A N   1 
ATOM   373  C  CA  . ILE A 1 52  ? 5.862   -1.832  -6.519  1.00 36.62  ? 76  ILE A CA  1 
ATOM   374  C  C   . ILE A 1 52  ? 6.786   -2.869  -7.156  1.00 36.65  ? 76  ILE A C   1 
ATOM   375  O  O   . ILE A 1 52  ? 6.447   -3.340  -8.256  1.00 41.15  ? 76  ILE A O   1 
ATOM   376  C  CB  . ILE A 1 52  ? 4.445   -2.395  -6.319  1.00 40.43  ? 76  ILE A CB  1 
ATOM   377  C  CG1 . ILE A 1 52  ? 3.514   -1.352  -5.695  1.00 37.03  ? 76  ILE A CG1 1 
ATOM   378  C  CG2 . ILE A 1 52  ? 4.466   -3.699  -5.517  1.00 38.25  ? 76  ILE A CG2 1 
ATOM   379  C  CD1 . ILE A 1 52  ? 2.060   -1.616  -5.973  1.00 37.33  ? 76  ILE A CD1 1 
ATOM   380  N  N   . LEU A 1 53  ? 7.887   -3.211  -6.476  1.00 35.22  ? 77  LEU A N   1 
ATOM   381  C  CA  . LEU A 1 53  ? 8.878   -4.232  -6.901  1.00 34.41  ? 77  LEU A CA  1 
ATOM   382  C  C   . LEU A 1 53  ? 8.784   -5.429  -5.957  1.00 33.65  ? 77  LEU A C   1 
ATOM   383  O  O   . LEU A 1 53  ? 9.259   -5.324  -4.836  1.00 37.20  ? 77  LEU A O   1 
ATOM   384  C  CB  . LEU A 1 53  ? 10.271  -3.586  -6.881  1.00 33.76  ? 77  LEU A CB  1 
ATOM   385  C  CG  . LEU A 1 53  ? 11.429  -4.433  -7.415  1.00 37.55  ? 77  LEU A CG  1 
ATOM   386  C  CD1 . LEU A 1 53  ? 11.367  -4.544  -8.932  1.00 39.36  ? 77  LEU A CD1 1 
ATOM   387  C  CD2 . LEU A 1 53  ? 12.776  -3.834  -7.003  1.00 38.07  ? 77  LEU A CD2 1 
ATOM   388  N  N   . GLU A 1 54  ? 8.227   -6.542  -6.415  1.00 33.39  ? 78  GLU A N   1 
ATOM   389  C  CA  . GLU A 1 54  ? 8.155   -7.793  -5.631  1.00 35.48  ? 78  GLU A CA  1 
ATOM   390  C  C   . GLU A 1 54  ? 9.572   -8.292  -5.327  1.00 41.77  ? 78  GLU A C   1 
ATOM   391  O  O   . GLU A 1 54  ? 10.483  -8.109  -6.174  1.00 36.11  ? 78  GLU A O   1 
ATOM   392  C  CB  . GLU A 1 54  ? 7.379   -8.857  -6.400  1.00 39.44  ? 78  GLU A CB  1 
ATOM   393  C  CG  . GLU A 1 54  ? 5.911   -8.494  -6.654  1.00 48.72  ? 78  GLU A CG  1 
ATOM   394  C  CD  . GLU A 1 54  ? 5.074   -9.496  -7.457  1.00 48.85  ? 78  GLU A CD  1 
ATOM   395  O  OE1 . GLU A 1 54  ? 5.669   -10.275 -8.268  1.00 47.88  ? 78  GLU A OE1 1 
ATOM   396  O  OE2 . GLU A 1 54  ? 3.821   -9.493  -7.284  1.00 46.08  ? 78  GLU A OE2 1 
ATOM   397  N  N   . GLU A 1 55  ? 9.721   -8.982  -4.200  1.00 42.65  ? 79  GLU A N   1 
ATOM   398  C  CA  . GLU A 1 55  ? 11.005  -9.551  -3.738  1.00 44.60  ? 79  GLU A CA  1 
ATOM   399  C  C   . GLU A 1 55  ? 10.945  -11.076 -3.862  1.00 44.34  ? 79  GLU A C   1 
ATOM   400  O  O   . GLU A 1 55  ? 9.949   -11.678 -3.470  1.00 41.01  ? 79  GLU A O   1 
ATOM   401  C  CB  . GLU A 1 55  ? 11.284  -9.094  -2.308  1.00 51.46  ? 79  GLU A CB  1 
ATOM   402  C  CG  . GLU A 1 55  ? 12.453  -9.804  -1.646  1.00 62.18  ? 79  GLU A CG  1 
ATOM   403  C  CD  . GLU A 1 55  ? 12.932  -9.216  -0.319  1.00 69.60  ? 79  GLU A CD  1 
ATOM   404  O  OE1 . GLU A 1 55  ? 12.051  -8.879  0.548   1.00 65.59  ? 79  GLU A OE1 1 
ATOM   405  O  OE2 . GLU A 1 55  ? 14.191  -9.102  -0.145  1.00 56.87  ? 79  GLU A OE2 1 
ATOM   406  N  N   . LYS A 1 56  ? 12.003  -11.658 -4.423  1.00 49.99  ? 80  LYS A N   1 
ATOM   407  C  CA  . LYS A 1 56  ? 12.291  -13.110 -4.398  1.00 50.52  ? 80  LYS A CA  1 
ATOM   408  C  C   . LYS A 1 56  ? 12.972  -13.440 -3.068  1.00 48.90  ? 80  LYS A C   1 
ATOM   409  O  O   . LYS A 1 56  ? 13.874  -12.683 -2.661  1.00 46.48  ? 80  LYS A O   1 
ATOM   410  C  CB  . LYS A 1 56  ? 13.182  -13.461 -5.590  1.00 55.43  ? 80  LYS A CB  1 
ATOM   411  C  CG  . LYS A 1 56  ? 13.386  -14.939 -5.903  1.00 57.99  ? 80  LYS A CG  1 
ATOM   412  C  CD  . LYS A 1 56  ? 14.340  -15.125 -7.098  1.00 60.73  ? 80  LYS A CD  1 
ATOM   413  C  CE  . LYS A 1 56  ? 15.054  -16.462 -7.189  1.00 57.51  ? 80  LYS A CE  1 
ATOM   414  N  NZ  . LYS A 1 56  ? 16.433  -16.288 -7.718  1.00 58.38  ? 80  LYS A NZ  1 
ATOM   415  N  N   . LYS A 1 57  ? 12.517  -14.510 -2.416  1.00 52.03  ? 81  LYS A N   1 
ATOM   416  C  CA  . LYS A 1 57  ? 13.176  -15.147 -1.249  1.00 57.12  ? 81  LYS A CA  1 
ATOM   417  C  C   . LYS A 1 57  ? 13.748  -16.494 -1.699  1.00 54.30  ? 81  LYS A C   1 
ATOM   418  O  O   . LYS A 1 57  ? 13.276  -17.025 -2.701  1.00 59.59  ? 81  LYS A O   1 
ATOM   419  C  CB  . LYS A 1 57  ? 12.186  -15.360 -0.095  1.00 59.70  ? 81  LYS A CB  1 
ATOM   420  C  CG  . LYS A 1 57  ? 11.428  -14.124 0.350   1.00 58.40  ? 81  LYS A CG  1 
ATOM   421  C  CD  . LYS A 1 57  ? 12.311  -13.147 1.057   1.00 58.91  ? 81  LYS A CD  1 
ATOM   422  C  CE  . LYS A 1 57  ? 12.565  -13.529 2.494   1.00 54.90  ? 81  LYS A CE  1 
ATOM   423  N  NZ  . LYS A 1 57  ? 13.333  -12.463 3.170   1.00 58.21  ? 81  LYS A NZ  1 
ATOM   424  N  N   . SER A 1 58  ? 14.724  -17.021 -0.966  1.00 63.35  ? 82  SER A N   1 
ATOM   425  C  CA  . SER A 1 58  ? 15.313  -18.367 -1.181  1.00 62.24  ? 82  SER A CA  1 
ATOM   426  C  C   . SER A 1 58  ? 14.187  -19.409 -1.227  1.00 57.12  ? 82  SER A C   1 
ATOM   427  O  O   . SER A 1 58  ? 13.432  -19.524 -0.227  1.00 46.69  ? 82  SER A O   1 
ATOM   428  C  CB  . SER A 1 58  ? 16.311  -18.702 -0.097  1.00 71.69  ? 82  SER A CB  1 
ATOM   429  O  OG  . SER A 1 58  ? 17.096  -17.568 0.233   1.00 78.64  ? 82  SER A OG  1 
ATOM   430  N  N   . PHE A 1 59  ? 14.069  -20.099 -2.367  1.00 50.51  ? 83  PHE A N   1 
ATOM   431  C  CA  . PHE A 1 59  ? 13.402  -21.415 -2.526  1.00 50.47  ? 83  PHE A CA  1 
ATOM   432  C  C   . PHE A 1 59  ? 11.882  -21.324 -2.370  1.00 49.40  ? 83  PHE A C   1 
ATOM   433  O  O   . PHE A 1 59  ? 11.261  -22.320 -1.950  1.00 51.80  ? 83  PHE A O   1 
ATOM   434  C  CB  . PHE A 1 59  ? 13.978  -22.391 -1.505  1.00 49.73  ? 83  PHE A CB  1 
ATOM   435  C  CG  . PHE A 1 59  ? 15.475  -22.559 -1.574  1.00 49.49  ? 83  PHE A CG  1 
ATOM   436  C  CD1 . PHE A 1 59  ? 16.076  -23.050 -2.728  1.00 47.14  ? 83  PHE A CD1 1 
ATOM   437  C  CD2 . PHE A 1 59  ? 16.269  -22.305 -0.466  1.00 47.68  ? 83  PHE A CD2 1 
ATOM   438  C  CE1 . PHE A 1 59  ? 17.443  -23.265 -2.772  1.00 46.44  ? 83  PHE A CE1 1 
ATOM   439  C  CE2 . PHE A 1 59  ? 17.638  -22.525 -0.512  1.00 51.20  ? 83  PHE A CE2 1 
ATOM   440  C  CZ  . PHE A 1 59  ? 18.226  -22.992 -1.668  1.00 48.38  ? 83  PHE A CZ  1 
ATOM   441  N  N   . VAL A 1 60  ? 11.289  -20.191 -2.726  1.00 49.46  ? 84  VAL A N   1 
ATOM   442  C  CA  . VAL A 1 60  ? 9.816   -20.088 -2.915  1.00 63.88  ? 84  VAL A CA  1 
ATOM   443  C  C   . VAL A 1 60  ? 9.465   -20.786 -4.233  1.00 75.60  ? 84  VAL A C   1 
ATOM   444  O  O   . VAL A 1 60  ? 10.276  -20.794 -5.154  1.00 72.19  ? 84  VAL A O   1 
ATOM   445  C  CB  . VAL A 1 60  ? 9.365   -18.619 -2.859  1.00 65.66  ? 84  VAL A CB  1 
ATOM   446  C  CG1 . VAL A 1 60  ? 9.747   -18.012 -1.518  1.00 64.97  ? 84  VAL A CG1 1 
ATOM   447  C  CG2 . VAL A 1 60  ? 9.926   -17.779 -4.009  1.00 65.13  ? 84  VAL A CG2 1 
ATOM   448  N  N   . PRO A 1 61  ? 8.278   -21.426 -4.369  1.00 91.49  ? 85  PRO A N   1 
ATOM   449  C  CA  . PRO A 1 61  ? 8.014   -22.338 -5.482  1.00 94.72  ? 85  PRO A CA  1 
ATOM   450  C  C   . PRO A 1 61  ? 7.271   -21.676 -6.653  1.00 87.28  ? 85  PRO A C   1 
ATOM   451  O  O   . PRO A 1 61  ? 6.690   -22.390 -7.441  1.00 100.26 ? 85  PRO A O   1 
ATOM   452  C  CB  . PRO A 1 61  ? 7.154   -23.392 -4.773  1.00 97.34  ? 85  PRO A CB  1 
ATOM   453  C  CG  . PRO A 1 61  ? 6.298   -22.563 -3.820  1.00 98.27  ? 85  PRO A CG  1 
ATOM   454  C  CD  . PRO A 1 61  ? 7.107   -21.321 -3.483  1.00 95.58  ? 85  PRO A CD  1 
ATOM   455  N  N   . CYS A 1 62  ? 7.300   -20.343 -6.726  1.00 79.67  ? 86  CYS A N   1 
ATOM   456  C  CA  . CYS A 1 62  ? 6.915   -19.519 -7.906  1.00 80.15  ? 86  CYS A CA  1 
ATOM   457  C  C   . CYS A 1 62  ? 8.175   -18.937 -8.548  1.00 67.17  ? 86  CYS A C   1 
ATOM   458  O  O   . CYS A 1 62  ? 9.167   -18.724 -7.846  1.00 67.40  ? 86  CYS A O   1 
ATOM   459  C  CB  . CYS A 1 62  ? 6.019   -18.375 -7.473  1.00 87.70  ? 86  CYS A CB  1 
ATOM   460  S  SG  . CYS A 1 62  ? 6.560   -17.705 -5.881  1.00 86.08  ? 86  CYS A SG  1 
ATOM   461  N  N   . LYS A 1 63  ? 8.143   -18.657 -9.837  1.00 66.17  ? 87  LYS A N   1 
ATOM   462  C  CA  . LYS A 1 63  ? 9.395   -18.375 -10.576 1.00 72.28  ? 87  LYS A CA  1 
ATOM   463  C  C   . LYS A 1 63  ? 9.307   -16.995 -11.226 1.00 65.61  ? 87  LYS A C   1 
ATOM   464  O  O   . LYS A 1 63  ? 10.344  -16.521 -11.715 1.00 67.24  ? 87  LYS A O   1 
ATOM   465  C  CB  . LYS A 1 63  ? 9.716   -19.540 -11.521 1.00 79.29  ? 87  LYS A CB  1 
ATOM   466  C  CG  . LYS A 1 63  ? 8.519   -20.279 -12.110 1.00 82.45  ? 87  LYS A CG  1 
ATOM   467  C  CD  . LYS A 1 63  ? 8.852   -21.693 -12.558 1.00 87.50  ? 87  LYS A CD  1 
ATOM   468  C  CE  . LYS A 1 63  ? 8.217   -22.062 -13.884 1.00 92.50  ? 87  LYS A CE  1 
ATOM   469  N  NZ  . LYS A 1 63  ? 8.419   -23.494 -14.211 1.00 92.95  ? 87  LYS A NZ  1 
ATOM   470  N  N   . ARG A 1 64  ? 8.155   -16.329 -11.138 1.00 62.67  ? 88  ARG A N   1 
ATOM   471  C  CA  . ARG A 1 64  ? 7.926   -15.045 -11.850 1.00 62.83  ? 88  ARG A CA  1 
ATOM   472  C  C   . ARG A 1 64  ? 7.602   -13.930 -10.843 1.00 52.81  ? 88  ARG A C   1 
ATOM   473  O  O   . ARG A 1 64  ? 6.712   -14.086 -9.993  1.00 49.05  ? 88  ARG A O   1 
ATOM   474  C  CB  . ARG A 1 64  ? 6.852   -15.235 -12.926 1.00 72.82  ? 88  ARG A CB  1 
ATOM   475  C  CG  . ARG A 1 64  ? 5.658   -16.068 -12.483 1.00 80.48  ? 88  ARG A CG  1 
ATOM   476  C  CD  . ARG A 1 64  ? 4.448   -15.773 -13.355 1.00 86.47  ? 88  ARG A CD  1 
ATOM   477  N  NE  . ARG A 1 64  ? 4.666   -16.197 -14.731 1.00 82.67  ? 88  ARG A NE  1 
ATOM   478  C  CZ  . ARG A 1 64  ? 4.566   -17.451 -15.153 1.00 86.34  ? 88  ARG A CZ  1 
ATOM   479  N  NH1 . ARG A 1 64  ? 4.246   -18.418 -14.306 1.00 78.54  ? 88  ARG A NH1 1 
ATOM   480  N  NH2 . ARG A 1 64  ? 4.787   -17.733 -16.425 1.00 85.54  ? 88  ARG A NH2 1 
ATOM   481  N  N   . PHE A 1 65  ? 8.314   -12.818 -10.974 1.00 48.61  ? 89  PHE A N   1 
ATOM   482  C  CA  . PHE A 1 65  ? 8.267   -11.655 -10.065 1.00 46.12  ? 89  PHE A CA  1 
ATOM   483  C  C   . PHE A 1 65  ? 8.082   -10.396 -10.901 1.00 46.21  ? 89  PHE A C   1 
ATOM   484  O  O   . PHE A 1 65  ? 8.736   -10.278 -11.953 1.00 52.52  ? 89  PHE A O   1 
ATOM   485  C  CB  . PHE A 1 65  ? 9.544   -11.637 -9.236  1.00 45.53  ? 89  PHE A CB  1 
ATOM   486  C  CG  . PHE A 1 65  ? 9.606   -12.827 -8.326  1.00 50.40  ? 89  PHE A CG  1 
ATOM   487  C  CD1 . PHE A 1 65  ? 8.935   -12.809 -7.113  1.00 47.84  ? 89  PHE A CD1 1 
ATOM   488  C  CD2 . PHE A 1 65  ? 10.247  -13.997 -8.727  1.00 51.58  ? 89  PHE A CD2 1 
ATOM   489  C  CE1 . PHE A 1 65  ? 8.964   -13.919 -6.283  1.00 45.22  ? 89  PHE A CE1 1 
ATOM   490  C  CE2 . PHE A 1 65  ? 10.240  -15.116 -7.913  1.00 47.63  ? 89  PHE A CE2 1 
ATOM   491  C  CZ  . PHE A 1 65  ? 9.614   -15.063 -6.688  1.00 48.81  ? 89  PHE A CZ  1 
ATOM   492  N  N   . PHE A 1 66  ? 7.206   -9.497  -10.446 1.00 44.58  ? 90  PHE A N   1 
ATOM   493  C  CA  . PHE A 1 66  ? 6.742   -8.331  -11.240 1.00 44.38  ? 90  PHE A CA  1 
ATOM   494  C  C   . PHE A 1 66  ? 7.180   -7.020  -10.601 1.00 42.95  ? 90  PHE A C   1 
ATOM   495  O  O   . PHE A 1 66  ? 7.249   -6.909  -9.365  1.00 40.50  ? 90  PHE A O   1 
ATOM   496  C  CB  . PHE A 1 66  ? 5.227   -8.410  -11.415 1.00 44.35  ? 90  PHE A CB  1 
ATOM   497  C  CG  . PHE A 1 66  ? 4.777   -9.657  -12.129 1.00 48.48  ? 90  PHE A CG  1 
ATOM   498  C  CD1 . PHE A 1 66  ? 5.038   -9.823  -13.485 1.00 52.36  ? 90  PHE A CD1 1 
ATOM   499  C  CD2 . PHE A 1 66  ? 4.129   -10.673 -11.443 1.00 51.26  ? 90  PHE A CD2 1 
ATOM   500  C  CE1 . PHE A 1 66  ? 4.621   -10.965 -14.155 1.00 53.22  ? 90  PHE A CE1 1 
ATOM   501  C  CE2 . PHE A 1 66  ? 3.693   -11.804 -12.112 1.00 55.33  ? 90  PHE A CE2 1 
ATOM   502  C  CZ  . PHE A 1 66  ? 3.950   -11.951 -13.467 1.00 56.55  ? 90  PHE A CZ  1 
ATOM   503  N  N   . GLU A 1 67  ? 7.484   -6.057  -11.463 1.00 46.76  ? 91  GLU A N   1 
ATOM   504  C  CA  . GLU A 1 67  ? 7.498   -4.617  -11.140 1.00 47.45  ? 91  GLU A CA  1 
ATOM   505  C  C   . GLU A 1 67  ? 6.162   -4.058  -11.628 1.00 46.68  ? 91  GLU A C   1 
ATOM   506  O  O   . GLU A 1 67  ? 5.728   -4.457  -12.731 1.00 42.68  ? 91  GLU A O   1 
ATOM   507  C  CB  . GLU A 1 67  ? 8.685   -3.953  -11.819 1.00 51.13  ? 91  GLU A CB  1 
ATOM   508  C  CG  . GLU A 1 67  ? 8.880   -2.517  -11.399 1.00 56.22  ? 91  GLU A CG  1 
ATOM   509  C  CD  . GLU A 1 67  ? 10.039  -1.835  -12.087 1.00 60.00  ? 91  GLU A CD  1 
ATOM   510  O  OE1 . GLU A 1 67  ? 10.490  -2.357  -13.111 1.00 64.44  ? 91  GLU A OE1 1 
ATOM   511  O  OE2 . GLU A 1 67  ? 10.495  -0.785  -11.586 1.00 73.16  ? 91  GLU A OE2 1 
ATOM   512  N  N   . TYR A 1 68  ? 5.488   -3.251  -10.809 1.00 42.03  ? 92  TYR A N   1 
ATOM   513  C  CA  . TYR A 1 68  ? 4.265   -2.509  -11.211 1.00 40.04  ? 92  TYR A CA  1 
ATOM   514  C  C   . TYR A 1 68  ? 4.553   -1.012  -11.122 1.00 40.77  ? 92  TYR A C   1 
ATOM   515  O  O   . TYR A 1 68  ? 4.977   -0.547  -10.036 1.00 34.76  ? 92  TYR A O   1 
ATOM   516  C  CB  . TYR A 1 68  ? 3.060   -2.817  -10.317 1.00 37.54  ? 92  TYR A CB  1 
ATOM   517  C  CG  . TYR A 1 68  ? 2.643   -4.258  -10.251 1.00 40.88  ? 92  TYR A CG  1 
ATOM   518  C  CD1 . TYR A 1 68  ? 3.247   -5.144  -9.368  1.00 42.14  ? 92  TYR A CD1 1 
ATOM   519  C  CD2 . TYR A 1 68  ? 1.639   -4.737  -11.077 1.00 44.20  ? 92  TYR A CD2 1 
ATOM   520  C  CE1 . TYR A 1 68  ? 2.857   -6.468  -9.300  1.00 43.84  ? 92  TYR A CE1 1 
ATOM   521  C  CE2 . TYR A 1 68  ? 1.226   -6.057  -11.018 1.00 43.97  ? 92  TYR A CE2 1 
ATOM   522  C  CZ  . TYR A 1 68  ? 1.840   -6.920  -10.133 1.00 49.57  ? 92  TYR A CZ  1 
ATOM   523  O  OH  . TYR A 1 68  ? 1.397   -8.205  -10.098 1.00 55.52  ? 92  TYR A OH  1 
ATOM   524  N  N   . ILE A 1 69  ? 4.285   -0.299  -12.213 1.00 38.22  ? 93  ILE A N   1 
ATOM   525  C  CA  . ILE A 1 69  ? 4.255   1.185   -12.264 1.00 37.91  ? 93  ILE A CA  1 
ATOM   526  C  C   . ILE A 1 69  ? 2.821   1.614   -12.570 1.00 40.32  ? 93  ILE A C   1 
ATOM   527  O  O   . ILE A 1 69  ? 2.405   1.464   -13.744 1.00 35.37  ? 93  ILE A O   1 
ATOM   528  C  CB  . ILE A 1 69  ? 5.223   1.749   -13.318 1.00 40.30  ? 93  ILE A CB  1 
ATOM   529  C  CG1 . ILE A 1 69  ? 6.583   1.054   -13.268 1.00 44.84  ? 93  ILE A CG1 1 
ATOM   530  C  CG2 . ILE A 1 69  ? 5.317   3.253   -13.116 1.00 40.22  ? 93  ILE A CG2 1 
ATOM   531  C  CD1 . ILE A 1 69  ? 7.682   1.752   -14.042 1.00 45.51  ? 93  ILE A CD1 1 
ATOM   532  N  N   . PHE A 1 70  ? 2.101   2.060   -11.539 1.00 37.47  ? 94  PHE A N   1 
ATOM   533  C  CA  . PHE A 1 70  ? 0.760   2.678   -11.625 1.00 39.55  ? 94  PHE A CA  1 
ATOM   534  C  C   . PHE A 1 70  ? 0.935   4.191   -11.832 1.00 46.00  ? 94  PHE A C   1 
ATOM   535  O  O   . PHE A 1 70  ? 1.444   4.888   -10.892 1.00 42.15  ? 94  PHE A O   1 
ATOM   536  C  CB  . PHE A 1 70  ? -0.035  2.389   -10.349 1.00 37.32  ? 94  PHE A CB  1 
ATOM   537  C  CG  . PHE A 1 70  ? -0.481  0.965   -10.188 1.00 37.91  ? 94  PHE A CG  1 
ATOM   538  C  CD1 . PHE A 1 70  ? 0.340   0.024   -9.581  1.00 37.83  ? 94  PHE A CD1 1 
ATOM   539  C  CD2 . PHE A 1 70  ? -1.753  0.581   -10.601 1.00 38.51  ? 94  PHE A CD2 1 
ATOM   540  C  CE1 . PHE A 1 70  ? -0.100  -1.283  -9.420  1.00 42.17  ? 94  PHE A CE1 1 
ATOM   541  C  CE2 . PHE A 1 70  ? -2.201  -0.721  -10.418 1.00 40.18  ? 94  PHE A CE2 1 
ATOM   542  C  CZ  . PHE A 1 70  ? -1.365  -1.652  -9.835  1.00 45.49  ? 94  PHE A CZ  1 
ATOM   543  N  N   . LEU A 1 71  ? 0.555   4.685   -13.012 1.00 42.72  ? 95  LEU A N   1 
ATOM   544  C  CA  . LEU A 1 71  ? 0.537   6.136   -13.333 1.00 43.47  ? 95  LEU A CA  1 
ATOM   545  C  C   . LEU A 1 71  ? -0.916  6.579   -13.458 1.00 41.07  ? 95  LEU A C   1 
ATOM   546  O  O   . LEU A 1 71  ? -1.465  6.486   -14.558 1.00 43.39  ? 95  LEU A O   1 
ATOM   547  C  CB  . LEU A 1 71  ? 1.308   6.347   -14.633 1.00 42.99  ? 95  LEU A CB  1 
ATOM   548  C  CG  . LEU A 1 71  ? 2.766   5.897   -14.592 1.00 45.14  ? 95  LEU A CG  1 
ATOM   549  C  CD1 . LEU A 1 71  ? 3.406   6.008   -15.970 1.00 47.19  ? 95  LEU A CD1 1 
ATOM   550  C  CD2 . LEU A 1 71  ? 3.563   6.685   -13.567 1.00 43.28  ? 95  LEU A CD2 1 
ATOM   551  N  N   . TYR A 1 72  ? -1.547  6.973   -12.362 1.00 42.02  ? 96  TYR A N   1 
ATOM   552  C  CA  . TYR A 1 72  ? -3.015  7.205   -12.347 1.00 44.59  ? 96  TYR A CA  1 
ATOM   553  C  C   . TYR A 1 72  ? -3.361  8.483   -13.114 1.00 49.25  ? 96  TYR A C   1 
ATOM   554  O  O   . TYR A 1 72  ? -4.546  8.601   -13.509 1.00 51.50  ? 96  TYR A O   1 
ATOM   555  C  CB  . TYR A 1 72  ? -3.583  7.249   -10.925 1.00 44.05  ? 96  TYR A CB  1 
ATOM   556  C  CG  . TYR A 1 72  ? -3.821  5.889   -10.320 1.00 44.96  ? 96  TYR A CG  1 
ATOM   557  C  CD1 . TYR A 1 72  ? -4.996  5.187   -10.530 1.00 44.44  ? 96  TYR A CD1 1 
ATOM   558  C  CD2 . TYR A 1 72  ? -2.857  5.302   -9.520  1.00 44.36  ? 96  TYR A CD2 1 
ATOM   559  C  CE1 . TYR A 1 72  ? -5.208  3.943   -9.949  1.00 43.89  ? 96  TYR A CE1 1 
ATOM   560  C  CE2 . TYR A 1 72  ? -3.059  4.071   -8.930  1.00 39.88  ? 96  TYR A CE2 1 
ATOM   561  C  CZ  . TYR A 1 72  ? -4.223  3.378   -9.163  1.00 37.54  ? 96  TYR A CZ  1 
ATOM   562  O  OH  . TYR A 1 72  ? -4.353  2.162   -8.579  1.00 39.00  ? 96  TYR A OH  1 
ATOM   563  N  N   . GLN A 1 73  ? -2.403  9.404   -13.269 1.00 51.24  ? 97  GLN A N   1 
ATOM   564  C  CA  . GLN A 1 73  ? -2.620  10.720  -13.931 1.00 56.02  ? 97  GLN A CA  1 
ATOM   565  C  C   . GLN A 1 73  ? -2.617  10.505  -15.449 1.00 58.55  ? 97  GLN A C   1 
ATOM   566  O  O   . GLN A 1 73  ? -3.210  11.347  -16.156 1.00 65.74  ? 97  GLN A O   1 
ATOM   567  C  CB  . GLN A 1 73  ? -1.579  11.765  -13.488 1.00 58.12  ? 97  GLN A CB  1 
ATOM   568  C  CG  . GLN A 1 73  ? -2.077  12.728  -12.412 1.00 56.09  ? 97  GLN A CG  1 
ATOM   569  C  CD  . GLN A 1 73  ? -0.992  13.537  -11.726 1.00 61.61  ? 97  GLN A CD  1 
ATOM   570  O  OE1 . GLN A 1 73  ? 0.141   13.678  -12.209 1.00 47.89  ? 97  GLN A OE1 1 
ATOM   571  N  NE2 . GLN A 1 73  ? -1.338  14.097  -10.572 1.00 53.82  ? 97  GLN A NE2 1 
ATOM   572  N  N   . GLU A 1 74  ? -2.006  9.422   -15.943 1.00 57.35  ? 98  GLU A N   1 
ATOM   573  C  CA  . GLU A 1 74  ? -2.070  9.052   -17.386 1.00 54.75  ? 98  GLU A CA  1 
ATOM   574  C  C   . GLU A 1 74  ? -2.943  7.807   -17.600 1.00 57.01  ? 98  GLU A C   1 
ATOM   575  O  O   . GLU A 1 74  ? -2.843  7.226   -18.702 1.00 60.48  ? 98  GLU A O   1 
ATOM   576  C  CB  . GLU A 1 74  ? -0.696  8.737   -17.967 1.00 62.27  ? 98  GLU A CB  1 
ATOM   577  C  CG  . GLU A 1 74  ? 0.426   9.662   -17.543 1.00 66.70  ? 98  GLU A CG  1 
ATOM   578  C  CD  . GLU A 1 74  ? 1.731   9.246   -18.200 1.00 76.03  ? 98  GLU A CD  1 
ATOM   579  O  OE1 . GLU A 1 74  ? 1.673   8.471   -19.199 1.00 76.53  ? 98  GLU A OE1 1 
ATOM   580  O  OE2 . GLU A 1 74  ? 2.799   9.672   -17.713 1.00 81.20  ? 98  GLU A OE2 1 
ATOM   581  N  N   . ALA A 1 75  ? -3.732  7.387   -16.601 1.00 54.97  ? 99  ALA A N   1 
ATOM   582  C  CA  . ALA A 1 75  ? -4.727  6.289   -16.702 1.00 58.08  ? 99  ALA A CA  1 
ATOM   583  C  C   . ALA A 1 75  ? -4.108  4.949   -17.162 1.00 52.54  ? 99  ALA A C   1 
ATOM   584  O  O   . ALA A 1 75  ? -4.838  4.151   -17.800 1.00 53.42  ? 99  ALA A O   1 
ATOM   585  C  CB  . ALA A 1 75  ? -5.812  6.725   -17.665 1.00 59.82  ? 99  ALA A CB  1 
ATOM   586  N  N   . VAL A 1 76  ? -2.832  4.689   -16.871 1.00 51.40  ? 100 VAL A N   1 
ATOM   587  C  CA  . VAL A 1 76  ? -2.092  3.479   -17.354 1.00 52.25  ? 100 VAL A CA  1 
ATOM   588  C  C   . VAL A 1 76  ? -1.285  2.840   -16.222 1.00 46.30  ? 100 VAL A C   1 
ATOM   589  O  O   . VAL A 1 76  ? -0.685  3.585   -15.408 1.00 41.66  ? 100 VAL A O   1 
ATOM   590  C  CB  . VAL A 1 76  ? -1.161  3.779   -18.548 1.00 56.85  ? 100 VAL A CB  1 
ATOM   591  C  CG1 . VAL A 1 76  ? -1.966  4.013   -19.823 1.00 69.48  ? 100 VAL A CG1 1 
ATOM   592  C  CG2 . VAL A 1 76  ? -0.222  4.947   -18.281 1.00 57.50  ? 100 VAL A CG2 1 
ATOM   593  N  N   . MET A 1 77  ? -1.213  1.503   -16.249 1.00 48.54  ? 101 MET A N   1 
ATOM   594  C  CA  . MET A 1 77  ? -0.329  0.668   -15.391 1.00 43.63  ? 101 MET A CA  1 
ATOM   595  C  C   . MET A 1 77  ? 0.577   -0.190  -16.281 1.00 40.48  ? 101 MET A C   1 
ATOM   596  O  O   . MET A 1 77  ? 0.048   -0.770  -17.229 1.00 46.54  ? 101 MET A O   1 
ATOM   597  C  CB  . MET A 1 77  ? -1.170  -0.229  -14.480 1.00 45.90  ? 101 MET A CB  1 
ATOM   598  C  CG  . MET A 1 77  ? -0.337  -1.037  -13.526 1.00 54.03  ? 101 MET A CG  1 
ATOM   599  S  SD  . MET A 1 77  ? -0.082  -2.698  -14.152 1.00 59.70  ? 101 MET A SD  1 
ATOM   600  C  CE  . MET A 1 77  ? -1.474  -3.542  -13.396 1.00 57.18  ? 101 MET A CE  1 
ATOM   601  N  N   . PHE A 1 78  ? 1.882   -0.262  -15.975 1.00 40.63  ? 102 PHE A N   1 
ATOM   602  C  CA  . PHE A 1 78  ? 2.875   -1.165  -16.614 1.00 40.67  ? 102 PHE A CA  1 
ATOM   603  C  C   . PHE A 1 78  ? 3.264   -2.253  -15.619 1.00 43.04  ? 102 PHE A C   1 
ATOM   604  O  O   . PHE A 1 78  ? 3.574   -1.903  -14.448 1.00 42.54  ? 102 PHE A O   1 
ATOM   605  C  CB  . PHE A 1 78  ? 4.151   -0.433  -17.042 1.00 44.52  ? 102 PHE A CB  1 
ATOM   606  C  CG  . PHE A 1 78  ? 3.933   0.728   -17.981 1.00 52.40  ? 102 PHE A CG  1 
ATOM   607  C  CD1 . PHE A 1 78  ? 3.610   1.985   -17.494 1.00 53.32  ? 102 PHE A CD1 1 
ATOM   608  C  CD2 . PHE A 1 78  ? 4.027   0.564   -19.357 1.00 61.26  ? 102 PHE A CD2 1 
ATOM   609  C  CE1 . PHE A 1 78  ? 3.397   3.053   -18.355 1.00 59.57  ? 102 PHE A CE1 1 
ATOM   610  C  CE2 . PHE A 1 78  ? 3.815   1.633   -20.218 1.00 62.61  ? 102 PHE A CE2 1 
ATOM   611  C  CZ  . PHE A 1 78  ? 3.500   2.876   -19.716 1.00 59.90  ? 102 PHE A CZ  1 
ATOM   612  N  N   . GLN A 1 79  ? 3.261   -3.507  -16.082 1.00 40.93  ? 103 GLN A N   1 
ATOM   613  C  CA  . GLN A 1 79  ? 3.601   -4.726  -15.302 1.00 46.59  ? 103 GLN A CA  1 
ATOM   614  C  C   . GLN A 1 79  ? 4.770   -5.405  -16.013 1.00 50.86  ? 103 GLN A C   1 
ATOM   615  O  O   . GLN A 1 79  ? 4.573   -5.866  -17.159 1.00 55.59  ? 103 GLN A O   1 
ATOM   616  C  CB  . GLN A 1 79  ? 2.378   -5.648  -15.162 1.00 41.65  ? 103 GLN A CB  1 
ATOM   617  C  CG  . GLN A 1 79  ? 2.623   -6.821  -14.238 1.00 43.16  ? 103 GLN A CG  1 
ATOM   618  C  CD  . GLN A 1 79  ? 1.474   -7.800  -14.189 1.00 51.30  ? 103 GLN A CD  1 
ATOM   619  O  OE1 . GLN A 1 79  ? 0.503   -7.694  -14.928 1.00 64.79  ? 103 GLN A OE1 1 
ATOM   620  N  NE2 . GLN A 1 79  ? 1.589   -8.781  -13.309 1.00 44.24  ? 103 GLN A NE2 1 
ATOM   621  N  N   . ILE A 1 80  ? 5.945   -5.417  -15.388 1.00 50.69  ? 104 ILE A N   1 
ATOM   622  C  CA  . ILE A 1 80  ? 7.170   -5.997  -16.000 1.00 52.49  ? 104 ILE A CA  1 
ATOM   623  C  C   . ILE A 1 80  ? 7.540   -7.272  -15.250 1.00 53.13  ? 104 ILE A C   1 
ATOM   624  O  O   . ILE A 1 80  ? 7.906   -7.160  -14.097 1.00 55.38  ? 104 ILE A O   1 
ATOM   625  C  CB  . ILE A 1 80  ? 8.326   -4.985  -15.987 1.00 58.54  ? 104 ILE A CB  1 
ATOM   626  C  CG1 . ILE A 1 80  ? 7.948   -3.670  -16.668 1.00 55.75  ? 104 ILE A CG1 1 
ATOM   627  C  CG2 . ILE A 1 80  ? 9.569   -5.604  -16.604 1.00 65.15  ? 104 ILE A CG2 1 
ATOM   628  C  CD1 . ILE A 1 80  ? 7.431   -2.631  -15.719 1.00 53.04  ? 104 ILE A CD1 1 
ATOM   629  N  N   . GLU A 1 81  ? 7.430   -8.434  -15.892 1.00 64.08  ? 105 GLU A N   1 
ATOM   630  C  CA  . GLU A 1 81  ? 8.141   -9.669  -15.478 1.00 66.98  ? 105 GLU A CA  1 
ATOM   631  C  C   . GLU A 1 81  ? 9.604   -9.252  -15.304 1.00 68.89  ? 105 GLU A C   1 
ATOM   632  O  O   . GLU A 1 81  ? 10.160  -8.647  -16.252 1.00 66.13  ? 105 GLU A O   1 
ATOM   633  C  CB  . GLU A 1 81  ? 7.870   -10.769 -16.504 1.00 72.40  ? 105 GLU A CB  1 
ATOM   634  C  CG  . GLU A 1 81  ? 8.966   -11.808 -16.624 1.00 85.57  ? 105 GLU A CG  1 
ATOM   635  C  CD  . GLU A 1 81  ? 9.114   -12.746 -15.444 1.00 88.74  ? 105 GLU A CD  1 
ATOM   636  O  OE1 . GLU A 1 81  ? 8.281   -12.663 -14.515 1.00 100.26 ? 105 GLU A OE1 1 
ATOM   637  O  OE2 . GLU A 1 81  ? 10.064  -13.558 -15.461 1.00 81.28  ? 105 GLU A OE2 1 
ATOM   638  N  N   . GLN A 1 82  ? 10.183  -9.515  -14.137 1.00 60.87  ? 106 GLN A N   1 
ATOM   639  C  CA  . GLN A 1 82  ? 11.463  -8.856  -13.784 1.00 66.57  ? 106 GLN A CA  1 
ATOM   640  C  C   . GLN A 1 82  ? 12.603  -9.506  -14.573 1.00 67.59  ? 106 GLN A C   1 
ATOM   641  O  O   . GLN A 1 82  ? 13.417  -8.775  -15.127 1.00 62.91  ? 106 GLN A O   1 
ATOM   642  C  CB  . GLN A 1 82  ? 11.686  -8.928  -12.276 1.00 58.12  ? 106 GLN A CB  1 
ATOM   643  C  CG  . GLN A 1 82  ? 10.984  -7.823  -11.516 1.00 57.57  ? 106 GLN A CG  1 
ATOM   644  C  CD  . GLN A 1 82  ? 11.297  -7.868  -10.047 1.00 55.24  ? 106 GLN A CD  1 
ATOM   645  O  OE1 . GLN A 1 82  ? 12.445  -7.830  -9.638  1.00 51.90  ? 106 GLN A OE1 1 
ATOM   646  N  NE2 . GLN A 1 82  ? 10.266  -7.941  -9.238  1.00 54.63  ? 106 GLN A NE2 1 
ATOM   647  N  N   . VAL A 1 83  ? 12.670  -10.833 -14.568 1.00 71.47  ? 107 VAL A N   1 
ATOM   648  C  CA  . VAL A 1 83  ? 13.764  -11.557 -15.275 1.00 86.67  ? 107 VAL A CA  1 
ATOM   649  C  C   . VAL A 1 83  ? 13.657  -11.369 -16.791 1.00 88.56  ? 107 VAL A C   1 
ATOM   650  O  O   . VAL A 1 83  ? 14.656  -11.013 -17.405 1.00 87.31  ? 107 VAL A O   1 
ATOM   651  C  CB  . VAL A 1 83  ? 13.716  -13.048 -14.923 1.00 89.11  ? 107 VAL A CB  1 
ATOM   652  C  CG1 . VAL A 1 83  ? 14.757  -13.826 -15.699 1.00 90.31  ? 107 VAL A CG1 1 
ATOM   653  C  CG2 . VAL A 1 83  ? 13.872  -13.263 -13.430 1.00 82.97  ? 107 VAL A CG2 1 
ATOM   654  N  N   . THR A 1 84  ? 12.466  -11.535 -17.356 1.00 85.80  ? 108 THR A N   1 
ATOM   655  C  CA  . THR A 1 84  ? 12.342  -11.754 -18.815 1.00 78.25  ? 108 THR A CA  1 
ATOM   656  C  C   . THR A 1 84  ? 12.064  -10.419 -19.478 1.00 71.34  ? 108 THR A C   1 
ATOM   657  O  O   . THR A 1 84  ? 12.242  -10.326 -20.679 1.00 75.65  ? 108 THR A O   1 
ATOM   658  C  CB  . THR A 1 84  ? 11.116  -12.603 -19.127 1.00 83.78  ? 108 THR A CB  1 
ATOM   659  O  OG1 . THR A 1 84  ? 11.132  -13.691 -18.210 1.00 82.61  ? 108 THR A OG1 1 
ATOM   660  C  CG2 . THR A 1 84  ? 11.121  -13.101 -20.549 1.00 94.13  ? 108 THR A CG2 1 
ATOM   661  N  N   . LYS A 1 85  ? 11.660  -9.457  -18.657 1.00 64.02  ? 109 LYS A N   1 
ATOM   662  C  CA  . LYS A 1 85  ? 11.356  -8.056  -19.027 1.00 62.62  ? 109 LYS A CA  1 
ATOM   663  C  C   . LYS A 1 85  ? 10.153  -7.993  -19.963 1.00 60.16  ? 109 LYS A C   1 
ATOM   664  O  O   . LYS A 1 85  ? 9.934   -6.932  -20.533 1.00 63.39  ? 109 LYS A O   1 
ATOM   665  C  CB  . LYS A 1 85  ? 12.578  -7.328  -19.582 1.00 75.19  ? 109 LYS A CB  1 
ATOM   666  C  CG  . LYS A 1 85  ? 13.511  -6.700  -18.560 1.00 82.20  ? 109 LYS A CG  1 
ATOM   667  C  CD  . LYS A 1 85  ? 14.582  -5.863  -19.225 1.00 88.91  ? 109 LYS A CD  1 
ATOM   668  C  CE  . LYS A 1 85  ? 15.604  -5.280  -18.275 1.00 94.13  ? 109 LYS A CE  1 
ATOM   669  N  NZ  . LYS A 1 85  ? 16.776  -4.747  -19.008 1.00 96.29  ? 109 LYS A NZ  1 
ATOM   670  N  N   . ILE A 1 86  ? 9.356   -9.053  -20.031 1.00 57.57  ? 110 ILE A N   1 
ATOM   671  C  CA  . ILE A 1 86  ? 8.087   -8.949  -20.800 1.00 66.12  ? 110 ILE A CA  1 
ATOM   672  C  C   . ILE A 1 86  ? 7.252   -7.869  -20.124 1.00 66.50  ? 110 ILE A C   1 
ATOM   673  O  O   . ILE A 1 86  ? 6.930   -8.038  -18.966 1.00 66.11  ? 110 ILE A O   1 
ATOM   674  C  CB  . ILE A 1 86  ? 7.318   -10.280 -20.743 1.00 70.13  ? 110 ILE A CB  1 
ATOM   675  C  CG1 . ILE A 1 86  ? 8.175   -11.485 -21.121 1.00 79.37  ? 110 ILE A CG1 1 
ATOM   676  C  CG2 . ILE A 1 86  ? 6.068   -10.213 -21.585 1.00 73.64  ? 110 ILE A CG2 1 
ATOM   677  C  CD1 . ILE A 1 86  ? 7.583   -12.797 -20.683 1.00 79.01  ? 110 ILE A CD1 1 
ATOM   678  N  N   . CYS A 1 87  ? 6.808   -6.876  -20.879 1.00 68.77  ? 111 CYS A N   1 
ATOM   679  C  CA  . CYS A 1 87  ? 6.048   -5.756  -20.287 1.00 64.54  ? 111 CYS A CA  1 
ATOM   680  C  C   . CYS A 1 87  ? 4.597   -5.847  -20.749 1.00 60.15  ? 111 CYS A C   1 
ATOM   681  O  O   . CYS A 1 87  ? 4.369   -6.129  -21.909 1.00 66.59  ? 111 CYS A O   1 
ATOM   682  C  CB  . CYS A 1 87  ? 6.664   -4.423  -20.679 1.00 67.98  ? 111 CYS A CB  1 
ATOM   683  S  SG  . CYS A 1 87  ? 5.726   -2.999  -20.081 1.00 78.78  ? 111 CYS A SG  1 
ATOM   684  N  N   . SER A 1 88  ? 3.673   -5.622  -19.830 1.00 58.72  ? 112 SER A N   1 
ATOM   685  C  CA  . SER A 1 88  ? 2.229   -5.415  -20.109 1.00 53.23  ? 112 SER A CA  1 
ATOM   686  C  C   . SER A 1 88  ? 1.854   -3.948  -19.848 1.00 52.10  ? 112 SER A C   1 
ATOM   687  O  O   . SER A 1 88  ? 2.242   -3.436  -18.815 1.00 51.53  ? 112 SER A O   1 
ATOM   688  C  CB  . SER A 1 88  ? 1.391   -6.334  -19.260 1.00 50.23  ? 112 SER A CB  1 
ATOM   689  O  OG  . SER A 1 88  ? 0.046   -5.864  -19.190 1.00 61.77  ? 112 SER A OG  1 
ATOM   690  N  N   . LYS A 1 89  ? 1.106   -3.312  -20.753 1.00 55.82  ? 113 LYS A N   1 
ATOM   691  C  CA  . LYS A 1 89  ? 0.528   -1.948  -20.588 1.00 57.46  ? 113 LYS A CA  1 
ATOM   692  C  C   . LYS A 1 89  ? -1.000  -2.068  -20.543 1.00 52.14  ? 113 LYS A C   1 
ATOM   693  O  O   . LYS A 1 89  ? -1.573  -2.565  -21.512 1.00 57.15  ? 113 LYS A O   1 
ATOM   694  C  CB  . LYS A 1 89  ? 0.983   -1.028  -21.723 1.00 63.11  ? 113 LYS A CB  1 
ATOM   695  C  CG  . LYS A 1 89  ? 0.549   0.424   -21.570 1.00 68.57  ? 113 LYS A CG  1 
ATOM   696  C  CD  . LYS A 1 89  ? 0.597   1.237   -22.846 1.00 76.57  ? 113 LYS A CD  1 
ATOM   697  C  CE  . LYS A 1 89  ? -0.284  2.469   -22.771 1.00 87.72  ? 113 LYS A CE  1 
ATOM   698  N  NZ  . LYS A 1 89  ? -0.313  3.218   -24.050 1.00 94.37  ? 113 LYS A NZ  1 
ATOM   699  N  N   . ASN A 1 90  ? -1.618  -1.641  -19.444 1.00 44.75  ? 114 ASN A N   1 
ATOM   700  C  CA  . ASN A 1 90  ? -3.073  -1.770  -19.174 1.00 50.91  ? 114 ASN A CA  1 
ATOM   701  C  C   . ASN A 1 90  ? -3.644  -0.403  -18.810 1.00 54.96  ? 114 ASN A C   1 
ATOM   702  O  O   . ASN A 1 90  ? -2.934  0.403   -18.158 1.00 54.72  ? 114 ASN A O   1 
ATOM   703  C  CB  . ASN A 1 90  ? -3.357  -2.733  -18.017 1.00 55.38  ? 114 ASN A CB  1 
ATOM   704  C  CG  . ASN A 1 90  ? -2.453  -3.940  -18.068 1.00 60.54  ? 114 ASN A CG  1 
ATOM   705  O  OD1 . ASN A 1 90  ? -1.386  -3.952  -17.444 1.00 62.78  ? 114 ASN A OD1 1 
ATOM   706  N  ND2 . ASN A 1 90  ? -2.825  -4.901  -18.894 1.00 57.62  ? 114 ASN A ND2 1 
ATOM   707  N  N   . THR A 1 91  ? -4.894  -0.170  -19.192 1.00 55.66  ? 115 THR A N   1 
ATOM   708  C  CA  . THR A 1 91  ? -5.670  1.023   -18.778 1.00 59.22  ? 115 THR A CA  1 
ATOM   709  C  C   . THR A 1 91  ? -6.054  0.832   -17.312 1.00 53.93  ? 115 THR A C   1 
ATOM   710  O  O   . THR A 1 91  ? -6.359  -0.314  -16.953 1.00 63.31  ? 115 THR A O   1 
ATOM   711  C  CB  . THR A 1 91  ? -6.923  1.209   -19.644 1.00 60.25  ? 115 THR A CB  1 
ATOM   712  O  OG1 . THR A 1 91  ? -6.883  0.266   -20.714 1.00 64.32  ? 115 THR A OG1 1 
ATOM   713  C  CG2 . THR A 1 91  ? -7.051  2.612   -20.194 1.00 61.19  ? 115 THR A CG2 1 
ATOM   714  N  N   . LEU A 1 92  ? -6.057  1.918   -16.536 1.00 53.61  ? 116 LEU A N   1 
ATOM   715  C  CA  . LEU A 1 92  ? -6.604  2.005   -15.152 1.00 56.16  ? 116 LEU A CA  1 
ATOM   716  C  C   . LEU A 1 92  ? -7.981  2.664   -15.205 1.00 58.97  ? 116 LEU A C   1 
ATOM   717  O  O   . LEU A 1 92  ? -8.077  3.789   -15.703 1.00 60.94  ? 116 LEU A O   1 
ATOM   718  C  CB  . LEU A 1 92  ? -5.672  2.844   -14.267 1.00 53.53  ? 116 LEU A CB  1 
ATOM   719  C  CG  . LEU A 1 92  ? -4.407  2.151   -13.766 1.00 47.04  ? 116 LEU A CG  1 
ATOM   720  C  CD1 . LEU A 1 92  ? -3.488  3.157   -13.082 1.00 44.89  ? 116 LEU A CD1 1 
ATOM   721  C  CD2 . LEU A 1 92  ? -4.753  1.006   -12.822 1.00 43.11  ? 116 LEU A CD2 1 
ATOM   722  N  N   . THR A 1 93  ? -9.003  1.991   -14.694 1.00 66.20  ? 117 THR A N   1 
ATOM   723  C  CA  . THR A 1 93  ? -10.390 2.513   -14.624 1.00 72.55  ? 117 THR A CA  1 
ATOM   724  C  C   . THR A 1 93  ? -10.581 3.143   -13.242 1.00 74.91  ? 117 THR A C   1 
ATOM   725  O  O   . THR A 1 93  ? -11.274 4.183   -13.149 1.00 74.50  ? 117 THR A O   1 
ATOM   726  C  CB  . THR A 1 93  ? -11.376 1.386   -14.961 1.00 79.88  ? 117 THR A CB  1 
ATOM   727  O  OG1 . THR A 1 93  ? -11.372 0.371   -13.953 1.00 74.11  ? 117 THR A OG1 1 
ATOM   728  C  CG2 . THR A 1 93  ? -11.038 0.730   -16.283 1.00 84.72  ? 117 THR A CG2 1 
ATOM   729  N  N   . GLU A 1 94  ? -9.950  2.543   -12.223 1.00 71.50  ? 118 GLU A N   1 
ATOM   730  C  CA  . GLU A 1 94  ? -10.207 2.813   -10.786 1.00 70.16  ? 118 GLU A CA  1 
ATOM   731  C  C   . GLU A 1 94  ? -9.532  4.118   -10.396 1.00 63.75  ? 118 GLU A C   1 
ATOM   732  O  O   . GLU A 1 94  ? -8.428  4.420   -10.848 1.00 59.75  ? 118 GLU A O   1 
ATOM   733  C  CB  . GLU A 1 94  ? -9.702  1.672   -9.896  1.00 75.32  ? 118 GLU A CB  1 
ATOM   734  C  CG  . GLU A 1 94  ? -10.292 0.316   -10.237 1.00 82.96  ? 118 GLU A CG  1 
ATOM   735  C  CD  . GLU A 1 94  ? -11.812 0.228   -10.211 1.00 92.35  ? 118 GLU A CD  1 
ATOM   736  O  OE1 . GLU A 1 94  ? -12.486 1.284   -10.250 1.00 89.14  ? 118 GLU A OE1 1 
ATOM   737  O  OE2 . GLU A 1 94  ? -12.326 -0.904  -10.164 1.00 99.79  ? 118 GLU A OE2 1 
ATOM   738  N  N   . PRO A 1 95  ? -10.179 4.918   -9.524  1.00 56.76  ? 119 PRO A N   1 
ATOM   739  C  CA  . PRO A 1 95  ? -9.538  6.111   -8.978  1.00 57.23  ? 119 PRO A CA  1 
ATOM   740  C  C   . PRO A 1 95  ? -8.327  5.742   -8.106  1.00 51.37  ? 119 PRO A C   1 
ATOM   741  O  O   . PRO A 1 95  ? -8.207  4.623   -7.633  1.00 47.38  ? 119 PRO A O   1 
ATOM   742  C  CB  . PRO A 1 95  ? -10.631 6.802   -8.133  1.00 60.91  ? 119 PRO A CB  1 
ATOM   743  C  CG  . PRO A 1 95  ? -11.670 5.709   -7.860  1.00 57.00  ? 119 PRO A CG  1 
ATOM   744  C  CD  . PRO A 1 95  ? -11.534 4.699   -8.986  1.00 58.50  ? 119 PRO A CD  1 
ATOM   745  N  N   . TRP A 1 96  ? -7.446  6.719   -7.941  1.00 50.08  ? 120 TRP A N   1 
ATOM   746  C  CA  . TRP A 1 96  ? -6.287  6.684   -7.025  1.00 47.69  ? 120 TRP A CA  1 
ATOM   747  C  C   . TRP A 1 96  ? -6.794  6.513   -5.593  1.00 52.73  ? 120 TRP A C   1 
ATOM   748  O  O   . TRP A 1 96  ? -7.801  7.165   -5.223  1.00 56.76  ? 120 TRP A O   1 
ATOM   749  C  CB  . TRP A 1 96  ? -5.479  7.971   -7.183  1.00 48.48  ? 120 TRP A CB  1 
ATOM   750  C  CG  . TRP A 1 96  ? -4.603  8.273   -6.012  1.00 47.02  ? 120 TRP A CG  1 
ATOM   751  C  CD1 . TRP A 1 96  ? -4.862  9.140   -4.987  1.00 43.79  ? 120 TRP A CD1 1 
ATOM   752  C  CD2 . TRP A 1 96  ? -3.325  7.688   -5.739  1.00 44.14  ? 120 TRP A CD2 1 
ATOM   753  N  NE1 . TRP A 1 96  ? -3.814  9.161   -4.120  1.00 44.30  ? 120 TRP A NE1 1 
ATOM   754  C  CE2 . TRP A 1 96  ? -2.863  8.271   -4.545  1.00 46.09  ? 120 TRP A CE2 1 
ATOM   755  C  CE3 . TRP A 1 96  ? -2.518  6.752   -6.392  1.00 47.22  ? 120 TRP A CE3 1 
ATOM   756  C  CZ2 . TRP A 1 96  ? -1.638  7.917   -3.983  1.00 44.61  ? 120 TRP A CZ2 1 
ATOM   757  C  CZ3 . TRP A 1 96  ? -1.302  6.413   -5.838  1.00 45.61  ? 120 TRP A CZ3 1 
ATOM   758  C  CH2 . TRP A 1 96  ? -0.871  6.987   -4.646  1.00 40.84  ? 120 TRP A CH2 1 
ATOM   759  N  N   . ASP A 1 97  ? -6.111  5.675   -4.820  1.00 49.50  ? 121 ASP A N   1 
ATOM   760  C  CA  . ASP A 1 97  ? -6.387  5.515   -3.379  1.00 53.94  ? 121 ASP A CA  1 
ATOM   761  C  C   . ASP A 1 97  ? -5.093  5.713   -2.609  1.00 44.75  ? 121 ASP A C   1 
ATOM   762  O  O   . ASP A 1 97  ? -4.215  4.862   -2.648  1.00 42.46  ? 121 ASP A O   1 
ATOM   763  C  CB  . ASP A 1 97  ? -7.007  4.158   -3.051  1.00 64.25  ? 121 ASP A CB  1 
ATOM   764  C  CG  . ASP A 1 97  ? -7.316  4.073   -1.570  1.00 72.61  ? 121 ASP A CG  1 
ATOM   765  O  OD1 . ASP A 1 97  ? -8.038  4.975   -1.078  1.00 74.60  ? 121 ASP A OD1 1 
ATOM   766  O  OD2 . ASP A 1 97  ? -6.775  3.162   -0.907  1.00 68.55  ? 121 ASP A OD2 1 
ATOM   767  N  N   . PRO A 1 98  ? -4.982  6.804   -1.823  1.00 36.47  ? 122 PRO A N   1 
ATOM   768  C  CA  . PRO A 1 98  ? -3.780  7.045   -1.035  1.00 36.56  ? 122 PRO A CA  1 
ATOM   769  C  C   . PRO A 1 98  ? -3.628  6.038   0.121   1.00 33.08  ? 122 PRO A C   1 
ATOM   770  O  O   . PRO A 1 98  ? -4.601  5.451   0.532   1.00 34.33  ? 122 PRO A O   1 
ATOM   771  C  CB  . PRO A 1 98  ? -3.992  8.481   -0.528  1.00 35.16  ? 122 PRO A CB  1 
ATOM   772  C  CG  . PRO A 1 98  ? -5.508  8.676   -0.515  1.00 34.94  ? 122 PRO A CG  1 
ATOM   773  C  CD  . PRO A 1 98  ? -6.053  7.790   -1.593  1.00 34.96  ? 122 PRO A CD  1 
ATOM   774  N  N   . TYR A 1 99  ? -2.411  5.826   0.621   1.00 33.82  ? 123 TYR A N   1 
ATOM   775  C  CA  . TYR A 1 99  ? -2.201  5.254   1.974   1.00 33.20  ? 123 TYR A CA  1 
ATOM   776  C  C   . TYR A 1 99  ? -2.280  6.411   2.981   1.00 37.29  ? 123 TYR A C   1 
ATOM   777  O  O   . TYR A 1 99  ? -1.240  7.022   3.328   1.00 36.23  ? 123 TYR A O   1 
ATOM   778  C  CB  . TYR A 1 99  ? -0.919  4.439   2.078   1.00 36.54  ? 123 TYR A CB  1 
ATOM   779  C  CG  . TYR A 1 99  ? -0.870  3.177   1.248   1.00 44.61  ? 123 TYR A CG  1 
ATOM   780  C  CD1 . TYR A 1 99  ? -1.808  2.170   1.412   1.00 43.02  ? 123 TYR A CD1 1 
ATOM   781  C  CD2 . TYR A 1 99  ? 0.167   2.956   0.356   1.00 42.88  ? 123 TYR A CD2 1 
ATOM   782  C  CE1 . TYR A 1 99  ? -1.752  1.004   0.671   1.00 42.50  ? 123 TYR A CE1 1 
ATOM   783  C  CE2 . TYR A 1 99  ? 0.238   1.792   -0.387  1.00 45.98  ? 123 TYR A CE2 1 
ATOM   784  C  CZ  . TYR A 1 99  ? -0.718  0.807   -0.222  1.00 45.06  ? 123 TYR A CZ  1 
ATOM   785  O  OH  . TYR A 1 99  ? -0.639  -0.360  -0.933  1.00 52.77  ? 123 TYR A OH  1 
ATOM   786  N  N   . ASP A 1 100 ? -3.506  6.718   3.418   1.00 36.22  ? 124 ASP A N   1 
ATOM   787  C  CA  . ASP A 1 100 ? -3.776  7.729   4.463   1.00 38.92  ? 124 ASP A CA  1 
ATOM   788  C  C   . ASP A 1 100 ? -5.115  7.385   5.127   1.00 40.76  ? 124 ASP A C   1 
ATOM   789  O  O   . ASP A 1 100 ? -5.825  6.482   4.657   1.00 43.08  ? 124 ASP A O   1 
ATOM   790  C  CB  . ASP A 1 100 ? -3.793  9.132   3.838   1.00 41.76  ? 124 ASP A CB  1 
ATOM   791  C  CG  . ASP A 1 100 ? -5.030  9.429   2.987   1.00 44.47  ? 124 ASP A CG  1 
ATOM   792  O  OD1 . ASP A 1 100 ? -6.002  8.642   3.039   1.00 46.02  ? 124 ASP A OD1 1 
ATOM   793  O  OD2 . ASP A 1 100 ? -5.019  10.452  2.270   1.00 46.67  ? 124 ASP A OD2 1 
ATOM   794  N  N   . ILE A 1 101 ? -5.494  8.152   6.130   1.00 40.15  ? 125 ILE A N   1 
ATOM   795  C  CA  . ILE A 1 101 ? -6.781  7.970   6.858   1.00 40.08  ? 125 ILE A CA  1 
ATOM   796  C  C   . ILE A 1 101 ? -7.812  8.882   6.219   1.00 39.03  ? 125 ILE A C   1 
ATOM   797  O  O   . ILE A 1 101 ? -7.651  10.077  6.246   1.00 44.68  ? 125 ILE A O   1 
ATOM   798  C  CB  . ILE A 1 101 ? -6.583  8.297   8.351   1.00 38.91  ? 125 ILE A CB  1 
ATOM   799  C  CG1 . ILE A 1 101 ? -5.365  7.570   8.908   1.00 36.49  ? 125 ILE A CG1 1 
ATOM   800  C  CG2 . ILE A 1 101 ? -7.844  7.977   9.129   1.00 40.71  ? 125 ILE A CG2 1 
ATOM   801  C  CD1 . ILE A 1 101 ? -4.799  8.162   10.156  1.00 44.92  ? 125 ILE A CD1 1 
ATOM   802  N  N   . PRO A 1 102 ? -8.907  8.384   5.620   1.00 44.44  ? 126 PRO A N   1 
ATOM   803  C  CA  . PRO A 1 102 ? -9.898  9.292   5.047   1.00 42.91  ? 126 PRO A CA  1 
ATOM   804  C  C   . PRO A 1 102 ? -10.414 10.231  6.145   1.00 47.40  ? 126 PRO A C   1 
ATOM   805  O  O   . PRO A 1 102 ? -10.525 9.812   7.290   1.00 45.65  ? 126 PRO A O   1 
ATOM   806  C  CB  . PRO A 1 102 ? -10.993 8.372   4.499   1.00 43.56  ? 126 PRO A CB  1 
ATOM   807  C  CG  . PRO A 1 102 ? -10.309 7.016   4.343   1.00 45.13  ? 126 PRO A CG  1 
ATOM   808  C  CD  . PRO A 1 102 ? -9.220  6.964   5.400   1.00 43.68  ? 126 PRO A CD  1 
ATOM   809  N  N   . GLU A 1 103 ? -10.776 11.448  5.755   1.00 51.34  ? 127 GLU A N   1 
ATOM   810  C  CA  . GLU A 1 103 ? -11.136 12.575  6.663   1.00 54.21  ? 127 GLU A CA  1 
ATOM   811  C  C   . GLU A 1 103 ? -12.296 12.179  7.604   1.00 43.95  ? 127 GLU A C   1 
ATOM   812  O  O   . GLU A 1 103 ? -12.251 12.575  8.752   1.00 45.62  ? 127 GLU A O   1 
ATOM   813  C  CB  . GLU A 1 103 ? -11.467 13.818  5.822   1.00 60.60  ? 127 GLU A CB  1 
ATOM   814  C  CG  . GLU A 1 103 ? -11.024 15.128  6.460   1.00 74.61  ? 127 GLU A CG  1 
ATOM   815  C  CD  . GLU A 1 103 ? -12.108 15.885  7.219   1.00 80.66  ? 127 GLU A CD  1 
ATOM   816  O  OE1 . GLU A 1 103 ? -12.500 16.982  6.754   1.00 79.80  ? 127 GLU A OE1 1 
ATOM   817  O  OE2 . GLU A 1 103 ? -12.553 15.386  8.279   1.00 91.57  ? 127 GLU A OE2 1 
ATOM   818  N  N   . ASN A 1 104 ? -13.292 11.439  7.121   1.00 44.02  ? 128 ASN A N   1 
ATOM   819  C  CA  . ASN A 1 104 ? -14.537 11.065  7.847   1.00 46.23  ? 128 ASN A CA  1 
ATOM   820  C  C   . ASN A 1 104 ? -14.371 9.725   8.603   1.00 52.12  ? 128 ASN A C   1 
ATOM   821  O  O   . ASN A 1 104 ? -15.399 9.145   8.968   1.00 50.39  ? 128 ASN A O   1 
ATOM   822  C  CB  . ASN A 1 104 ? -15.709 10.926  6.862   1.00 51.92  ? 128 ASN A CB  1 
ATOM   823  C  CG  . ASN A 1 104 ? -15.453 9.870   5.795   1.00 57.06  ? 128 ASN A CG  1 
ATOM   824  O  OD1 . ASN A 1 104 ? -14.321 9.706   5.362   1.00 63.18  ? 128 ASN A OD1 1 
ATOM   825  N  ND2 . ASN A 1 104 ? -16.471 9.135   5.366   1.00 57.81  ? 128 ASN A ND2 1 
ATOM   826  N  N   . SER A 1 105 ? -13.154 9.213   8.831   1.00 44.76  ? 129 SER A N   1 
ATOM   827  C  CA  . SER A 1 105 ? -12.947 7.902   9.500   1.00 42.58  ? 129 SER A CA  1 
ATOM   828  C  C   . SER A 1 105 ? -13.360 7.969   10.985  1.00 42.25  ? 129 SER A C   1 
ATOM   829  O  O   . SER A 1 105 ? -13.252 9.017   11.632  1.00 40.89  ? 129 SER A O   1 
ATOM   830  C  CB  . SER A 1 105 ? -11.513 7.413   9.335   1.00 43.67  ? 129 SER A CB  1 
ATOM   831  O  OG  . SER A 1 105 ? -11.156 7.239   7.958   1.00 43.09  ? 129 SER A OG  1 
ATOM   832  N  N   . THR A 1 106 ? -13.775 6.833   11.520  1.00 38.17  ? 130 THR A N   1 
ATOM   833  C  CA  . THR A 1 106 ? -14.093 6.615   12.940  1.00 36.56  ? 130 THR A CA  1 
ATOM   834  C  C   . THR A 1 106 ? -12.787 6.358   13.692  1.00 40.02  ? 130 THR A C   1 
ATOM   835  O  O   . THR A 1 106 ? -11.986 5.555   13.209  1.00 38.97  ? 130 THR A O   1 
ATOM   836  C  CB  . THR A 1 106 ? -15.033 5.427   13.082  1.00 37.57  ? 130 THR A CB  1 
ATOM   837  O  OG1 . THR A 1 106 ? -16.108 5.639   12.173  1.00 36.09  ? 130 THR A OG1 1 
ATOM   838  C  CG2 . THR A 1 106 ? -15.513 5.241   14.502  1.00 41.08  ? 130 THR A CG2 1 
ATOM   839  N  N   . TYR A 1 107 ? -12.589 7.045   14.815  1.00 37.95  ? 131 TYR A N   1 
ATOM   840  C  CA  . TYR A 1 107 ? -11.452 6.852   15.723  1.00 36.26  ? 131 TYR A CA  1 
ATOM   841  C  C   . TYR A 1 107 ? -11.775 5.569   16.500  1.00 41.65  ? 131 TYR A C   1 
ATOM   842  O  O   . TYR A 1 107 ? -12.902 5.426   16.979  1.00 42.97  ? 131 TYR A O   1 
ATOM   843  C  CB  . TYR A 1 107 ? -11.235 8.104   16.571  1.00 37.21  ? 131 TYR A CB  1 
ATOM   844  C  CG  . TYR A 1 107 ? -10.254 7.907   17.700  1.00 42.03  ? 131 TYR A CG  1 
ATOM   845  C  CD1 . TYR A 1 107 ? -8.890  7.983   17.459  1.00 39.13  ? 131 TYR A CD1 1 
ATOM   846  C  CD2 . TYR A 1 107 ? -10.680 7.633   18.998  1.00 42.89  ? 131 TYR A CD2 1 
ATOM   847  C  CE1 . TYR A 1 107 ? -7.967  7.798   18.468  1.00 39.29  ? 131 TYR A CE1 1 
ATOM   848  C  CE2 . TYR A 1 107 ? -9.765  7.421   20.019  1.00 43.40  ? 131 TYR A CE2 1 
ATOM   849  C  CZ  . TYR A 1 107 ? -8.405  7.514   19.748  1.00 44.59  ? 131 TYR A CZ  1 
ATOM   850  O  OH  . TYR A 1 107 ? -7.461  7.298   20.706  1.00 49.83  ? 131 TYR A OH  1 
ATOM   851  N  N   . GLU A 1 108 ? -10.829 4.635   16.571  1.00 40.10  ? 132 GLU A N   1 
ATOM   852  C  CA  . GLU A 1 108 ? -11.011 3.348   17.282  1.00 38.83  ? 132 GLU A CA  1 
ATOM   853  C  C   . GLU A 1 108 ? -10.173 3.340   18.569  1.00 39.66  ? 132 GLU A C   1 
ATOM   854  O  O   . GLU A 1 108 ? -10.686 2.908   19.578  1.00 41.45  ? 132 GLU A O   1 
ATOM   855  C  CB  . GLU A 1 108 ? -10.653 2.196   16.354  1.00 40.19  ? 132 GLU A CB  1 
ATOM   856  C  CG  . GLU A 1 108 ? -11.608 2.047   15.177  1.00 41.84  ? 132 GLU A CG  1 
ATOM   857  C  CD  . GLU A 1 108 ? -12.994 1.525   15.515  1.00 42.72  ? 132 GLU A CD  1 
ATOM   858  O  OE1 . GLU A 1 108 ? -13.301 1.374   16.724  1.00 44.79  ? 132 GLU A OE1 1 
ATOM   859  O  OE2 . GLU A 1 108 ? -13.769 1.272   14.571  1.00 41.88  ? 132 GLU A OE2 1 
ATOM   860  N  N   . ASP A 1 109 ? -8.927  3.793   18.562  1.00 35.28  ? 133 ASP A N   1 
ATOM   861  C  CA  . ASP A 1 109 ? -8.076  3.592   19.751  1.00 38.37  ? 133 ASP A CA  1 
ATOM   862  C  C   . ASP A 1 109 ? -6.682  4.189   19.554  1.00 38.49  ? 133 ASP A C   1 
ATOM   863  O  O   . ASP A 1 109 ? -6.262  4.544   18.424  1.00 36.01  ? 133 ASP A O   1 
ATOM   864  C  CB  . ASP A 1 109 ? -7.923  2.086   20.013  1.00 44.30  ? 133 ASP A CB  1 
ATOM   865  C  CG  . ASP A 1 109 ? -7.476  1.724   21.411  1.00 43.72  ? 133 ASP A CG  1 
ATOM   866  O  OD1 . ASP A 1 109 ? -7.261  2.651   22.224  1.00 47.56  ? 133 ASP A OD1 1 
ATOM   867  O  OD2 . ASP A 1 109 ? -7.305  0.512   21.665  1.00 51.40  ? 133 ASP A OD2 1 
ATOM   868  N  N   . GLN A 1 110 ? -5.958  4.199   20.645  1.00 38.47  ? 134 GLN A N   1 
ATOM   869  C  CA  . GLN A 1 110 ? -4.550  4.621   20.705  1.00 41.61  ? 134 GLN A CA  1 
ATOM   870  C  C   . GLN A 1 110 ? -3.894  3.709   21.725  1.00 35.97  ? 134 GLN A C   1 
ATOM   871  O  O   . GLN A 1 110 ? -4.487  3.439   22.784  1.00 38.55  ? 134 GLN A O   1 
ATOM   872  C  CB  . GLN A 1 110 ? -4.406  6.090   21.114  1.00 44.24  ? 134 GLN A CB  1 
ATOM   873  C  CG  . GLN A 1 110 ? -3.012  6.624   20.814  1.00 53.06  ? 134 GLN A CG  1 
ATOM   874  C  CD  . GLN A 1 110 ? -2.770  8.017   21.343  1.00 59.04  ? 134 GLN A CD  1 
ATOM   875  O  OE1 . GLN A 1 110 ? -3.121  9.022   20.713  1.00 59.62  ? 134 GLN A OE1 1 
ATOM   876  N  NE2 . GLN A 1 110 ? -2.133  8.072   22.501  1.00 59.89  ? 134 GLN A NE2 1 
ATOM   877  N  N   . TYR A 1 111 ? -2.711  3.257   21.396  1.00 34.72  ? 135 TYR A N   1 
ATOM   878  C  CA  . TYR A 1 111 ? -1.980  2.274   22.212  1.00 36.70  ? 135 TYR A CA  1 
ATOM   879  C  C   . TYR A 1 111 ? -0.513  2.322   21.814  1.00 38.97  ? 135 TYR A C   1 
ATOM   880  O  O   . TYR A 1 111 ? -0.187  3.044   20.825  1.00 37.17  ? 135 TYR A O   1 
ATOM   881  C  CB  . TYR A 1 111 ? -2.593  0.893   21.987  1.00 37.99  ? 135 TYR A CB  1 
ATOM   882  C  CG  . TYR A 1 111 ? -2.757  0.463   20.552  1.00 36.25  ? 135 TYR A CG  1 
ATOM   883  C  CD1 . TYR A 1 111 ? -1.671  0.032   19.803  1.00 40.12  ? 135 TYR A CD1 1 
ATOM   884  C  CD2 . TYR A 1 111 ? -4.004  0.425   19.950  1.00 34.34  ? 135 TYR A CD2 1 
ATOM   885  C  CE1 . TYR A 1 111 ? -1.821  -0.438  18.505  1.00 39.77  ? 135 TYR A CE1 1 
ATOM   886  C  CE2 . TYR A 1 111 ? -4.175  -0.063  18.660  1.00 35.72  ? 135 TYR A CE2 1 
ATOM   887  C  CZ  . TYR A 1 111 ? -3.080  -0.498  17.941  1.00 36.40  ? 135 TYR A CZ  1 
ATOM   888  O  OH  . TYR A 1 111 ? -3.216  -0.943  16.670  1.00 40.45  ? 135 TYR A OH  1 
ATOM   889  N  N   . TYR A 1 112 ? 0.298   1.541   22.530  1.00 37.05  ? 136 TYR A N   1 
ATOM   890  C  CA  . TYR A 1 112 ? 1.760   1.417   22.326  1.00 42.73  ? 136 TYR A CA  1 
ATOM   891  C  C   . TYR A 1 112 ? 2.004   0.043   21.716  1.00 37.87  ? 136 TYR A C   1 
ATOM   892  O  O   . TYR A 1 112 ? 1.374   -0.937  22.162  1.00 32.25  ? 136 TYR A O   1 
ATOM   893  C  CB  . TYR A 1 112 ? 2.487   1.717   23.647  1.00 46.47  ? 136 TYR A CB  1 
ATOM   894  C  CG  . TYR A 1 112 ? 2.463   3.186   24.002  1.00 63.39  ? 136 TYR A CG  1 
ATOM   895  C  CD1 . TYR A 1 112 ? 1.255   3.861   24.195  1.00 72.16  ? 136 TYR A CD1 1 
ATOM   896  C  CD2 . TYR A 1 112 ? 3.633   3.933   24.095  1.00 70.32  ? 136 TYR A CD2 1 
ATOM   897  C  CE1 . TYR A 1 112 ? 1.210   5.215   24.491  1.00 68.28  ? 136 TYR A CE1 1 
ATOM   898  C  CE2 . TYR A 1 112 ? 3.606   5.287   24.405  1.00 72.74  ? 136 TYR A CE2 1 
ATOM   899  C  CZ  . TYR A 1 112 ? 2.392   5.927   24.605  1.00 70.90  ? 136 TYR A CZ  1 
ATOM   900  O  OH  . TYR A 1 112 ? 2.353   7.263   24.883  1.00 80.92  ? 136 TYR A OH  1 
ATOM   901  N  N   . ILE A 1 113 ? 2.855   -0.017  20.698  1.00 38.36  ? 137 ILE A N   1 
ATOM   902  C  CA  . ILE A 1 113 ? 3.429   -1.292  20.176  1.00 38.91  ? 137 ILE A CA  1 
ATOM   903  C  C   . ILE A 1 113 ? 4.817   -1.451  20.786  1.00 41.96  ? 137 ILE A C   1 
ATOM   904  O  O   . ILE A 1 113 ? 5.588   -0.481  20.724  1.00 41.42  ? 137 ILE A O   1 
ATOM   905  C  CB  . ILE A 1 113 ? 3.495   -1.283  18.636  1.00 41.48  ? 137 ILE A CB  1 
ATOM   906  C  CG1 . ILE A 1 113 ? 2.116   -1.478  18.014  1.00 42.48  ? 137 ILE A CG1 1 
ATOM   907  C  CG2 . ILE A 1 113 ? 4.475   -2.320  18.111  1.00 44.55  ? 137 ILE A CG2 1 
ATOM   908  C  CD1 . ILE A 1 113 ? 2.079   -1.180  16.533  1.00 47.81  ? 137 ILE A CD1 1 
ATOM   909  N  N   . GLY A 1 114 ? 5.141   -2.648  21.271  1.00 48.11  ? 138 GLY A N   1 
ATOM   910  C  CA  . GLY A 1 114 ? 6.505   -3.028  21.692  1.00 51.79  ? 138 GLY A CA  1 
ATOM   911  C  C   . GLY A 1 114 ? 6.679   -3.011  23.202  1.00 59.14  ? 138 GLY A C   1 
ATOM   912  O  O   . GLY A 1 114 ? 5.668   -3.082  23.902  1.00 56.83  ? 138 GLY A O   1 
ATOM   913  N  N   . GLY A 1 115 ? 7.927   -2.897  23.673  1.00 63.59  ? 139 GLY A N   1 
ATOM   914  C  CA  . GLY A 1 115 ? 8.314   -3.195  25.066  1.00 66.95  ? 139 GLY A CA  1 
ATOM   915  C  C   . GLY A 1 115 ? 8.657   -1.961  25.896  1.00 67.44  ? 139 GLY A C   1 
ATOM   916  O  O   . GLY A 1 115 ? 8.570   -0.833  25.428  1.00 70.78  ? 139 GLY A O   1 
ATOM   917  N  N   . PRO A 1 116 ? 9.050   -2.142  27.175  1.00 71.53  ? 140 PRO A N   1 
ATOM   918  C  CA  . PRO A 1 116 ? 9.608   -1.045  27.967  1.00 78.98  ? 140 PRO A CA  1 
ATOM   919  C  C   . PRO A 1 116 ? 10.875  -0.463  27.312  1.00 77.28  ? 140 PRO A C   1 
ATOM   920  O  O   . PRO A 1 116 ? 11.749  -1.243  26.898  1.00 62.19  ? 140 PRO A O   1 
ATOM   921  C  CB  . PRO A 1 116 ? 9.913   -1.700  29.327  1.00 85.88  ? 140 PRO A CB  1 
ATOM   922  C  CG  . PRO A 1 116 ? 9.027   -2.931  29.369  1.00 83.34  ? 140 PRO A CG  1 
ATOM   923  C  CD  . PRO A 1 116 ? 8.951   -3.400  27.932  1.00 81.46  ? 140 PRO A CD  1 
ATOM   924  N  N   . GLY A 1 117 ? 10.925  0.869   27.184  1.00 79.98  ? 141 GLY A N   1 
ATOM   925  C  CA  . GLY A 1 117 ? 12.015  1.600   26.503  1.00 91.91  ? 141 GLY A CA  1 
ATOM   926  C  C   . GLY A 1 117 ? 11.884  1.577   24.983  1.00 100.47 ? 141 GLY A C   1 
ATOM   927  O  O   . GLY A 1 117 ? 11.895  2.669   24.382  1.00 102.98 ? 141 GLY A O   1 
ATOM   928  N  N   . ASP A 1 118 ? 11.772  0.388   24.374  1.00 102.00 ? 142 ASP A N   1 
ATOM   929  C  CA  . ASP A 1 118 ? 11.656  0.197   22.898  1.00 93.77  ? 142 ASP A CA  1 
ATOM   930  C  C   . ASP A 1 118 ? 10.185  -0.060  22.525  1.00 90.11  ? 142 ASP A C   1 
ATOM   931  O  O   . ASP A 1 118 ? 9.802   -1.253  22.414  1.00 80.31  ? 142 ASP A O   1 
ATOM   932  C  CB  . ASP A 1 118 ? 12.590  -0.929  22.438  1.00 100.50 ? 142 ASP A CB  1 
ATOM   933  C  CG  . ASP A 1 118 ? 13.153  -0.745  21.038  1.00 94.50  ? 142 ASP A CG  1 
ATOM   934  O  OD1 . ASP A 1 118 ? 12.562  0.029   20.281  1.00 98.46  ? 142 ASP A OD1 1 
ATOM   935  O  OD2 . ASP A 1 118 ? 14.196  -1.368  20.723  1.00 88.19  ? 142 ASP A OD2 1 
ATOM   936  N  N   . GLN A 1 119 ? 9.398   1.017   22.345  1.00 70.89  ? 143 GLN A N   1 
ATOM   937  C  CA  . GLN A 1 119 ? 7.927   0.980   22.096  1.00 64.45  ? 143 GLN A CA  1 
ATOM   938  C  C   . GLN A 1 119 ? 7.488   2.269   21.386  1.00 56.47  ? 143 GLN A C   1 
ATOM   939  O  O   . GLN A 1 119 ? 8.135   3.305   21.598  1.00 50.48  ? 143 GLN A O   1 
ATOM   940  C  CB  . GLN A 1 119 ? 7.104   0.784   23.382  1.00 61.35  ? 143 GLN A CB  1 
ATOM   941  C  CG  . GLN A 1 119 ? 7.296   1.840   24.470  1.00 65.70  ? 143 GLN A CG  1 
ATOM   942  C  CD  . GLN A 1 119 ? 6.287   1.754   25.603  1.00 72.18  ? 143 GLN A CD  1 
ATOM   943  O  OE1 . GLN A 1 119 ? 5.949   0.680   26.108  1.00 64.55  ? 143 GLN A OE1 1 
ATOM   944  N  NE2 . GLN A 1 119 ? 5.788   2.904   26.034  1.00 71.00  ? 143 GLN A NE2 1 
ATOM   945  N  N   . ILE A 1 120 ? 6.404   2.218   20.605  1.00 44.82  ? 144 ILE A N   1 
ATOM   946  C  CA  . ILE A 1 120 ? 5.966   3.365   19.753  1.00 44.28  ? 144 ILE A CA  1 
ATOM   947  C  C   . ILE A 1 120 ? 4.465   3.547   19.922  1.00 40.45  ? 144 ILE A C   1 
ATOM   948  O  O   . ILE A 1 120 ? 3.723   2.578   19.969  1.00 39.96  ? 144 ILE A O   1 
ATOM   949  C  CB  . ILE A 1 120 ? 6.393   3.156   18.280  1.00 45.17  ? 144 ILE A CB  1 
ATOM   950  C  CG1 . ILE A 1 120 ? 6.138   4.394   17.433  1.00 46.86  ? 144 ILE A CG1 1 
ATOM   951  C  CG2 . ILE A 1 120 ? 5.722   1.958   17.642  1.00 46.44  ? 144 ILE A CG2 1 
ATOM   952  C  CD1 . ILE A 1 120 ? 6.356   4.158   15.972  1.00 46.76  ? 144 ILE A CD1 1 
ATOM   953  N  N   . PRO A 1 121 ? 3.987   4.791   20.116  1.00 44.11  ? 145 PRO A N   1 
ATOM   954  C  CA  . PRO A 1 121 ? 2.553   5.061   20.179  1.00 40.75  ? 145 PRO A CA  1 
ATOM   955  C  C   . PRO A 1 121 ? 1.902   5.111   18.791  1.00 37.17  ? 145 PRO A C   1 
ATOM   956  O  O   . PRO A 1 121 ? 2.443   5.734   17.908  1.00 34.97  ? 145 PRO A O   1 
ATOM   957  C  CB  . PRO A 1 121 ? 2.480   6.443   20.857  1.00 42.24  ? 145 PRO A CB  1 
ATOM   958  C  CG  . PRO A 1 121 ? 3.791   7.114   20.504  1.00 42.31  ? 145 PRO A CG  1 
ATOM   959  C  CD  . PRO A 1 121 ? 4.805   5.996   20.377  1.00 44.34  ? 145 PRO A CD  1 
ATOM   960  N  N   . VAL A 1 122 ? 0.760   4.448   18.618  1.00 37.75  ? 146 VAL A N   1 
ATOM   961  C  CA  . VAL A 1 122 ? 0.042   4.423   17.307  1.00 32.82  ? 146 VAL A CA  1 
ATOM   962  C  C   . VAL A 1 122 ? -1.444  4.583   17.561  1.00 33.92  ? 146 VAL A C   1 
ATOM   963  O  O   . VAL A 1 122 ? -1.895  4.337   18.699  1.00 35.77  ? 146 VAL A O   1 
ATOM   964  C  CB  . VAL A 1 122 ? 0.327   3.138   16.511  1.00 34.44  ? 146 VAL A CB  1 
ATOM   965  C  CG1 . VAL A 1 122 ? 1.821   2.869   16.365  1.00 33.33  ? 146 VAL A CG1 1 
ATOM   966  C  CG2 . VAL A 1 122 ? -0.358  1.932   17.132  1.00 36.44  ? 146 VAL A CG2 1 
ATOM   967  N  N   . GLN A 1 123 ? -2.158  4.944   16.499  1.00 36.34  ? 147 GLN A N   1 
ATOM   968  C  CA  . GLN A 1 123 ? -3.619  5.128   16.483  1.00 36.64  ? 147 GLN A CA  1 
ATOM   969  C  C   . GLN A 1 123 ? -4.267  4.142   15.527  1.00 32.09  ? 147 GLN A C   1 
ATOM   970  O  O   . GLN A 1 123 ? -3.681  3.848   14.531  1.00 35.24  ? 147 GLN A O   1 
ATOM   971  C  CB  . GLN A 1 123 ? -3.958  6.530   16.005  1.00 41.24  ? 147 GLN A CB  1 
ATOM   972  C  CG  . GLN A 1 123 ? -4.067  7.501   17.153  1.00 51.11  ? 147 GLN A CG  1 
ATOM   973  C  CD  . GLN A 1 123 ? -4.112  8.934   16.684  1.00 50.11  ? 147 GLN A CD  1 
ATOM   974  O  OE1 . GLN A 1 123 ? -4.254  9.214   15.494  1.00 50.66  ? 147 GLN A OE1 1 
ATOM   975  N  NE2 . GLN A 1 123 ? -3.977  9.837   17.640  1.00 43.44  ? 147 GLN A NE2 1 
ATOM   976  N  N   . GLU A 1 124 ? -5.521  3.798   15.775  1.00 31.60  ? 148 GLU A N   1 
ATOM   977  C  CA  . GLU A 1 124 ? -6.316  2.935   14.885  1.00 33.19  ? 148 GLU A CA  1 
ATOM   978  C  C   . GLU A 1 124 ? -7.563  3.711   14.505  1.00 34.89  ? 148 GLU A C   1 
ATOM   979  O  O   . GLU A 1 124 ? -8.199  4.284   15.396  1.00 33.63  ? 148 GLU A O   1 
ATOM   980  C  CB  . GLU A 1 124 ? -6.613  1.634   15.622  1.00 38.75  ? 148 GLU A CB  1 
ATOM   981  C  CG  . GLU A 1 124 ? -7.029  0.496   14.740  1.00 39.49  ? 148 GLU A CG  1 
ATOM   982  C  CD  . GLU A 1 124 ? -6.866  -0.886  15.350  1.00 43.08  ? 148 GLU A CD  1 
ATOM   983  O  OE1 . GLU A 1 124 ? -5.716  -1.298  15.790  1.00 42.78  ? 148 GLU A OE1 1 
ATOM   984  O  OE2 . GLU A 1 124 ? -7.884  -1.594  15.330  1.00 52.07  ? 148 GLU A OE2 1 
ATOM   985  N  N   . TRP A 1 125 ? -7.820  3.780   13.204  1.00 35.68  ? 149 TRP A N   1 
ATOM   986  C  CA  . TRP A 1 125 ? -9.015  4.379   12.575  1.00 32.13  ? 149 TRP A CA  1 
ATOM   987  C  C   . TRP A 1 125 ? -9.688  3.314   11.714  1.00 32.85  ? 149 TRP A C   1 
ATOM   988  O  O   . TRP A 1 125 ? -9.021  2.348   11.349  1.00 38.75  ? 149 TRP A O   1 
ATOM   989  C  CB  . TRP A 1 125 ? -8.584  5.589   11.749  1.00 33.50  ? 149 TRP A CB  1 
ATOM   990  C  CG  . TRP A 1 125 ? -8.024  6.710   12.572  1.00 35.87  ? 149 TRP A CG  1 
ATOM   991  C  CD1 . TRP A 1 125 ? -6.759  6.817   13.073  1.00 38.48  ? 149 TRP A CD1 1 
ATOM   992  C  CD2 . TRP A 1 125 ? -8.720  7.897   12.991  1.00 35.40  ? 149 TRP A CD2 1 
ATOM   993  N  NE1 . TRP A 1 125 ? -6.605  7.998   13.749  1.00 39.85  ? 149 TRP A NE1 1 
ATOM   994  C  CE2 . TRP A 1 125 ? -7.802  8.673   13.736  1.00 38.18  ? 149 TRP A CE2 1 
ATOM   995  C  CE3 . TRP A 1 125 ? -10.024 8.375   12.812  1.00 40.24  ? 149 TRP A CE3 1 
ATOM   996  C  CZ2 . TRP A 1 125 ? -8.146  9.910   14.283  1.00 37.03  ? 149 TRP A CZ2 1 
ATOM   997  C  CZ3 . TRP A 1 125 ? -10.360 9.616   13.331  1.00 38.27  ? 149 TRP A CZ3 1 
ATOM   998  C  CH2 . TRP A 1 125 ? -9.429  10.365  14.059  1.00 40.91  ? 149 TRP A CH2 1 
ATOM   999  N  N   . SER A 1 126 ? -10.959 3.498   11.388  1.00 33.10  ? 150 SER A N   1 
ATOM   1000 C  CA  . SER A 1 126 ? -11.766 2.537   10.606  1.00 35.77  ? 150 SER A CA  1 
ATOM   1001 C  C   . SER A 1 126 ? -12.852 3.285   9.840   1.00 36.02  ? 150 SER A C   1 
ATOM   1002 O  O   . SER A 1 126 ? -13.005 4.512   10.006  1.00 39.52  ? 150 SER A O   1 
ATOM   1003 C  CB  . SER A 1 126 ? -12.388 1.477   11.503  1.00 39.26  ? 150 SER A CB  1 
ATOM   1004 O  OG  . SER A 1 126 ? -13.459 2.019   12.269  1.00 37.81  ? 150 SER A OG  1 
ATOM   1005 N  N   . ASP A 1 127 ? -13.607 2.544   9.056   1.00 33.12  ? 151 ASP A N   1 
ATOM   1006 C  CA  . ASP A 1 127 ? -14.818 3.064   8.377   1.00 38.88  ? 151 ASP A CA  1 
ATOM   1007 C  C   . ASP A 1 127 ? -16.047 2.498   9.111   1.00 38.08  ? 151 ASP A C   1 
ATOM   1008 O  O   . ASP A 1 127 ? -17.130 2.465   8.548   1.00 39.75  ? 151 ASP A O   1 
ATOM   1009 C  CB  . ASP A 1 127 ? -14.706 2.794   6.874   1.00 36.80  ? 151 ASP A CB  1 
ATOM   1010 C  CG  . ASP A 1 127 ? -14.983 1.369   6.437   1.00 40.31  ? 151 ASP A CG  1 
ATOM   1011 O  OD1 . ASP A 1 127 ? -14.758 0.421   7.239   1.00 41.10  ? 151 ASP A OD1 1 
ATOM   1012 O  OD2 . ASP A 1 127 ? -15.422 1.214   5.278   1.00 53.25  ? 151 ASP A OD2 1 
ATOM   1013 N  N   . ARG A 1 128 ? -15.879 2.061   10.354  1.00 37.83  ? 152 ARG A N   1 
ATOM   1014 C  CA  . ARG A 1 128 ? -17.018 1.601   11.156  1.00 41.18  ? 152 ARG A CA  1 
ATOM   1015 C  C   . ARG A 1 128 ? -18.123 2.664   11.147  1.00 43.97  ? 152 ARG A C   1 
ATOM   1016 O  O   . ARG A 1 128 ? -17.809 3.883   11.252  1.00 40.21  ? 152 ARG A O   1 
ATOM   1017 C  CB  . ARG A 1 128 ? -16.622 1.327   12.602  1.00 41.80  ? 152 ARG A CB  1 
ATOM   1018 C  CG  . ARG A 1 128 ? -17.808 0.872   13.432  1.00 41.79  ? 152 ARG A CG  1 
ATOM   1019 C  CD  . ARG A 1 128 ? -17.344 0.148   14.662  1.00 40.27  ? 152 ARG A CD  1 
ATOM   1020 N  NE  . ARG A 1 128 ? -16.487 0.973   15.500  1.00 39.17  ? 152 ARG A NE  1 
ATOM   1021 C  CZ  . ARG A 1 128 ? -16.895 1.680   16.544  1.00 43.57  ? 152 ARG A CZ  1 
ATOM   1022 N  NH1 . ARG A 1 128 ? -18.179 1.708   16.860  1.00 45.50  ? 152 ARG A NH1 1 
ATOM   1023 N  NH2 . ARG A 1 128 ? -16.012 2.342   17.283  1.00 45.02  ? 152 ARG A NH2 1 
ATOM   1024 N  N   . LYS A 1 129 ? -19.367 2.196   11.036  1.00 45.96  ? 153 LYS A N   1 
ATOM   1025 C  CA  . LYS A 1 129 ? -20.595 3.010   11.238  1.00 51.07  ? 153 LYS A CA  1 
ATOM   1026 C  C   . LYS A 1 129 ? -21.679 2.048   11.704  1.00 44.31  ? 153 LYS A C   1 
ATOM   1027 O  O   . LYS A 1 129 ? -21.633 0.875   11.363  1.00 45.66  ? 153 LYS A O   1 
ATOM   1028 C  CB  . LYS A 1 129 ? -20.952 3.786   9.963   1.00 52.72  ? 153 LYS A CB  1 
ATOM   1029 C  CG  . LYS A 1 129 ? -21.137 2.897   8.744   1.00 53.04  ? 153 LYS A CG  1 
ATOM   1030 C  CD  . LYS A 1 129 ? -21.476 3.616   7.468   1.00 55.64  ? 153 LYS A CD  1 
ATOM   1031 C  CE  . LYS A 1 129 ? -21.978 2.651   6.416   1.00 60.54  ? 153 LYS A CE  1 
ATOM   1032 N  NZ  . LYS A 1 129 ? -21.727 3.134   5.037   1.00 63.34  ? 153 LYS A NZ  1 
ATOM   1033 N  N   . PRO A 1 130 ? -22.645 2.502   12.525  1.00 45.45  ? 154 PRO A N   1 
ATOM   1034 C  CA  . PRO A 1 130 ? -23.654 1.602   13.108  1.00 51.17  ? 154 PRO A CA  1 
ATOM   1035 C  C   . PRO A 1 130 ? -24.523 0.764   12.144  1.00 49.70  ? 154 PRO A C   1 
ATOM   1036 O  O   . PRO A 1 130 ? -24.861 -0.355  12.498  1.00 57.05  ? 154 PRO A O   1 
ATOM   1037 C  CB  . PRO A 1 130 ? -24.543 2.566   13.902  1.00 52.53  ? 154 PRO A CB  1 
ATOM   1038 C  CG  . PRO A 1 130 ? -23.649 3.767   14.171  1.00 53.64  ? 154 PRO A CG  1 
ATOM   1039 C  CD  . PRO A 1 130 ? -22.813 3.910   12.921  1.00 48.67  ? 154 PRO A CD  1 
ATOM   1040 N  N   . ALA A 1 131 ? -24.831 1.277   10.951  1.00 56.47  ? 155 ALA A N   1 
ATOM   1041 C  CA  . ALA A 1 131 ? -25.606 0.596   9.874   1.00 63.50  ? 155 ALA A CA  1 
ATOM   1042 C  C   . ALA A 1 131 ? -24.968 -0.730  9.412   1.00 68.40  ? 155 ALA A C   1 
ATOM   1043 O  O   . ALA A 1 131 ? -25.730 -1.653  9.068   1.00 67.16  ? 155 ALA A O   1 
ATOM   1044 C  CB  . ALA A 1 131 ? -25.766 1.525   8.690   1.00 63.74  ? 155 ALA A CB  1 
ATOM   1045 N  N   . ARG A 1 132 ? -23.634 -0.836  9.348   1.00 67.61  ? 156 ARG A N   1 
ATOM   1046 C  CA  . ARG A 1 132 ? -22.930 -2.060  8.863   1.00 62.22  ? 156 ARG A CA  1 
ATOM   1047 C  C   . ARG A 1 132 ? -22.318 -2.825  10.052  1.00 63.26  ? 156 ARG A C   1 
ATOM   1048 O  O   . ARG A 1 132 ? -21.566 -2.197  10.865  1.00 56.76  ? 156 ARG A O   1 
ATOM   1049 C  CB  . ARG A 1 132 ? -21.833 -1.685  7.864   1.00 64.77  ? 156 ARG A CB  1 
ATOM   1050 C  CG  . ARG A 1 132 ? -22.090 -1.983  6.389   1.00 69.74  ? 156 ARG A CG  1 
ATOM   1051 C  CD  . ARG A 1 132 ? -20.774 -2.045  5.582   1.00 70.88  ? 156 ARG A CD  1 
ATOM   1052 N  NE  . ARG A 1 132 ? -19.699 -1.574  6.458   1.00 79.41  ? 156 ARG A NE  1 
ATOM   1053 C  CZ  . ARG A 1 132 ? -18.998 -0.437  6.362   1.00 72.71  ? 156 ARG A CZ  1 
ATOM   1054 N  NH1 . ARG A 1 132 ? -19.128 0.381   5.327   1.00 72.59  ? 156 ARG A NH1 1 
ATOM   1055 N  NH2 . ARG A 1 132 ? -18.136 -0.148  7.325   1.00 64.19  ? 156 ARG A NH2 1 
ATOM   1056 N  N   . LYS A 1 133 ? -22.588 -4.136  10.128  1.00 55.15  ? 157 LYS A N   1 
ATOM   1057 C  CA  . LYS A 1 133 ? -22.057 -5.059  11.176  1.00 65.57  ? 157 LYS A CA  1 
ATOM   1058 C  C   . LYS A 1 133 ? -20.523 -5.085  11.117  1.00 58.73  ? 157 LYS A C   1 
ATOM   1059 O  O   . LYS A 1 133 ? -19.885 -4.939  12.168  1.00 59.23  ? 157 LYS A O   1 
ATOM   1060 C  CB  . LYS A 1 133 ? -22.614 -6.481  11.001  1.00 72.03  ? 157 LYS A CB  1 
ATOM   1061 C  CG  . LYS A 1 133 ? -24.129 -6.587  10.846  1.00 85.76  ? 157 LYS A CG  1 
ATOM   1062 C  CD  . LYS A 1 133 ? -24.611 -7.890  10.219  1.00 95.25  ? 157 LYS A CD  1 
ATOM   1063 C  CE  . LYS A 1 133 ? -24.176 -9.134  10.972  1.00 99.36  ? 157 LYS A CE  1 
ATOM   1064 N  NZ  . LYS A 1 133 ? -24.486 -9.062  12.421  1.00 95.92  ? 157 LYS A NZ  1 
ATOM   1065 N  N   . TYR A 1 134 ? -19.954 -5.227  9.918   1.00 55.63  ? 158 TYR A N   1 
ATOM   1066 C  CA  . TYR A 1 134 ? -18.502 -5.418  9.690   1.00 56.47  ? 158 TYR A CA  1 
ATOM   1067 C  C   . TYR A 1 134 ? -17.896 -4.200  8.979   1.00 55.86  ? 158 TYR A C   1 
ATOM   1068 O  O   . TYR A 1 134 ? -18.507 -3.642  8.047   1.00 53.26  ? 158 TYR A O   1 
ATOM   1069 C  CB  . TYR A 1 134 ? -18.320 -6.728  8.930   1.00 60.59  ? 158 TYR A CB  1 
ATOM   1070 C  CG  . TYR A 1 134 ? -18.954 -7.903  9.633   1.00 61.76  ? 158 TYR A CG  1 
ATOM   1071 C  CD1 . TYR A 1 134 ? -18.663 -8.169  10.965  1.00 60.97  ? 158 TYR A CD1 1 
ATOM   1072 C  CD2 . TYR A 1 134 ? -19.862 -8.737  8.988   1.00 64.88  ? 158 TYR A CD2 1 
ATOM   1073 C  CE1 . TYR A 1 134 ? -19.233 -9.245  11.630  1.00 62.00  ? 158 TYR A CE1 1 
ATOM   1074 C  CE2 . TYR A 1 134 ? -20.445 -9.816  9.643   1.00 63.90  ? 158 TYR A CE2 1 
ATOM   1075 C  CZ  . TYR A 1 134 ? -20.120 -10.072 10.965  1.00 60.20  ? 158 TYR A CZ  1 
ATOM   1076 O  OH  . TYR A 1 134 ? -20.667 -11.121 11.633  1.00 65.81  ? 158 TYR A OH  1 
ATOM   1077 N  N   . GLU A 1 135 ? -16.719 -3.782  9.449   1.00 52.78  ? 159 GLU A N   1 
ATOM   1078 C  CA  . GLU A 1 135 ? -15.886 -2.706  8.844   1.00 53.93  ? 159 GLU A CA  1 
ATOM   1079 C  C   . GLU A 1 135 ? -15.335 -3.220  7.512   1.00 48.18  ? 159 GLU A C   1 
ATOM   1080 O  O   . GLU A 1 135 ? -15.044 -4.403  7.423   1.00 44.45  ? 159 GLU A O   1 
ATOM   1081 C  CB  . GLU A 1 135 ? -14.706 -2.346  9.755   1.00 60.60  ? 159 GLU A CB  1 
ATOM   1082 C  CG  . GLU A 1 135 ? -15.096 -1.626  11.034  1.00 63.39  ? 159 GLU A CG  1 
ATOM   1083 C  CD  . GLU A 1 135 ? -15.643 -2.504  12.154  1.00 69.54  ? 159 GLU A CD  1 
ATOM   1084 O  OE1 . GLU A 1 135 ? -14.828 -3.006  12.969  1.00 58.97  ? 159 GLU A OE1 1 
ATOM   1085 O  OE2 . GLU A 1 135 ? -16.897 -2.680  12.211  1.00 81.38  ? 159 GLU A OE2 1 
ATOM   1086 N  N   . THR A 1 136 ? -15.151 -2.361  6.519   1.00 43.66  ? 160 THR A N   1 
ATOM   1087 C  CA  . THR A 1 136 ? -14.418 -2.772  5.304   1.00 47.22  ? 160 THR A CA  1 
ATOM   1088 C  C   . THR A 1 136 ? -12.993 -2.217  5.351   1.00 40.48  ? 160 THR A C   1 
ATOM   1089 O  O   . THR A 1 136 ? -12.234 -2.578  4.482   1.00 41.32  ? 160 THR A O   1 
ATOM   1090 C  CB  . THR A 1 136 ? -15.116 -2.339  4.009   1.00 48.37  ? 160 THR A CB  1 
ATOM   1091 O  OG1 . THR A 1 136 ? -14.777 -0.969  3.833   1.00 47.82  ? 160 THR A OG1 1 
ATOM   1092 C  CG2 . THR A 1 136 ? -16.619 -2.518  4.017   1.00 48.93  ? 160 THR A CG2 1 
ATOM   1093 N  N   . TRP A 1 137 ? -12.656 -1.311  6.264   1.00 40.15  ? 161 TRP A N   1 
ATOM   1094 C  CA  . TRP A 1 137 ? -11.308 -0.675  6.270   1.00 37.86  ? 161 TRP A CA  1 
ATOM   1095 C  C   . TRP A 1 137 ? -10.903 -0.414  7.701   1.00 35.94  ? 161 TRP A C   1 
ATOM   1096 O  O   . TRP A 1 137 ? -11.738 0.101   8.418   1.00 37.16  ? 161 TRP A O   1 
ATOM   1097 C  CB  . TRP A 1 137 ? -11.256 0.630   5.471   1.00 38.38  ? 161 TRP A CB  1 
ATOM   1098 C  CG  . TRP A 1 137 ? -9.871  1.204   5.429   1.00 35.91  ? 161 TRP A CG  1 
ATOM   1099 C  CD1 . TRP A 1 137 ? -8.851  0.801   4.618   1.00 36.25  ? 161 TRP A CD1 1 
ATOM   1100 C  CD2 . TRP A 1 137 ? -9.329  2.233   6.269   1.00 34.57  ? 161 TRP A CD2 1 
ATOM   1101 N  NE1 . TRP A 1 137 ? -7.712  1.500   4.891   1.00 37.22  ? 161 TRP A NE1 1 
ATOM   1102 C  CE2 . TRP A 1 137 ? -7.972  2.392   5.896   1.00 35.85  ? 161 TRP A CE2 1 
ATOM   1103 C  CE3 . TRP A 1 137 ? -9.858  3.042   7.286   1.00 36.56  ? 161 TRP A CE3 1 
ATOM   1104 C  CZ2 . TRP A 1 137 ? -7.148  3.352   6.473   1.00 34.14  ? 161 TRP A CZ2 1 
ATOM   1105 C  CZ3 . TRP A 1 137 ? -9.030  3.971   7.888   1.00 37.65  ? 161 TRP A CZ3 1 
ATOM   1106 C  CH2 . TRP A 1 137 ? -7.700  4.133   7.476   1.00 37.33  ? 161 TRP A CH2 1 
ATOM   1107 N  N   . VAL A 1 138 ? -9.663  -0.750  8.047   1.00 35.74  ? 162 VAL A N   1 
ATOM   1108 C  CA  . VAL A 1 138 ? -9.023  -0.448  9.361   1.00 35.68  ? 162 VAL A CA  1 
ATOM   1109 C  C   . VAL A 1 138 ? -7.582  -0.049  9.064   1.00 34.08  ? 162 VAL A C   1 
ATOM   1110 O  O   . VAL A 1 138 ? -6.934  -0.742  8.291   1.00 33.24  ? 162 VAL A O   1 
ATOM   1111 C  CB  . VAL A 1 138 ? -9.055  -1.637  10.337  1.00 36.48  ? 162 VAL A CB  1 
ATOM   1112 C  CG1 . VAL A 1 138 ? -8.321  -1.294  11.618  1.00 35.92  ? 162 VAL A CG1 1 
ATOM   1113 C  CG2 . VAL A 1 138 ? -10.481 -2.081  10.635  1.00 38.35  ? 162 VAL A CG2 1 
ATOM   1114 N  N   . GLY A 1 139 ? -7.150  1.084   9.600   1.00 35.41  ? 163 GLY A N   1 
ATOM   1115 C  CA  . GLY A 1 139 ? -5.787  1.604   9.419   1.00 32.52  ? 163 GLY A CA  1 
ATOM   1116 C  C   . GLY A 1 139 ? -5.153  1.867   10.757  1.00 32.21  ? 163 GLY A C   1 
ATOM   1117 O  O   . GLY A 1 139 ? -5.843  2.433   11.608  1.00 33.98  ? 163 GLY A O   1 
ATOM   1118 N  N   . VAL A 1 140 ? -3.908  1.436   10.930  1.00 32.25  ? 164 VAL A N   1 
ATOM   1119 C  CA  . VAL A 1 140 ? -3.042  1.761   12.097  1.00 33.27  ? 164 VAL A CA  1 
ATOM   1120 C  C   . VAL A 1 140 ? -1.927  2.682   11.612  1.00 33.75  ? 164 VAL A C   1 
ATOM   1121 O  O   . VAL A 1 140 ? -1.198  2.311   10.666  1.00 32.62  ? 164 VAL A O   1 
ATOM   1122 C  CB  . VAL A 1 140 ? -2.444  0.490   12.727  1.00 35.68  ? 164 VAL A CB  1 
ATOM   1123 C  CG1 . VAL A 1 140 ? -1.700  0.811   14.014  1.00 36.06  ? 164 VAL A CG1 1 
ATOM   1124 C  CG2 . VAL A 1 140 ? -3.520  -0.556  12.982  1.00 39.72  ? 164 VAL A CG2 1 
ATOM   1125 N  N   . TYR A 1 141 ? -1.758  3.816   12.283  1.00 34.86  ? 165 TYR A N   1 
ATOM   1126 C  CA  . TYR A 1 141 ? -0.835  4.902   11.869  1.00 35.89  ? 165 TYR A CA  1 
ATOM   1127 C  C   . TYR A 1 141 ? -0.107  5.433   13.118  1.00 35.39  ? 165 TYR A C   1 
ATOM   1128 O  O   . TYR A 1 141 ? -0.730  5.499   14.201  1.00 34.66  ? 165 TYR A O   1 
ATOM   1129 C  CB  . TYR A 1 141 ? -1.627  5.964   11.096  1.00 36.79  ? 165 TYR A CB  1 
ATOM   1130 C  CG  . TYR A 1 141 ? -1.913  5.632   9.652   1.00 35.72  ? 165 TYR A CG  1 
ATOM   1131 C  CD1 . TYR A 1 141 ? -2.963  4.814   9.293   1.00 32.43  ? 165 TYR A CD1 1 
ATOM   1132 C  CD2 . TYR A 1 141 ? -1.141  6.158   8.634   1.00 38.59  ? 165 TYR A CD2 1 
ATOM   1133 C  CE1 . TYR A 1 141 ? -3.236  4.529   7.968   1.00 34.41  ? 165 TYR A CE1 1 
ATOM   1134 C  CE2 . TYR A 1 141 ? -1.390  5.873   7.300   1.00 36.95  ? 165 TYR A CE2 1 
ATOM   1135 C  CZ  . TYR A 1 141 ? -2.428  5.027   6.959   1.00 36.52  ? 165 TYR A CZ  1 
ATOM   1136 O  OH  . TYR A 1 141 ? -2.666  4.709   5.641   1.00 32.79  ? 165 TYR A OH  1 
ATOM   1137 N  N   . THR A 1 142 ? 1.169   5.797   12.989  1.00 31.58  ? 166 THR A N   1 
ATOM   1138 C  CA  . THR A 1 142 ? 1.963   6.335   14.127  1.00 38.28  ? 166 THR A CA  1 
ATOM   1139 C  C   . THR A 1 142 ? 1.291   7.614   14.617  1.00 39.74  ? 166 THR A C   1 
ATOM   1140 O  O   . THR A 1 142 ? 0.650   8.284   13.794  1.00 34.13  ? 166 THR A O   1 
ATOM   1141 C  CB  . THR A 1 142 ? 3.437   6.554   13.782  1.00 33.95  ? 166 THR A CB  1 
ATOM   1142 O  OG1 . THR A 1 142 ? 3.604   7.515   12.744  1.00 38.06  ? 166 THR A OG1 1 
ATOM   1143 C  CG2 . THR A 1 142 ? 4.079   5.278   13.325  1.00 33.75  ? 166 THR A CG2 1 
ATOM   1144 N  N   . VAL A 1 143 ? 1.386   7.910   15.915  1.00 44.20  ? 167 VAL A N   1 
ATOM   1145 C  CA  . VAL A 1 143 ? 0.825   9.179   16.462  1.00 44.05  ? 167 VAL A CA  1 
ATOM   1146 C  C   . VAL A 1 143 ? 1.743   10.322  16.020  1.00 48.17  ? 167 VAL A C   1 
ATOM   1147 O  O   . VAL A 1 143 ? 1.226   11.289  15.463  1.00 42.05  ? 167 VAL A O   1 
ATOM   1148 C  CB  . VAL A 1 143 ? 0.630   9.136   17.988  1.00 48.43  ? 167 VAL A CB  1 
ATOM   1149 C  CG1 . VAL A 1 143 ? 0.240   10.500  18.574  1.00 51.16  ? 167 VAL A CG1 1 
ATOM   1150 C  CG2 . VAL A 1 143 ? -0.411  8.095   18.362  1.00 48.89  ? 167 VAL A CG2 1 
ATOM   1151 N  N   . LYS A 1 144 ? 3.054   10.173  16.205  1.00 53.21  ? 168 LYS A N   1 
ATOM   1152 C  CA  . LYS A 1 144 ? 4.056   11.246  15.971  1.00 59.99  ? 168 LYS A CA  1 
ATOM   1153 C  C   . LYS A 1 144 ? 4.015   11.755  14.516  1.00 54.41  ? 168 LYS A C   1 
ATOM   1154 O  O   . LYS A 1 144 ? 3.866   12.973  14.330  1.00 54.19  ? 168 LYS A O   1 
ATOM   1155 C  CB  . LYS A 1 144 ? 5.450   10.743  16.365  1.00 73.93  ? 168 LYS A CB  1 
ATOM   1156 C  CG  . LYS A 1 144 ? 6.631   11.396  15.643  1.00 84.98  ? 168 LYS A CG  1 
ATOM   1157 C  CD  . LYS A 1 144 ? 6.927   12.841  16.004  1.00 89.54  ? 168 LYS A CD  1 
ATOM   1158 C  CE  . LYS A 1 144 ? 7.849   12.982  17.198  1.00 91.56  ? 168 LYS A CE  1 
ATOM   1159 N  NZ  . LYS A 1 144 ? 7.135   12.722  18.470  1.00 85.12  ? 168 LYS A NZ  1 
ATOM   1160 N  N   . ASP A 1 145 ? 4.202   10.888  13.523  1.00 47.99  ? 169 ASP A N   1 
ATOM   1161 C  CA  . ASP A 1 145 ? 4.465   11.303  12.114  1.00 44.78  ? 169 ASP A CA  1 
ATOM   1162 C  C   . ASP A 1 145 ? 3.337   10.854  11.187  1.00 41.97  ? 169 ASP A C   1 
ATOM   1163 O  O   . ASP A 1 145 ? 3.423   11.142  10.002  1.00 43.32  ? 169 ASP A O   1 
ATOM   1164 C  CB  . ASP A 1 145 ? 5.757   10.696  11.573  1.00 46.78  ? 169 ASP A CB  1 
ATOM   1165 C  CG  . ASP A 1 145 ? 7.014   11.132  12.312  1.00 54.56  ? 169 ASP A CG  1 
ATOM   1166 O  OD1 . ASP A 1 145 ? 7.282   12.366  12.303  1.00 52.55  ? 169 ASP A OD1 1 
ATOM   1167 O  OD2 . ASP A 1 145 ? 7.729   10.228  12.886  1.00 48.66  ? 169 ASP A OD2 1 
ATOM   1168 N  N   . CYS A 1 146 ? 2.346   10.131  11.701  1.00 39.35  ? 170 CYS A N   1 
ATOM   1169 C  CA  . CYS A 1 146 ? 1.226   9.599   10.902  1.00 38.56  ? 170 CYS A CA  1 
ATOM   1170 C  C   . CYS A 1 146 ? 1.719   8.657   9.795   1.00 33.61  ? 170 CYS A C   1 
ATOM   1171 O  O   . CYS A 1 146 ? 1.152   8.687   8.726   1.00 32.27  ? 170 CYS A O   1 
ATOM   1172 C  CB  . CYS A 1 146 ? 0.454   10.734  10.260  1.00 41.19  ? 170 CYS A CB  1 
ATOM   1173 S  SG  . CYS A 1 146 ? -1.244  10.217  9.897   1.00 48.19  ? 170 CYS A SG  1 
ATOM   1174 N  N   . TYR A 1 147 ? 2.743   7.859   10.047  1.00 33.41  ? 171 TYR A N   1 
ATOM   1175 C  CA  . TYR A 1 147 ? 3.233   6.838   9.090   1.00 40.11  ? 171 TYR A CA  1 
ATOM   1176 C  C   . TYR A 1 147 ? 2.298   5.635   9.119   1.00 35.20  ? 171 TYR A C   1 
ATOM   1177 O  O   . TYR A 1 147 ? 1.839   5.241   10.178  1.00 31.35  ? 171 TYR A O   1 
ATOM   1178 C  CB  . TYR A 1 147 ? 4.677   6.415   9.381   1.00 43.32  ? 171 TYR A CB  1 
ATOM   1179 C  CG  . TYR A 1 147 ? 5.762   7.366   8.921   1.00 49.74  ? 171 TYR A CG  1 
ATOM   1180 C  CD1 . TYR A 1 147 ? 5.500   8.703   8.642   1.00 57.92  ? 171 TYR A CD1 1 
ATOM   1181 C  CD2 . TYR A 1 147 ? 7.079   6.942   8.837   1.00 55.37  ? 171 TYR A CD2 1 
ATOM   1182 C  CE1 . TYR A 1 147 ? 6.502   9.579   8.247   1.00 58.94  ? 171 TYR A CE1 1 
ATOM   1183 C  CE2 . TYR A 1 147 ? 8.094   7.806   8.450   1.00 62.45  ? 171 TYR A CE2 1 
ATOM   1184 C  CZ  . TYR A 1 147 ? 7.805   9.127   8.154   1.00 63.16  ? 171 TYR A CZ  1 
ATOM   1185 O  OH  . TYR A 1 147 ? 8.799   9.983   7.786   1.00 76.57  ? 171 TYR A OH  1 
ATOM   1186 N  N   . PRO A 1 148 ? 2.013   5.022   7.950   1.00 34.49  ? 172 PRO A N   1 
ATOM   1187 C  CA  . PRO A 1 148 ? 1.218   3.808   7.888   1.00 33.52  ? 172 PRO A CA  1 
ATOM   1188 C  C   . PRO A 1 148 ? 2.013   2.694   8.572   1.00 32.39  ? 172 PRO A C   1 
ATOM   1189 O  O   . PRO A 1 148 ? 3.239   2.630   8.397   1.00 32.08  ? 172 PRO A O   1 
ATOM   1190 C  CB  . PRO A 1 148 ? 1.024   3.534   6.391   1.00 35.46  ? 172 PRO A CB  1 
ATOM   1191 C  CG  . PRO A 1 148 ? 2.206   4.223   5.737   1.00 37.93  ? 172 PRO A CG  1 
ATOM   1192 C  CD  . PRO A 1 148 ? 2.512   5.423   6.621   1.00 39.53  ? 172 PRO A CD  1 
ATOM   1193 N  N   . VAL A 1 149 ? 1.298   1.890   9.359   1.00 29.47  ? 173 VAL A N   1 
ATOM   1194 C  CA  . VAL A 1 149 ? 1.835   0.683   10.046  1.00 34.03  ? 173 VAL A CA  1 
ATOM   1195 C  C   . VAL A 1 149 ? 1.120   -0.550  9.486   1.00 33.16  ? 173 VAL A C   1 
ATOM   1196 O  O   . VAL A 1 149 ? 1.806   -1.515  9.100   1.00 33.19  ? 173 VAL A O   1 
ATOM   1197 C  CB  . VAL A 1 149 ? 1.652   0.781   11.569  1.00 36.47  ? 173 VAL A CB  1 
ATOM   1198 C  CG1 . VAL A 1 149 ? 2.067   -0.530  12.215  1.00 37.79  ? 173 VAL A CG1 1 
ATOM   1199 C  CG2 . VAL A 1 149 ? 2.406   1.964   12.165  1.00 36.19  ? 173 VAL A CG2 1 
ATOM   1200 N  N   . GLN A 1 150 ? -0.204  -0.481  9.368   1.00 32.39  ? 174 GLN A N   1 
ATOM   1201 C  CA  . GLN A 1 150 ? -0.997  -1.635  8.908   1.00 37.13  ? 174 GLN A CA  1 
ATOM   1202 C  C   . GLN A 1 150 ? -2.389  -1.174  8.454   1.00 37.26  ? 174 GLN A C   1 
ATOM   1203 O  O   . GLN A 1 150 ? -2.920  -0.197  9.024   1.00 38.79  ? 174 GLN A O   1 
ATOM   1204 C  CB  . GLN A 1 150 ? -0.996  -2.634  10.056  1.00 40.85  ? 174 GLN A CB  1 
ATOM   1205 C  CG  . GLN A 1 150 ? -2.265  -3.424  10.190  1.00 51.01  ? 174 GLN A CG  1 
ATOM   1206 C  CD  . GLN A 1 150 ? -1.890  -4.842  10.505  1.00 61.55  ? 174 GLN A CD  1 
ATOM   1207 O  OE1 . GLN A 1 150 ? -1.572  -5.158  11.657  1.00 71.90  ? 174 GLN A OE1 1 
ATOM   1208 N  NE2 . GLN A 1 150 ? -1.886  -5.676  9.470   1.00 57.51  ? 174 GLN A NE2 1 
ATOM   1209 N  N   . GLU A 1 151 ? -2.938  -1.864  7.452   1.00 33.44  ? 175 GLU A N   1 
ATOM   1210 C  CA  . GLU A 1 151 ? -4.295  -1.650  6.892   1.00 34.93  ? 175 GLU A CA  1 
ATOM   1211 C  C   . GLU A 1 151 ? -4.951  -3.026  6.687   1.00 37.28  ? 175 GLU A C   1 
ATOM   1212 O  O   . GLU A 1 151 ? -4.258  -3.980  6.283   1.00 35.25  ? 175 GLU A O   1 
ATOM   1213 C  CB  . GLU A 1 151 ? -4.211  -0.863  5.577   1.00 33.94  ? 175 GLU A CB  1 
ATOM   1214 C  CG  . GLU A 1 151 ? -3.953  0.616   5.728   1.00 33.96  ? 175 GLU A CG  1 
ATOM   1215 C  CD  . GLU A 1 151 ? -4.292  1.463   4.522   1.00 36.61  ? 175 GLU A CD  1 
ATOM   1216 O  OE1 . GLU A 1 151 ? -4.822  0.898   3.558   1.00 44.15  ? 175 GLU A OE1 1 
ATOM   1217 O  OE2 . GLU A 1 151 ? -4.054  2.703   4.563   1.00 42.47  ? 175 GLU A OE2 1 
ATOM   1218 N  N   . THR A 1 152 ? -6.230  -3.169  6.993   1.00 37.03  ? 176 THR A N   1 
ATOM   1219 C  CA  . THR A 1 152 ? -7.007  -4.346  6.534   1.00 44.12  ? 176 THR A CA  1 
ATOM   1220 C  C   . THR A 1 152 ? -8.150  -3.772  5.685   1.00 43.13  ? 176 THR A C   1 
ATOM   1221 O  O   . THR A 1 152 ? -8.675  -2.691  6.028   1.00 34.82  ? 176 THR A O   1 
ATOM   1222 C  CB  . THR A 1 152 ? -7.374  -5.313  7.678   1.00 42.51  ? 176 THR A CB  1 
ATOM   1223 O  OG1 . THR A 1 152 ? -8.276  -4.713  8.599   1.00 49.42  ? 176 THR A OG1 1 
ATOM   1224 C  CG2 . THR A 1 152 ? -6.203  -5.794  8.498   1.00 40.13  ? 176 THR A CG2 1 
ATOM   1225 N  N   . TYR A 1 153 ? -8.436  -4.416  4.563   1.00 42.90  ? 177 TYR A N   1 
ATOM   1226 C  CA  . TYR A 1 153 ? -9.334  -3.882  3.512   1.00 53.57  ? 177 TYR A CA  1 
ATOM   1227 C  C   . TYR A 1 153 ? -10.185 -5.020  2.963   1.00 51.98  ? 177 TYR A C   1 
ATOM   1228 O  O   . TYR A 1 153 ? -9.629  -5.863  2.241   1.00 53.41  ? 177 TYR A O   1 
ATOM   1229 C  CB  . TYR A 1 153 ? -8.516  -3.222  2.404   1.00 64.52  ? 177 TYR A CB  1 
ATOM   1230 C  CG  . TYR A 1 153 ? -9.318  -2.404  1.429   1.00 75.64  ? 177 TYR A CG  1 
ATOM   1231 C  CD1 . TYR A 1 153 ? -10.263 -1.493  1.873   1.00 89.56  ? 177 TYR A CD1 1 
ATOM   1232 C  CD2 . TYR A 1 153 ? -9.115  -2.517  0.064   1.00 85.55  ? 177 TYR A CD2 1 
ATOM   1233 C  CE1 . TYR A 1 153 ? -10.994 -0.716  0.990   1.00 95.92  ? 177 TYR A CE1 1 
ATOM   1234 C  CE2 . TYR A 1 153 ? -9.838  -1.750  -0.835  1.00 97.98  ? 177 TYR A CE2 1 
ATOM   1235 C  CZ  . TYR A 1 153 ? -10.777 -0.842  -0.370  1.00 101.70 ? 177 TYR A CZ  1 
ATOM   1236 O  OH  . TYR A 1 153 ? -11.499 -0.079  -1.241  1.00 108.69 ? 177 TYR A OH  1 
ATOM   1237 N  N   . THR A 1 154 ? -11.467 -5.042  3.328   1.00 56.59  ? 178 THR A N   1 
ATOM   1238 C  CA  . THR A 1 154 ? -12.420 -6.155  3.085   1.00 60.38  ? 178 THR A CA  1 
ATOM   1239 C  C   . THR A 1 154 ? -13.219 -5.864  1.806   1.00 70.16  ? 178 THR A C   1 
ATOM   1240 O  O   . THR A 1 154 ? -14.273 -6.508  1.643   1.00 72.38  ? 178 THR A O   1 
ATOM   1241 C  CB  . THR A 1 154 ? -13.287 -6.388  4.335   1.00 67.03  ? 178 THR A CB  1 
ATOM   1242 O  OG1 . THR A 1 154 ? -12.471 -6.822  5.430   1.00 62.66  ? 178 THR A OG1 1 
ATOM   1243 C  CG2 . THR A 1 154 ? -14.393 -7.410  4.154   1.00 72.49  ? 178 THR A CG2 1 
ATOM   1244 N  N   . LYS A 1 155 ? -12.714 -5.021  0.886   1.00 74.21  ? 179 LYS A N   1 
ATOM   1245 C  CA  . LYS A 1 155 ? -13.595 -4.325  -0.099  1.00 88.77  ? 179 LYS A CA  1 
ATOM   1246 C  C   . LYS A 1 155 ? -13.781 -5.106  -1.420  1.00 91.67  ? 179 LYS A C   1 
ATOM   1247 O  O   . LYS A 1 155 ? -12.918 -5.910  -1.790  1.00 85.35  ? 179 LYS A O   1 
ATOM   1248 C  CB  . LYS A 1 155 ? -13.150 -2.875  -0.340  1.00 94.01  ? 179 LYS A CB  1 
ATOM   1249 C  CG  . LYS A 1 155 ? -14.128 -1.808  0.171   1.00 93.45  ? 179 LYS A CG  1 
ATOM   1250 C  CD  . LYS A 1 155 ? -14.404 -0.626  -0.770  1.00 92.00  ? 179 LYS A CD  1 
ATOM   1251 C  CE  . LYS A 1 155 ? -15.561 -0.837  -1.736  1.00 96.90  ? 179 LYS A CE  1 
ATOM   1252 N  NZ  . LYS A 1 155 ? -15.108 -1.094  -3.128  1.00 98.23  ? 179 LYS A NZ  1 
ATOM   1253 N  N   . ASN A 1 156 ? -15.032 -5.052  -1.901  1.00 98.67  ? 180 ASN A N   1 
ATOM   1254 C  CA  . ASN A 1 156 ? -15.579 -5.423  -3.237  1.00 105.93 ? 180 ASN A CA  1 
ATOM   1255 C  C   . ASN A 1 156 ? -16.068 -6.876  -3.284  1.00 112.64 ? 180 ASN A C   1 
ATOM   1256 O  O   . ASN A 1 156 ? -15.557 -7.622  -4.131  1.00 100.85 ? 180 ASN A O   1 
ATOM   1257 C  CB  . ASN A 1 156 ? -14.708 -4.995  -4.420  1.00 106.15 ? 180 ASN A CB  1 
ATOM   1258 C  CG  . ASN A 1 156 ? -15.384 -3.930  -5.260  1.00 102.92 ? 180 ASN A CG  1 
ATOM   1259 O  OD1 . ASN A 1 156 ? -14.845 -2.846  -5.453  1.00 90.68  ? 180 ASN A OD1 1 
ATOM   1260 N  ND2 . ASN A 1 156 ? -16.581 -4.219  -5.739  1.00 104.06 ? 180 ASN A ND2 1 
ATOM   1261 N  N   . ASP A 1 157 ? -17.086 -7.202  -2.476  1.00 116.16 ? 181 ASP A N   1 
ATOM   1262 C  CA  . ASP A 1 157 ? -17.487 -8.600  -2.148  1.00 118.79 ? 181 ASP A CA  1 
ATOM   1263 C  C   . ASP A 1 157 ? -16.255 -9.397  -1.712  1.00 114.58 ? 181 ASP A C   1 
ATOM   1264 O  O   . ASP A 1 157 ? -15.882 -10.327 -2.440  1.00 115.29 ? 181 ASP A O   1 
ATOM   1265 C  CB  . ASP A 1 157 ? -18.155 -9.320  -3.325  1.00 127.16 ? 181 ASP A CB  1 
ATOM   1266 C  CG  . ASP A 1 157 ? -19.574 -8.887  -3.656  1.00 124.56 ? 181 ASP A CG  1 
ATOM   1267 O  OD1 . ASP A 1 157 ? -20.429 -9.778  -3.803  1.00 113.18 ? 181 ASP A OD1 1 
ATOM   1268 O  OD2 . ASP A 1 157 ? -19.803 -7.674  -3.800  1.00 122.18 ? 181 ASP A OD2 1 
ATOM   1269 N  N   . SER A 1 158 ? -15.640 -9.002  -0.595  1.00 105.42 ? 182 SER A N   1 
ATOM   1270 C  CA  . SER A 1 158 ? -15.080 -9.917  0.433   1.00 103.09 ? 182 SER A CA  1 
ATOM   1271 C  C   . SER A 1 158 ? -13.711 -10.481 0.022   1.00 97.00  ? 182 SER A C   1 
ATOM   1272 O  O   . SER A 1 158 ? -13.214 -11.376 0.710   1.00 89.80  ? 182 SER A O   1 
ATOM   1273 C  CB  . SER A 1 158 ? -16.058 -10.991 0.789   1.00 103.00 ? 182 SER A CB  1 
ATOM   1274 O  OG  . SER A 1 158 ? -15.974 -11.290 2.173   1.00 88.36  ? 182 SER A OG  1 
ATOM   1275 N  N   . MET A 1 159 ? -13.104 -9.931  -1.025  1.00 89.94  ? 183 MET A N   1 
ATOM   1276 C  CA  . MET A 1 159 ? -11.629 -9.974  -1.175  1.00 87.38  ? 183 MET A CA  1 
ATOM   1277 C  C   . MET A 1 159 ? -10.976 -9.092  -0.098  1.00 83.33  ? 183 MET A C   1 
ATOM   1278 O  O   . MET A 1 159 ? -10.997 -7.874  -0.251  1.00 67.38  ? 183 MET A O   1 
ATOM   1279 C  CB  . MET A 1 159 ? -11.232 -9.454  -2.559  1.00 96.55  ? 183 MET A CB  1 
ATOM   1280 C  CG  . MET A 1 159 ? -12.236 -9.795  -3.650  1.00 107.79 ? 183 MET A CG  1 
ATOM   1281 S  SD  . MET A 1 159 ? -12.450 -8.460  -4.866  1.00 119.84 ? 183 MET A SD  1 
ATOM   1282 C  CE  . MET A 1 159 ? -13.543 -9.236  -6.052  1.00 114.74 ? 183 MET A CE  1 
ATOM   1283 N  N   . THR A 1 160 ? -10.406 -9.696  0.945   1.00 71.70  ? 184 THR A N   1 
ATOM   1284 C  CA  . THR A 1 160 ? -9.681  -8.918  1.990   1.00 74.18  ? 184 THR A CA  1 
ATOM   1285 C  C   . THR A 1 160 ? -8.157  -9.049  1.847   1.00 61.05  ? 184 THR A C   1 
ATOM   1286 O  O   . THR A 1 160 ? -7.659  -10.174 1.762   1.00 54.36  ? 184 THR A O   1 
ATOM   1287 C  CB  . THR A 1 160 ? -10.095 -9.314  3.409   1.00 75.36  ? 184 THR A CB  1 
ATOM   1288 O  OG1 . THR A 1 160 ? -9.441  -10.545 3.716   1.00 88.51  ? 184 THR A OG1 1 
ATOM   1289 C  CG2 . THR A 1 160 ? -11.593 -9.441  3.569   1.00 76.89  ? 184 THR A CG2 1 
ATOM   1290 N  N   . THR A 1 161 ? -7.457  -7.916  1.896   1.00 54.04  ? 185 THR A N   1 
ATOM   1291 C  CA  . THR A 1 161 ? -5.988  -7.845  2.029   1.00 53.14  ? 185 THR A CA  1 
ATOM   1292 C  C   . THR A 1 161 ? -5.612  -7.234  3.389   1.00 51.83  ? 185 THR A C   1 
ATOM   1293 O  O   . THR A 1 161 ? -6.401  -6.451  3.958   1.00 46.49  ? 185 THR A O   1 
ATOM   1294 C  CB  . THR A 1 161 ? -5.413  -7.095  0.831   1.00 63.02  ? 185 THR A CB  1 
ATOM   1295 O  OG1 . THR A 1 161 ? -5.826  -5.738  0.998   1.00 81.07  ? 185 THR A OG1 1 
ATOM   1296 C  CG2 . THR A 1 161 ? -5.891  -7.668  -0.486  1.00 64.12  ? 185 THR A CG2 1 
ATOM   1297 N  N   . SER A 1 162 ? -4.463  -7.655  3.922   1.00 47.71  ? 186 SER A N   1 
ATOM   1298 C  CA  . SER A 1 162 ? -3.758  -7.062  5.083   1.00 44.12  ? 186 SER A CA  1 
ATOM   1299 C  C   . SER A 1 162 ? -2.417  -6.587  4.553   1.00 44.43  ? 186 SER A C   1 
ATOM   1300 O  O   . SER A 1 162 ? -1.707  -7.415  3.916   1.00 47.72  ? 186 SER A O   1 
ATOM   1301 C  CB  . SER A 1 162 ? -3.587  -8.014  6.239   1.00 45.26  ? 186 SER A CB  1 
ATOM   1302 O  OG  . SER A 1 162 ? -4.715  -8.005  7.105   1.00 51.44  ? 186 SER A OG  1 
ATOM   1303 N  N   . THR A 1 163 ? -2.123  -5.302  4.744   1.00 40.14  ? 187 THR A N   1 
ATOM   1304 C  CA  . THR A 1 163 ? -0.836  -4.682  4.366   1.00 36.50  ? 187 THR A CA  1 
ATOM   1305 C  C   . THR A 1 163 ? -0.117  -4.255  5.650   1.00 34.80  ? 187 THR A C   1 
ATOM   1306 O  O   . THR A 1 163 ? -0.723  -3.572  6.464   1.00 36.72  ? 187 THR A O   1 
ATOM   1307 C  CB  . THR A 1 163 ? -1.003  -3.536  3.359   1.00 38.52  ? 187 THR A CB  1 
ATOM   1308 O  OG1 . THR A 1 163 ? -1.914  -3.868  2.310   1.00 38.70  ? 187 THR A OG1 1 
ATOM   1309 C  CG2 . THR A 1 163 ? 0.317   -3.152  2.724   1.00 40.48  ? 187 THR A CG2 1 
ATOM   1310 N  N   . ARG A 1 164 ? 1.138   -4.669  5.809   1.00 31.56  ? 188 ARG A N   1 
ATOM   1311 C  CA  . ARG A 1 164 ? 2.098   -4.107  6.777   1.00 31.88  ? 188 ARG A CA  1 
ATOM   1312 C  C   . ARG A 1 164 ? 3.115   -3.217  6.040   1.00 29.84  ? 188 ARG A C   1 
ATOM   1313 O  O   . ARG A 1 164 ? 3.556   -3.574  4.932   1.00 26.44  ? 188 ARG A O   1 
ATOM   1314 C  CB  . ARG A 1 164 ? 2.842   -5.251  7.466   1.00 32.82  ? 188 ARG A CB  1 
ATOM   1315 C  CG  . ARG A 1 164 ? 1.950   -6.203  8.227   1.00 38.09  ? 188 ARG A CG  1 
ATOM   1316 C  CD  . ARG A 1 164 ? 2.831   -7.040  9.132   1.00 45.85  ? 188 ARG A CD  1 
ATOM   1317 N  NE  . ARG A 1 164 ? 3.743   -7.917  8.417   1.00 43.21  ? 188 ARG A NE  1 
ATOM   1318 C  CZ  . ARG A 1 164 ? 3.340   -9.048  7.884   1.00 44.46  ? 188 ARG A CZ  1 
ATOM   1319 N  NH1 . ARG A 1 164 ? 2.077   -9.390  8.011   1.00 46.01  ? 188 ARG A NH1 1 
ATOM   1320 N  NH2 . ARG A 1 164 ? 4.178   -9.841  7.241   1.00 49.85  ? 188 ARG A NH2 1 
ATOM   1321 N  N   . PHE A 1 165 ? 3.531   -2.133  6.684   1.00 29.88  ? 189 PHE A N   1 
ATOM   1322 C  CA  . PHE A 1 165 ? 4.457   -1.113  6.122   1.00 30.48  ? 189 PHE A CA  1 
ATOM   1323 C  C   . PHE A 1 165 ? 5.630   -0.936  7.077   1.00 29.89  ? 189 PHE A C   1 
ATOM   1324 O  O   . PHE A 1 165 ? 5.385   -0.985  8.295   1.00 30.94  ? 189 PHE A O   1 
ATOM   1325 C  CB  . PHE A 1 165 ? 3.769   0.234   5.983   1.00 27.88  ? 189 PHE A CB  1 
ATOM   1326 C  CG  . PHE A 1 165 ? 2.462   0.229   5.241   1.00 29.17  ? 189 PHE A CG  1 
ATOM   1327 C  CD1 . PHE A 1 165 ? 1.290   -0.145  5.877   1.00 30.67  ? 189 PHE A CD1 1 
ATOM   1328 C  CD2 . PHE A 1 165 ? 2.386   0.700   3.941   1.00 30.90  ? 189 PHE A CD2 1 
ATOM   1329 C  CE1 . PHE A 1 165 ? 0.077   -0.114  5.205   1.00 29.58  ? 189 PHE A CE1 1 
ATOM   1330 C  CE2 . PHE A 1 165 ? 1.174   0.746   3.271   1.00 33.14  ? 189 PHE A CE2 1 
ATOM   1331 C  CZ  . PHE A 1 165 ? 0.023   0.338   3.909   1.00 32.20  ? 189 PHE A CZ  1 
ATOM   1332 N  N   . PHE A 1 166 ? 6.854   -0.817  6.550   1.00 30.34  ? 190 PHE A N   1 
ATOM   1333 C  CA  . PHE A 1 166 ? 8.092   -0.694  7.366   1.00 29.11  ? 190 PHE A CA  1 
ATOM   1334 C  C   . PHE A 1 166 ? 9.202   -0.101  6.521   1.00 25.70  ? 190 PHE A C   1 
ATOM   1335 O  O   . PHE A 1 166 ? 9.047   0.003   5.327   1.00 31.46  ? 190 PHE A O   1 
ATOM   1336 C  CB  . PHE A 1 166 ? 8.472   -2.044  7.987   1.00 30.64  ? 190 PHE A CB  1 
ATOM   1337 C  CG  . PHE A 1 166 ? 8.218   -3.222  7.083   1.00 29.07  ? 190 PHE A CG  1 
ATOM   1338 C  CD1 . PHE A 1 166 ? 9.139   -3.562  6.093   1.00 31.83  ? 190 PHE A CD1 1 
ATOM   1339 C  CD2 . PHE A 1 166 ? 7.059   -3.970  7.200   1.00 27.97  ? 190 PHE A CD2 1 
ATOM   1340 C  CE1 . PHE A 1 166 ? 8.909   -4.632  5.233   1.00 28.18  ? 190 PHE A CE1 1 
ATOM   1341 C  CE2 . PHE A 1 166 ? 6.815   -5.018  6.320   1.00 31.77  ? 190 PHE A CE2 1 
ATOM   1342 C  CZ  . PHE A 1 166 ? 7.733   -5.348  5.339   1.00 28.59  ? 190 PHE A CZ  1 
ATOM   1343 N  N   . ASP A 1 167 ? 10.279  0.287   7.183   1.00 30.13  ? 191 ASP A N   1 
ATOM   1344 C  CA  . ASP A 1 167 ? 11.482  0.928   6.602   1.00 34.22  ? 191 ASP A CA  1 
ATOM   1345 C  C   . ASP A 1 167 ? 11.041  2.127   5.766   1.00 29.76  ? 191 ASP A C   1 
ATOM   1346 O  O   . ASP A 1 167 ? 11.577  2.331   4.699   1.00 35.46  ? 191 ASP A O   1 
ATOM   1347 C  CB  . ASP A 1 167 ? 12.301  -0.084  5.782   1.00 37.12  ? 191 ASP A CB  1 
ATOM   1348 C  CG  . ASP A 1 167 ? 12.999  -1.171  6.599   1.00 38.84  ? 191 ASP A CG  1 
ATOM   1349 O  OD1 . ASP A 1 167 ? 13.250  -0.970  7.819   1.00 38.59  ? 191 ASP A OD1 1 
ATOM   1350 O  OD2 . ASP A 1 167 ? 13.310  -2.214  6.000   1.00 45.03  ? 191 ASP A OD2 1 
ATOM   1351 N  N   . ILE A 1 168 ? 10.081  2.896   6.235   1.00 31.33  ? 192 ILE A N   1 
ATOM   1352 C  CA  . ILE A 1 168 ? 9.566   4.036   5.432   1.00 36.93  ? 192 ILE A CA  1 
ATOM   1353 C  C   . ILE A 1 168 ? 10.523  5.211   5.593   1.00 41.73  ? 192 ILE A C   1 
ATOM   1354 O  O   . ILE A 1 168 ? 10.972  5.468   6.723   1.00 39.68  ? 192 ILE A O   1 
ATOM   1355 C  CB  . ILE A 1 168 ? 8.123   4.384   5.807   1.00 37.28  ? 192 ILE A CB  1 
ATOM   1356 C  CG1 . ILE A 1 168 ? 7.207   3.217   5.444   1.00 39.46  ? 192 ILE A CG1 1 
ATOM   1357 C  CG2 . ILE A 1 168 ? 7.718   5.680   5.125   1.00 41.87  ? 192 ILE A CG2 1 
ATOM   1358 C  CD1 . ILE A 1 168 ? 5.786   3.414   5.865   1.00 41.11  ? 192 ILE A CD1 1 
ATOM   1359 N  N   . LYS A 1 169 ? 10.846  5.849   4.467   1.00 45.61  ? 193 LYS A N   1 
ATOM   1360 C  CA  . LYS A 1 169 ? 11.733  7.036   4.368   1.00 48.84  ? 193 LYS A CA  1 
ATOM   1361 C  C   . LYS A 1 169 ? 10.991  8.115   3.574   1.00 43.39  ? 193 LYS A C   1 
ATOM   1362 O  O   . LYS A 1 169 ? 10.597  7.854   2.413   1.00 41.47  ? 193 LYS A O   1 
ATOM   1363 C  CB  . LYS A 1 169 ? 13.064  6.619   3.734   1.00 56.98  ? 193 LYS A CB  1 
ATOM   1364 C  CG  . LYS A 1 169 ? 13.986  5.891   4.689   1.00 67.55  ? 193 LYS A CG  1 
ATOM   1365 C  CD  . LYS A 1 169 ? 15.189  5.244   4.040   1.00 82.82  ? 193 LYS A CD  1 
ATOM   1366 C  CE  . LYS A 1 169 ? 16.340  5.062   5.011   1.00 86.30  ? 193 LYS A CE  1 
ATOM   1367 N  NZ  . LYS A 1 169 ? 15.882  4.519   6.313   1.00 83.84  ? 193 LYS A NZ  1 
ATOM   1368 N  N   . LEU A 1 170 ? 10.759  9.267   4.194   1.00 44.41  ? 194 LEU A N   1 
ATOM   1369 C  CA  . LEU A 1 170 ? 10.094  10.425  3.540   1.00 53.22  ? 194 LEU A CA  1 
ATOM   1370 C  C   . LEU A 1 170 ? 10.878  10.766  2.266   1.00 50.22  ? 194 LEU A C   1 
ATOM   1371 O  O   . LEU A 1 170 ? 12.102  10.599  2.245   1.00 49.31  ? 194 LEU A O   1 
ATOM   1372 C  CB  . LEU A 1 170 ? 10.023  11.595  4.530   1.00 59.64  ? 194 LEU A CB  1 
ATOM   1373 C  CG  . LEU A 1 170 ? 9.263   12.839  4.056   1.00 75.17  ? 194 LEU A CG  1 
ATOM   1374 C  CD1 . LEU A 1 170 ? 7.817   12.513  3.690   1.00 75.69  ? 194 LEU A CD1 1 
ATOM   1375 C  CD2 . LEU A 1 170 ? 9.313   13.949  5.112   1.00 79.42  ? 194 LEU A CD2 1 
ATOM   1376 N  N   . GLY A 1 171 ? 10.182  11.142  1.201   1.00 53.61  ? 195 GLY A N   1 
ATOM   1377 C  CA  . GLY A 1 171 ? 10.841  11.625  -0.022  1.00 52.60  ? 195 GLY A CA  1 
ATOM   1378 C  C   . GLY A 1 171 ? 11.111  10.524  -1.020  1.00 49.54  ? 195 GLY A C   1 
ATOM   1379 O  O   . GLY A 1 171 ? 11.098  9.336   -0.662  1.00 49.93  ? 195 GLY A O   1 
ATOM   1380 N  N   . ILE A 1 172 ? 11.313  10.930  -2.261  1.00 48.93  ? 196 ILE A N   1 
ATOM   1381 C  CA  . ILE A 1 172 ? 11.658  10.024  -3.380  1.00 51.29  ? 196 ILE A CA  1 
ATOM   1382 C  C   . ILE A 1 172 ? 13.061  10.366  -3.862  1.00 54.98  ? 196 ILE A C   1 
ATOM   1383 O  O   . ILE A 1 172 ? 13.221  11.326  -4.635  1.00 62.58  ? 196 ILE A O   1 
ATOM   1384 C  CB  . ILE A 1 172 ? 10.611  10.151  -4.480  1.00 48.52  ? 196 ILE A CB  1 
ATOM   1385 C  CG1 . ILE A 1 172 ? 9.243   9.749   -3.937  1.00 50.17  ? 196 ILE A CG1 1 
ATOM   1386 C  CG2 . ILE A 1 172 ? 11.025  9.316   -5.673  1.00 54.48  ? 196 ILE A CG2 1 
ATOM   1387 C  CD1 . ILE A 1 172 ? 8.135   10.037  -4.874  1.00 54.50  ? 196 ILE A CD1 1 
ATOM   1388 N  N   . SER A 1 173 ? 14.033  9.596   -3.407  1.00 51.12  ? 197 SER A N   1 
ATOM   1389 C  CA  . SER A 1 173 ? 15.460  9.838   -3.698  1.00 60.99  ? 197 SER A CA  1 
ATOM   1390 C  C   . SER A 1 173 ? 15.787  9.262   -5.078  1.00 64.31  ? 197 SER A C   1 
ATOM   1391 O  O   . SER A 1 173 ? 16.879  9.558   -5.580  1.00 71.80  ? 197 SER A O   1 
ATOM   1392 C  CB  . SER A 1 173 ? 16.338  9.285   -2.594  1.00 65.29  ? 197 SER A CB  1 
ATOM   1393 O  OG  . SER A 1 173 ? 16.206  7.875   -2.483  1.00 64.42  ? 197 SER A OG  1 
ATOM   1394 N  N   . ASP A 1 174 ? 14.866  8.514   -5.690  1.00 61.69  ? 198 ASP A N   1 
ATOM   1395 C  CA  . ASP A 1 174 ? 15.104  7.851   -6.999  1.00 57.53  ? 198 ASP A CA  1 
ATOM   1396 C  C   . ASP A 1 174 ? 13.843  7.917   -7.857  1.00 56.03  ? 198 ASP A C   1 
ATOM   1397 O  O   . ASP A 1 174 ? 13.146  6.927   -7.982  1.00 59.71  ? 198 ASP A O   1 
ATOM   1398 C  CB  . ASP A 1 174 ? 15.569  6.413   -6.763  1.00 63.51  ? 198 ASP A CB  1 
ATOM   1399 C  CG  . ASP A 1 174 ? 16.037  5.681   -8.009  1.00 78.12  ? 198 ASP A CG  1 
ATOM   1400 O  OD1 . ASP A 1 174 ? 16.175  6.342   -9.088  1.00 73.63  ? 198 ASP A OD1 1 
ATOM   1401 O  OD2 . ASP A 1 174 ? 16.260  4.447   -7.894  1.00 84.28  ? 198 ASP A OD2 1 
ATOM   1402 N  N   . PRO A 1 175 ? 13.519  9.067   -8.494  1.00 57.90  ? 199 PRO A N   1 
ATOM   1403 C  CA  . PRO A 1 175 ? 12.342  9.169   -9.356  1.00 59.41  ? 199 PRO A CA  1 
ATOM   1404 C  C   . PRO A 1 175 ? 12.410  8.338   -10.644 1.00 58.40  ? 199 PRO A C   1 
ATOM   1405 O  O   . PRO A 1 175 ? 11.370  8.196   -11.316 1.00 56.24  ? 199 PRO A O   1 
ATOM   1406 C  CB  . PRO A 1 175 ? 12.238  10.661  -9.735  1.00 60.26  ? 199 PRO A CB  1 
ATOM   1407 C  CG  . PRO A 1 175 ? 13.587  11.264  -9.386  1.00 58.16  ? 199 PRO A CG  1 
ATOM   1408 C  CD  . PRO A 1 175 ? 14.243  10.342  -8.379  1.00 58.16  ? 199 PRO A CD  1 
ATOM   1409 N  N   . SER A 1 176 ? 13.587  7.795   -10.965 1.00 56.74  ? 200 SER A N   1 
ATOM   1410 C  CA  . SER A 1 176 ? 13.829  7.063   -12.242 1.00 63.71  ? 200 SER A CA  1 
ATOM   1411 C  C   . SER A 1 176 ? 12.894  5.849   -12.353 1.00 58.19  ? 200 SER A C   1 
ATOM   1412 O  O   . SER A 1 176 ? 12.621  5.426   -13.502 1.00 52.66  ? 200 SER A O   1 
ATOM   1413 C  CB  . SER A 1 176 ? 15.279  6.658   -12.409 1.00 58.89  ? 200 SER A CB  1 
ATOM   1414 O  OG  . SER A 1 176 ? 15.608  5.529   -11.611 1.00 61.52  ? 200 SER A OG  1 
ATOM   1415 N  N   . VAL A 1 177 ? 12.436  5.315   -11.211 1.00 56.28  ? 201 VAL A N   1 
ATOM   1416 C  CA  . VAL A 1 177 ? 11.624  4.060   -11.111 1.00 52.00  ? 201 VAL A CA  1 
ATOM   1417 C  C   . VAL A 1 177 ? 10.249  4.234   -11.780 1.00 45.33  ? 201 VAL A C   1 
ATOM   1418 O  O   . VAL A 1 177 ? 9.697   3.212   -12.178 1.00 50.76  ? 201 VAL A O   1 
ATOM   1419 C  CB  . VAL A 1 177 ? 11.480  3.582   -9.652  1.00 51.31  ? 201 VAL A CB  1 
ATOM   1420 C  CG1 . VAL A 1 177 ? 12.852  3.282   -9.031  1.00 52.84  ? 201 VAL A CG1 1 
ATOM   1421 C  CG2 . VAL A 1 177 ? 10.678  4.568   -8.801  1.00 43.42  ? 201 VAL A CG2 1 
ATOM   1422 N  N   . PHE A 1 178 ? 9.721   5.453   -11.894 1.00 45.70  ? 202 PHE A N   1 
ATOM   1423 C  CA  . PHE A 1 178 ? 8.401   5.758   -12.512 1.00 47.12  ? 202 PHE A CA  1 
ATOM   1424 C  C   . PHE A 1 178 ? 8.492   5.853   -14.038 1.00 51.33  ? 202 PHE A C   1 
ATOM   1425 O  O   . PHE A 1 178 ? 7.435   6.022   -14.693 1.00 52.99  ? 202 PHE A O   1 
ATOM   1426 C  CB  . PHE A 1 178 ? 7.847   7.051   -11.935 1.00 43.93  ? 202 PHE A CB  1 
ATOM   1427 C  CG  . PHE A 1 178 ? 7.453   6.910   -10.486 1.00 49.42  ? 202 PHE A CG  1 
ATOM   1428 C  CD1 . PHE A 1 178 ? 6.453   6.026   -10.105 1.00 47.44  ? 202 PHE A CD1 1 
ATOM   1429 C  CD2 . PHE A 1 178 ? 8.067   7.660   -9.499  1.00 49.12  ? 202 PHE A CD2 1 
ATOM   1430 C  CE1 . PHE A 1 178 ? 6.080   5.901   -8.779  1.00 42.33  ? 202 PHE A CE1 1 
ATOM   1431 C  CE2 . PHE A 1 178 ? 7.670   7.552   -8.174  1.00 48.65  ? 202 PHE A CE2 1 
ATOM   1432 C  CZ  . PHE A 1 178 ? 6.684   6.664   -7.818  1.00 43.96  ? 202 PHE A CZ  1 
ATOM   1433 N  N   . ASN A 1 179 ? 9.708   5.794   -14.561 1.00 53.84  ? 203 ASN A N   1 
ATOM   1434 C  CA  . ASN A 1 179 ? 9.909   5.688   -16.023 1.00 61.47  ? 203 ASN A CA  1 
ATOM   1435 C  C   . ASN A 1 179 ? 9.796   4.225   -16.415 1.00 56.71  ? 203 ASN A C   1 
ATOM   1436 O  O   . ASN A 1 179 ? 10.606  3.432   -15.964 1.00 56.98  ? 203 ASN A O   1 
ATOM   1437 C  CB  . ASN A 1 179 ? 11.251  6.263   -16.465 1.00 67.64  ? 203 ASN A CB  1 
ATOM   1438 C  CG  . ASN A 1 179 ? 11.351  7.740   -16.179 1.00 72.70  ? 203 ASN A CG  1 
ATOM   1439 O  OD1 . ASN A 1 179 ? 12.442  8.267   -16.007 1.00 85.17  ? 203 ASN A OD1 1 
ATOM   1440 N  ND2 . ASN A 1 179 ? 10.217  8.413   -16.115 1.00 74.07  ? 203 ASN A ND2 1 
ATOM   1441 N  N   . PRO A 1 180 ? 8.812   3.853   -17.248 1.00 58.43  ? 204 PRO A N   1 
ATOM   1442 C  CA  . PRO A 1 180 ? 8.674   2.488   -17.674 1.00 61.18  ? 204 PRO A CA  1 
ATOM   1443 C  C   . PRO A 1 180 ? 9.853   2.122   -18.572 1.00 68.12  ? 204 PRO A C   1 
ATOM   1444 O  O   . PRO A 1 180 ? 10.346  2.937   -19.307 1.00 69.63  ? 204 PRO A O   1 
ATOM   1445 C  CB  . PRO A 1 180 ? 7.379   2.482   -18.481 1.00 63.42  ? 204 PRO A CB  1 
ATOM   1446 C  CG  . PRO A 1 180 ? 7.204   3.905   -18.911 1.00 62.16  ? 204 PRO A CG  1 
ATOM   1447 C  CD  . PRO A 1 180 ? 7.787   4.724   -17.790 1.00 60.15  ? 204 PRO A CD  1 
ATOM   1448 N  N   . PRO A 1 181 ? 10.258  0.847   -18.583 1.00 71.87  ? 205 PRO A N   1 
ATOM   1449 C  CA  . PRO A 1 181 ? 11.450  0.427   -19.279 1.00 80.89  ? 205 PRO A CA  1 
ATOM   1450 C  C   . PRO A 1 181 ? 11.314  0.506   -20.801 1.00 80.94  ? 205 PRO A C   1 
ATOM   1451 O  O   . PRO A 1 181 ? 10.234  0.567   -21.333 1.00 74.91  ? 205 PRO A O   1 
ATOM   1452 C  CB  . PRO A 1 181 ? 11.545  -1.064  -18.955 1.00 84.30  ? 205 PRO A CB  1 
ATOM   1453 C  CG  . PRO A 1 181 ? 10.765  -1.206  -17.692 1.00 80.18  ? 205 PRO A CG  1 
ATOM   1454 C  CD  . PRO A 1 181 ? 9.627   -0.236  -17.864 1.00 72.07  ? 205 PRO A CD  1 
ATOM   1455 N  N   . SER A 1 182 ? 12.442  0.331   -21.484 1.00 84.92  ? 206 SER A N   1 
ATOM   1456 C  CA  . SER A 1 182 ? 12.513  0.420   -22.962 1.00 86.78  ? 206 SER A CA  1 
ATOM   1457 C  C   . SER A 1 182 ? 11.538  -0.588  -23.563 1.00 82.28  ? 206 SER A C   1 
ATOM   1458 O  O   . SER A 1 182 ? 10.723  -0.163  -24.320 1.00 77.84  ? 206 SER A O   1 
ATOM   1459 C  CB  . SER A 1 182 ? 13.904  0.130   -23.418 1.00 92.81  ? 206 SER A CB  1 
ATOM   1460 O  OG  . SER A 1 182 ? 14.361  -1.069  -22.817 1.00 86.23  ? 206 SER A OG  1 
ATOM   1461 N  N   . THR A 1 183 ? 11.409  -1.790  -23.006 1.00 77.75  ? 207 THR A N   1 
ATOM   1462 C  CA  . THR A 1 183 ? 10.476  -2.829  -23.509 1.00 78.38  ? 207 THR A CA  1 
ATOM   1463 C  C   . THR A 1 183 ? 8.984   -2.452  -23.458 1.00 72.36  ? 207 THR A C   1 
ATOM   1464 O  O   . THR A 1 183 ? 8.235   -3.282  -23.917 1.00 68.06  ? 207 THR A O   1 
ATOM   1465 C  CB  . THR A 1 183 ? 10.761  -4.176  -22.841 1.00 82.29  ? 207 THR A CB  1 
ATOM   1466 O  OG1 . THR A 1 183 ? 9.555   -4.935  -22.852 1.00 89.26  ? 207 THR A OG1 1 
ATOM   1467 C  CG2 . THR A 1 183 ? 11.265  -4.039  -21.425 1.00 82.27  ? 207 THR A CG2 1 
ATOM   1468 N  N   . CYS A 1 184 ? 8.538   -1.375  -22.815 1.00 68.06  ? 208 CYS A N   1 
ATOM   1469 C  CA  . CYS A 1 184 ? 7.087   -1.067  -22.784 1.00 77.85  ? 208 CYS A CA  1 
ATOM   1470 C  C   . CYS A 1 184 ? 6.623   -0.193  -23.967 1.00 84.40  ? 208 CYS A C   1 
ATOM   1471 O  O   . CYS A 1 184 ? 5.791   0.682   -23.731 1.00 77.17  ? 208 CYS A O   1 
ATOM   1472 C  CB  . CYS A 1 184 ? 6.705   -0.433  -21.448 1.00 81.18  ? 208 CYS A CB  1 
ATOM   1473 S  SG  . CYS A 1 184 ? 7.051   -1.460  -19.991 1.00 88.76  ? 208 CYS A SG  1 
ATOM   1474 N  N   . GLU A 1 185 ? 7.076   -0.445  -25.203 1.00 98.55  ? 209 GLU A N   1 
ATOM   1475 C  CA  . GLU A 1 185 ? 6.254   -0.153  -26.412 1.00 99.73  ? 209 GLU A CA  1 
ATOM   1476 C  C   . GLU A 1 185 ? 5.446   -1.424  -26.687 1.00 97.89  ? 209 GLU A C   1 
ATOM   1477 O  O   . GLU A 1 185 ? 5.913   -2.257  -27.476 1.00 97.17  ? 209 GLU A O   1 
ATOM   1478 C  CB  . GLU A 1 185 ? 7.126   0.265   -27.593 1.00 111.24 ? 209 GLU A CB  1 
ATOM   1479 C  CG  . GLU A 1 185 ? 7.745   1.643   -27.427 1.00 122.76 ? 209 GLU A CG  1 
ATOM   1480 C  CD  . GLU A 1 185 ? 9.078   1.692   -26.694 1.00 128.08 ? 209 GLU A CD  1 
ATOM   1481 O  OE1 . GLU A 1 185 ? 9.962   0.871   -27.011 1.00 130.49 ? 209 GLU A OE1 1 
ATOM   1482 O  OE2 . GLU A 1 185 ? 9.239   2.564   -25.816 1.00 130.58 ? 209 GLU A OE2 1 
ATOM   1483 N  N   . ALA A 1 186 ? 4.309   -1.576  -26.001 1.00 88.77  ? 210 ALA A N   1 
ATOM   1484 C  CA  . ALA A 1 186 ? 3.782   -2.884  -25.561 1.00 80.12  ? 210 ALA A CA  1 
ATOM   1485 C  C   . ALA A 1 186 ? 2.265   -2.862  -25.361 1.00 74.68  ? 210 ALA A C   1 
ATOM   1486 O  O   . ALA A 1 186 ? 1.653   -1.774  -25.352 1.00 70.60  ? 210 ALA A O   1 
ATOM   1487 C  CB  . ALA A 1 186 ? 4.461   -3.285  -24.275 1.00 85.51  ? 210 ALA A CB  1 
ATOM   1488 N  N   . ALA A 1 187 ? 1.724   -4.057  -25.124 1.00 63.81  ? 211 ALA A N   1 
ATOM   1489 C  CA  . ALA A 1 187 ? 0.299   -4.427  -25.236 1.00 66.47  ? 211 ALA A CA  1 
ATOM   1490 C  C   . ALA A 1 187 ? -0.200  -4.875  -23.860 1.00 68.62  ? 211 ALA A C   1 
ATOM   1491 O  O   . ALA A 1 187 ? 0.626   -4.972  -22.961 1.00 65.85  ? 211 ALA A O   1 
ATOM   1492 C  CB  . ALA A 1 187 ? 0.182   -5.528  -26.264 1.00 69.54  ? 211 ALA A CB  1 
ATOM   1493 N  N   . GLN A 1 188 ? -1.483  -5.212  -23.715 1.00 70.56  ? 212 GLN A N   1 
ATOM   1494 C  CA  . GLN A 1 188 ? -2.098  -5.578  -22.407 1.00 70.30  ? 212 GLN A CA  1 
ATOM   1495 C  C   . GLN A 1 188 ? -2.252  -7.097  -22.293 1.00 61.03  ? 212 GLN A C   1 
ATOM   1496 O  O   . GLN A 1 188 ? -3.334  -7.629  -22.506 1.00 67.21  ? 212 GLN A O   1 
ATOM   1497 C  CB  . GLN A 1 188 ? -3.443  -4.876  -22.164 1.00 71.59  ? 212 GLN A CB  1 
ATOM   1498 C  CG  . GLN A 1 188 ? -3.945  -4.003  -23.305 1.00 71.18  ? 212 GLN A CG  1 
ATOM   1499 C  CD  . GLN A 1 188 ? -3.717  -4.628  -24.656 1.00 73.74  ? 212 GLN A CD  1 
ATOM   1500 O  OE1 . GLN A 1 188 ? -2.743  -4.300  -25.336 1.00 78.42  ? 212 GLN A OE1 1 
ATOM   1501 N  NE2 . GLN A 1 188 ? -4.572  -5.574  -25.022 1.00 72.60  ? 212 GLN A NE2 1 
ATOM   1502 N  N   . PRO A 1 189 ? -1.173  -7.859  -21.996 1.00 63.18  ? 213 PRO A N   1 
ATOM   1503 C  CA  . PRO A 1 189 ? -1.303  -9.150  -21.315 1.00 61.23  ? 213 PRO A CA  1 
ATOM   1504 C  C   . PRO A 1 189 ? -1.865  -9.144  -19.882 1.00 57.79  ? 213 PRO A C   1 
ATOM   1505 O  O   . PRO A 1 189 ? -1.671  -8.199  -19.155 1.00 57.74  ? 213 PRO A O   1 
ATOM   1506 C  CB  . PRO A 1 189 ? 0.151   -9.659  -21.281 1.00 60.17  ? 213 PRO A CB  1 
ATOM   1507 C  CG  . PRO A 1 189 ? 0.781   -9.063  -22.511 1.00 61.16  ? 213 PRO A CG  1 
ATOM   1508 C  CD  . PRO A 1 189 ? 0.193   -7.667  -22.521 1.00 66.88  ? 213 PRO A CD  1 
ATOM   1509 N  N   . LEU A 1 190 ? -2.587  -10.209 -19.533 1.00 62.59  ? 214 LEU A N   1 
ATOM   1510 C  CA  . LEU A 1 190 ? -2.727  -10.724 -18.146 1.00 62.80  ? 214 LEU A CA  1 
ATOM   1511 C  C   . LEU A 1 190 ? -1.480  -11.558 -17.837 1.00 60.81  ? 214 LEU A C   1 
ATOM   1512 O  O   . LEU A 1 190 ? -1.457  -12.737 -18.232 1.00 72.51  ? 214 LEU A O   1 
ATOM   1513 C  CB  . LEU A 1 190 ? -3.966  -11.625 -18.033 1.00 66.06  ? 214 LEU A CB  1 
ATOM   1514 C  CG  . LEU A 1 190 ? -5.332  -11.053 -18.404 1.00 74.98  ? 214 LEU A CG  1 
ATOM   1515 C  CD1 . LEU A 1 190 ? -6.406  -12.057 -18.007 1.00 75.90  ? 214 LEU A CD1 1 
ATOM   1516 C  CD2 . LEU A 1 190 ? -5.605  -9.705  -17.742 1.00 80.14  ? 214 LEU A CD2 1 
ATOM   1517 N  N   . LEU A 1 191 ? -0.461  -10.996 -17.192 1.00 65.72  ? 215 LEU A N   1 
ATOM   1518 C  CA  . LEU A 1 191 ? 0.574   -11.823 -16.510 1.00 58.95  ? 215 LEU A CA  1 
ATOM   1519 C  C   . LEU A 1 191 ? 0.091   -11.937 -15.040 1.00 61.24  ? 215 LEU A C   1 
ATOM   1520 O  O   . LEU A 1 191 ? -0.481  -10.947 -14.511 1.00 55.87  ? 215 LEU A O   1 
ATOM   1521 C  CB  . LEU A 1 191 ? 2.003   -11.244 -16.656 1.00 55.65  ? 215 LEU A CB  1 
ATOM   1522 C  CG  . LEU A 1 191 ? 2.364   -10.209 -17.747 1.00 56.23  ? 215 LEU A CG  1 
ATOM   1523 C  CD1 . LEU A 1 191 ? 3.035   -8.976  -17.127 1.00 61.73  ? 215 LEU A CD1 1 
ATOM   1524 C  CD2 . LEU A 1 191 ? 3.343   -10.717 -18.789 1.00 50.57  ? 215 LEU A CD2 1 
ATOM   1525 N  N   . MET A 1 192 ? 0.198   -13.107 -14.404 1.00 70.76  ? 216 MET A N   1 
ATOM   1526 C  CA  . MET A 1 192 ? -0.456  -13.366 -13.084 1.00 75.18  ? 216 MET A CA  1 
ATOM   1527 C  C   . MET A 1 192 ? 0.386   -14.348 -12.260 1.00 65.37  ? 216 MET A C   1 
ATOM   1528 O  O   . MET A 1 192 ? 1.491   -14.701 -12.683 1.00 65.41  ? 216 MET A O   1 
ATOM   1529 C  CB  . MET A 1 192 ? -1.868  -13.939 -13.276 1.00 90.78  ? 216 MET A CB  1 
ATOM   1530 C  CG  . MET A 1 192 ? -2.886  -12.961 -13.883 1.00 103.52 ? 216 MET A CG  1 
ATOM   1531 S  SD  . MET A 1 192 ? -4.328  -13.778 -14.665 1.00 126.04 ? 216 MET A SD  1 
ATOM   1532 C  CE  . MET A 1 192 ? -5.329  -14.221 -13.243 1.00 112.78 ? 216 MET A CE  1 
HETATM 1533 CA CA  . CA  B 2 .   ? -6.758  4.213   1.195   1.00 43.04  ? 301 CA  A CA  1 
HETATM 1534 IR IR  . IR  C 3 .   ? 18.097  -15.756 2.760   0.50 179.10 ? 302 IR  A IR  1 
HETATM 1535 CL CL  . CL  D 4 .   ? 17.343  -13.171 2.101   1.00 85.65  ? 303 CL  A CL  1 
HETATM 1536 CL CL  . CL  E 4 .   ? 15.924  -14.996 1.350   1.00 74.11  ? 304 CL  A CL  1 
HETATM 1537 O  O   . HOH F 5 .   ? -17.526 7.792   4.484   1.00 62.59  ? 401 HOH A O   1 
HETATM 1538 O  O   . HOH F 5 .   ? 1.231   7.702   3.487   1.00 32.69  ? 402 HOH A O   1 
HETATM 1539 O  O   . HOH F 5 .   ? -7.203  6.529   2.177   1.00 39.16  ? 403 HOH A O   1 
HETATM 1540 O  O   . HOH F 5 .   ? -2.217  -2.402  0.194   1.00 39.45  ? 404 HOH A O   1 
HETATM 1541 O  O   . HOH F 5 .   ? -19.270 -1.015  10.606  1.00 37.56  ? 405 HOH A O   1 
HETATM 1542 O  O   . HOH F 5 .   ? -5.671  4.220   3.107   1.00 32.24  ? 406 HOH A O   1 
HETATM 1543 O  O   . HOH F 5 .   ? -0.167  -3.363  13.020  1.00 40.72  ? 407 HOH A O   1 
HETATM 1544 O  O   . HOH F 5 .   ? -5.432  2.216   1.215   1.00 44.44  ? 408 HOH A O   1 
HETATM 1545 O  O   . HOH F 5 .   ? -0.276  -11.478 -1.614  1.00 38.51  ? 409 HOH A O   1 
HETATM 1546 O  O   . HOH F 5 .   ? 4.180   -2.685  10.055  1.00 29.95  ? 410 HOH A O   1 
HETATM 1547 O  O   . HOH F 5 .   ? -4.552  -4.090  2.979   1.00 51.14  ? 411 HOH A O   1 
HETATM 1548 O  O   . HOH F 5 .   ? 12.503  -9.860  3.136   1.00 49.17  ? 412 HOH A O   1 
HETATM 1549 O  O   . HOH F 5 .   ? 11.308  -6.149  0.210   1.00 42.43  ? 413 HOH A O   1 
HETATM 1550 O  O   . HOH F 5 .   ? -4.016  10.793  6.703   1.00 35.88  ? 414 HOH A O   1 
HETATM 1551 O  O   . HOH F 5 .   ? 5.688   1.674   9.637   1.00 31.30  ? 415 HOH A O   1 
HETATM 1552 O  O   . HOH F 5 .   ? -1.146  -2.822  15.583  1.00 53.55  ? 416 HOH A O   1 
HETATM 1553 O  O   . HOH F 5 .   ? -13.555 4.603   19.889  1.00 45.29  ? 417 HOH A O   1 
HETATM 1554 O  O   . HOH F 5 .   ? -17.754 6.688   6.881   1.00 46.23  ? 418 HOH A O   1 
HETATM 1555 O  O   . HOH F 5 .   ? -9.002  3.087   1.542   1.00 51.56  ? 419 HOH A O   1 
HETATM 1556 O  O   . HOH F 5 .   ? -1.655  -9.855  -3.225  1.00 59.66  ? 420 HOH A O   1 
HETATM 1557 O  O   . HOH F 5 .   ? -6.791  -11.629 6.704   0.50 50.08  ? 421 HOH A O   1 
HETATM 1558 O  O   . HOH F 5 .   ? -2.187  -0.610  -6.323  1.00 59.16  ? 422 HOH A O   1 
HETATM 1559 O  O   . HOH F 5 .   ? 0.164   -5.105  -7.139  1.00 54.33  ? 423 HOH A O   1 
# 
